data_258D
# 
_entry.id   258D 
# 
_audit_conform.dict_name       mmcif_pdbx.dic 
_audit_conform.dict_version    5.375 
_audit_conform.dict_location   http://mmcif.pdb.org/dictionaries/ascii/mmcif_pdbx.dic 
# 
loop_
_database_2.database_id 
_database_2.database_code 
_database_2.pdbx_database_accession 
_database_2.pdbx_DOI 
PDB   258D         pdb_0000258d 10.2210/pdb258d/pdb 
RCSB  DDF064       ?            ?                   
WWPDB D_1000177668 ?            ?                   
# 
_pdbx_database_status.status_code                     REL 
_pdbx_database_status.entry_id                        258D 
_pdbx_database_status.recvd_initial_deposition_date   1996-05-12 
_pdbx_database_status.deposit_site                    NDB 
_pdbx_database_status.process_site                    NDB 
_pdbx_database_status.status_code_sf                  REL 
_pdbx_database_status.status_code_mr                  ? 
_pdbx_database_status.SG_entry                        ? 
_pdbx_database_status.pdb_format_compatible           Y 
_pdbx_database_status.status_code_cs                  ? 
_pdbx_database_status.status_code_nmr_data            ? 
_pdbx_database_status.methods_development_category    ? 
# 
loop_
_audit_author.name 
_audit_author.pdbx_ordinal 
'Smith, C.K.'     1 
'Brannigan, J.A.' 2 
'Moore, M.H.'     3 
# 
loop_
_citation.id 
_citation.title 
_citation.journal_abbrev 
_citation.journal_volume 
_citation.page_first 
_citation.page_last 
_citation.year 
_citation.journal_id_ASTM 
_citation.country 
_citation.journal_id_ISSN 
_citation.journal_id_CSD 
_citation.book_publisher 
_citation.pdbx_database_id_PubMed 
_citation.pdbx_database_id_DOI 
primary 
'Factors affecting DNA sequence selectivity of nogalamycin intercalation: the crystal structure of d(TGTACA)2-nogalamycin2.' 
J.Mol.Biol.                263 237 258 1996 JMOBAK UK 0022-2836 0070 ? 8913304 10.1006/jmbi.1996.0572 
1       'DNA-Nogalamycin Interactions: The Crystal Structure of d(TGATCA) Complexed with Nogalamycin' Biochemistry               
34  415 425 1995 BICHAW US 0006-2960 0033 ? ?       ?                      
2       
;DNA-Drug Refinement: A Comparison of the Programs NUCLSQ, PROLSQ, SHELXL93 and X-PLOR, Using the Low Temperature d(TGATCA)-Nogalamycin Structure
;
'Acta Crystallogr.,Sect.D' 52  299 314 1996 ABCRE6 DK 0907-4449 0766 ? ?       ?                      
# 
loop_
_citation_author.citation_id 
_citation_author.name 
_citation_author.ordinal 
_citation_author.identifier_ORCID 
primary 'Smith, C.K.'      1  ? 
primary 'Brannigan, J.A.'  2  ? 
primary 'Moore, M.H.'      3  ? 
1       'Smith, C.K.'      4  ? 
1       'Davies, G.J.'     5  ? 
1       'Dodson, E.J.'     6  ? 
1       'Moore, M.H.'      7  ? 
2       'Schuerman, G.S.'  8  ? 
2       'Smith, C.K.'      9  ? 
2       'Turkenburg, J.P.' 10 ? 
2       'Dettmar, A.N.'    11 ? 
2       'Van Meervelt, L.' 12 ? 
2       'Moore, M.H.'      13 ? 
# 
_cell.entry_id           258D 
_cell.length_a           26.300 
_cell.length_b           51.980 
_cell.length_c           67.080 
_cell.angle_alpha        90.00 
_cell.angle_beta         90.00 
_cell.angle_gamma        90.00 
_cell.Z_PDB              16 
_cell.pdbx_unique_axis   ? 
# 
_symmetry.entry_id                         258D 
_symmetry.space_group_name_H-M             'P 21 21 21' 
_symmetry.pdbx_full_space_group_name_H-M   ? 
_symmetry.cell_setting                     ? 
_symmetry.Int_Tables_number                19 
# 
loop_
_entity.id 
_entity.type 
_entity.src_method 
_entity.pdbx_description 
_entity.formula_weight 
_entity.pdbx_number_of_molecules 
_entity.pdbx_ec 
_entity.pdbx_mutation 
_entity.pdbx_fragment 
_entity.details 
1 polymer     syn 
;DNA (5'-D(*TP*GP*TP*AP*CP*A)-3')
;
1808.229 4  ? ? ? ? 
2 non-polymer syn NOGALAMYCIN                        787.803  4  ? ? ? ? 
3 non-polymer syn SPERMINE                           202.340  1  ? ? ? ? 
4 non-polymer syn 'SODIUM ION'                       22.990   1  ? ? ? ? 
5 non-polymer syn 'ACETATE ION'                      59.044   2  ? ? ? ? 
6 water       nat water                              18.015   97 ? ? ? ? 
# 
_entity_poly.entity_id                      1 
_entity_poly.type                           polydeoxyribonucleotide 
_entity_poly.nstd_linkage                   no 
_entity_poly.nstd_monomer                   no 
_entity_poly.pdbx_seq_one_letter_code       '(DT)(DG)(DT)(DA)(DC)(DA)' 
_entity_poly.pdbx_seq_one_letter_code_can   TGTACA 
_entity_poly.pdbx_strand_id                 A,B,C,D 
_entity_poly.pdbx_target_identifier         ? 
# 
loop_
_entity_poly_seq.entity_id 
_entity_poly_seq.num 
_entity_poly_seq.mon_id 
_entity_poly_seq.hetero 
1 1 DT n 
1 2 DG n 
1 3 DT n 
1 4 DA n 
1 5 DC n 
1 6 DA n 
# 
_struct_ref.id                         1 
_struct_ref.entity_id                  1 
_struct_ref.db_name                    PDB 
_struct_ref.db_code                    258D 
_struct_ref.pdbx_db_accession          258D 
_struct_ref.pdbx_db_isoform            ? 
_struct_ref.pdbx_seq_one_letter_code   ? 
_struct_ref.pdbx_align_begin           ? 
# 
loop_
_struct_ref_seq.align_id 
_struct_ref_seq.ref_id 
_struct_ref_seq.pdbx_PDB_id_code 
_struct_ref_seq.pdbx_strand_id 
_struct_ref_seq.seq_align_beg 
_struct_ref_seq.pdbx_seq_align_beg_ins_code 
_struct_ref_seq.seq_align_end 
_struct_ref_seq.pdbx_seq_align_end_ins_code 
_struct_ref_seq.pdbx_db_accession 
_struct_ref_seq.db_align_beg 
_struct_ref_seq.pdbx_db_align_beg_ins_code 
_struct_ref_seq.db_align_end 
_struct_ref_seq.pdbx_db_align_end_ins_code 
_struct_ref_seq.pdbx_auth_seq_align_beg 
_struct_ref_seq.pdbx_auth_seq_align_end 
1 1 258D A 1 ? 6 ? 258D 1  ? 6  ? 1  6  
2 1 258D B 1 ? 6 ? 258D 7  ? 12 ? 7  12 
3 1 258D C 1 ? 6 ? 258D 13 ? 18 ? 13 18 
4 1 258D D 1 ? 6 ? 258D 19 ? 24 ? 19 24 
# 
loop_
_chem_comp.id 
_chem_comp.type 
_chem_comp.mon_nstd_flag 
_chem_comp.name 
_chem_comp.pdbx_synonyms 
_chem_comp.formula 
_chem_comp.formula_weight 
ACT non-polymer   . 'ACETATE ION'                        ? 'C2 H3 O2 -1'     59.044  
DA  'DNA linking' y "2'-DEOXYADENOSINE-5'-MONOPHOSPHATE" ? 'C10 H14 N5 O6 P' 331.222 
DC  'DNA linking' y "2'-DEOXYCYTIDINE-5'-MONOPHOSPHATE"  ? 'C9 H14 N3 O7 P'  307.197 
DG  'DNA linking' y "2'-DEOXYGUANOSINE-5'-MONOPHOSPHATE" ? 'C10 H14 N5 O7 P' 347.221 
DT  'DNA linking' y "THYMIDINE-5'-MONOPHOSPHATE"         ? 'C10 H15 N2 O8 P' 322.208 
HOH non-polymer   . WATER                                ? 'H2 O'            18.015  
NA  non-polymer   . 'SODIUM ION'                         ? 'Na 1'            22.990  
NGM non-polymer   . NOGALAMYCIN                          ? 'C39 H49 N O16'   787.803 
SPM non-polymer   . SPERMINE                             ? 'C10 H26 N4'      202.340 
# 
_exptl.entry_id          258D 
_exptl.method            'X-RAY DIFFRACTION' 
_exptl.crystals_number   ? 
# 
_exptl_crystal.id                    1 
_exptl_crystal.density_meas          ? 
_exptl_crystal.density_Matthews      3.17 
_exptl_crystal.density_percent_sol   61.19 
_exptl_crystal.description           ? 
# 
_exptl_crystal_grow.crystal_id      1 
_exptl_crystal_grow.method          'VAPOR DIFFUSION, SITTING DROP' 
_exptl_crystal_grow.temp            277.00 
_exptl_crystal_grow.temp_details    ? 
_exptl_crystal_grow.pH              6.50 
_exptl_crystal_grow.pdbx_details    'pH 6.50, VAPOR DIFFUSION, SITTING DROP, temperature 277.00K' 
_exptl_crystal_grow.pdbx_pH_range   ? 
# 
loop_
_exptl_crystal_grow_comp.crystal_id 
_exptl_crystal_grow_comp.id 
_exptl_crystal_grow_comp.sol_id 
_exptl_crystal_grow_comp.name 
_exptl_crystal_grow_comp.volume 
_exptl_crystal_grow_comp.conc 
_exptl_crystal_grow_comp.details 
1 1 1 WATER           ? ? ? 
1 2 1 MPD             ? ? ? 
1 3 1 SPERMINE        ? ? ? 
1 4 1 'NA CACODYLATE' ? ? ? 
1 5 1 'MG ACETATE'    ? ? ? 
1 6 2 WATER           ? ? ? 
1 7 2 MPD             ? ? ? 
# 
_diffrn.id                     1 
_diffrn.ambient_temp           277.00 
_diffrn.ambient_temp_details   ? 
_diffrn.crystal_id             1 
# 
_diffrn_detector.diffrn_id              1 
_diffrn_detector.detector               'IMAGE PLATE' 
_diffrn_detector.type                   HENDRIX-LENTFER 
_diffrn_detector.pdbx_collection_date   1994-07-01 
_diffrn_detector.details                ? 
# 
_diffrn_radiation.diffrn_id                        1 
_diffrn_radiation.wavelength_id                    1 
_diffrn_radiation.pdbx_monochromatic_or_laue_m_l   M 
_diffrn_radiation.monochromator                    ? 
_diffrn_radiation.pdbx_diffrn_protocol             ? 
_diffrn_radiation.pdbx_scattering_type             x-ray 
# 
_diffrn_radiation_wavelength.id           1 
_diffrn_radiation_wavelength.wavelength   . 
_diffrn_radiation_wavelength.wt           1.0 
# 
_diffrn_source.diffrn_id                   1 
_diffrn_source.source                      SYNCHROTRON 
_diffrn_source.type                        'EMBL/DESY, HAMBURG BEAMLINE X31' 
_diffrn_source.pdbx_synchrotron_site       'EMBL/DESY, HAMBURG' 
_diffrn_source.pdbx_synchrotron_beamline   X31 
_diffrn_source.pdbx_wavelength             ? 
_diffrn_source.pdbx_wavelength_list        ? 
# 
_reflns.entry_id                     258D 
_reflns.observed_criterion_sigma_I   1.000 
_reflns.observed_criterion_sigma_F   ? 
_reflns.d_resolution_low             10.690 
_reflns.d_resolution_high            1.580 
_reflns.number_obs                   13148 
_reflns.number_all                   ? 
_reflns.percent_possible_obs         94.000 
_reflns.pdbx_Rmerge_I_obs            0.0460000 
_reflns.pdbx_Rsym_value              ? 
_reflns.pdbx_netI_over_sigmaI        ? 
_reflns.B_iso_Wilson_estimate        ? 
_reflns.pdbx_redundancy              6.300 
_reflns.pdbx_diffrn_id               1 
_reflns.pdbx_ordinal                 1 
# 
_reflns_shell.d_res_high             1.580 
_reflns_shell.d_res_low              1.660 
_reflns_shell.percent_possible_all   69.50 
_reflns_shell.Rmerge_I_obs           0.1960000 
_reflns_shell.pdbx_Rsym_value        ? 
_reflns_shell.meanI_over_sigI_obs    ? 
_reflns_shell.pdbx_redundancy        3.600 
_reflns_shell.pdbx_diffrn_id         ? 
_reflns_shell.pdbx_ordinal           1 
# 
_refine.entry_id                                 258D 
_refine.ls_number_reflns_obs                     12358 
_refine.ls_number_reflns_all                     12358 
_refine.pdbx_ls_sigma_I                          ? 
_refine.pdbx_ls_sigma_F                          0.000 
_refine.pdbx_data_cutoff_high_absF               ? 
_refine.pdbx_data_cutoff_low_absF                ? 
_refine.pdbx_data_cutoff_high_rms_absF           ? 
_refine.ls_d_res_low                             10.690 
_refine.ls_d_res_high                            1.580 
_refine.ls_percent_reflns_obs                    94.000 
_refine.ls_R_factor_obs                          0.1880000 
_refine.ls_R_factor_all                          0.1920000 
_refine.ls_R_factor_R_work                       0.1880000 
_refine.ls_R_factor_R_free                       0.2370000 
_refine.ls_R_factor_R_free_error                 ? 
_refine.ls_R_factor_R_free_error_details         ? 
_refine.ls_percent_reflns_R_free                 10.000 
_refine.ls_number_reflns_R_free                  1235 
_refine.ls_number_parameters                     3310 
_refine.ls_number_restraints                     12049 
_refine.occupancy_min                            ? 
_refine.occupancy_max                            ? 
_refine.B_iso_mean                               21.78 
_refine.aniso_B[1][1]                            ? 
_refine.aniso_B[2][2]                            ? 
_refine.aniso_B[3][3]                            ? 
_refine.aniso_B[1][2]                            ? 
_refine.aniso_B[1][3]                            ? 
_refine.aniso_B[2][3]                            ? 
_refine.solvent_model_details                    
;BABINET'S PRINCIPLE
;
_refine.solvent_model_param_ksol                 ? 
_refine.solvent_model_param_bsol                 ? 
_refine.pdbx_ls_cross_valid_method               'FREE R-VALUE' 
_refine.details                                  'ESTIMATED COORDINATE ERROR (A) : 0.12A' 
_refine.pdbx_starting_model                      'NDB ENTRY DDF049 (PDB: 182D)' 
_refine.pdbx_method_to_determine_struct          'MOLECULAR REPLACEMENT' 
_refine.pdbx_isotropic_thermal_model             ? 
_refine.pdbx_stereochemistry_target_values       'TAYLOR AND KENNARD' 
_refine.pdbx_stereochem_target_val_spec_case     ? 
_refine.pdbx_R_Free_selection_details            ? 
_refine.pdbx_overall_ESU_R                       ? 
_refine.pdbx_overall_ESU_R_Free                  ? 
_refine.overall_SU_ML                            ? 
_refine.overall_SU_B                             ? 
_refine.pdbx_refine_id                           'X-RAY DIFFRACTION' 
_refine.pdbx_diffrn_id                           1 
_refine.pdbx_TLS_residual_ADP_flag               ? 
_refine.correlation_coeff_Fo_to_Fc               ? 
_refine.correlation_coeff_Fo_to_Fc_free          ? 
_refine.pdbx_solvent_vdw_probe_radii             ? 
_refine.pdbx_solvent_ion_probe_radii             ? 
_refine.pdbx_solvent_shrinkage_radii             ? 
_refine.pdbx_overall_phase_error                 ? 
_refine.overall_SU_R_Cruickshank_DPI             ? 
_refine.pdbx_overall_SU_R_free_Cruickshank_DPI   ? 
_refine.pdbx_overall_SU_R_Blow_DPI               ? 
_refine.pdbx_overall_SU_R_free_Blow_DPI          ? 
# 
_refine_hist.pdbx_refine_id                   'X-RAY DIFFRACTION' 
_refine_hist.cycle_id                         LAST 
_refine_hist.pdbx_number_atoms_protein        0 
_refine_hist.pdbx_number_atoms_nucleic_acid   480 
_refine_hist.pdbx_number_atoms_ligand         247 
_refine_hist.number_atoms_solvent             97 
_refine_hist.number_atoms_total               824 
_refine_hist.d_res_high                       1.580 
_refine_hist.d_res_low                        10.690 
# 
loop_
_refine_ls_restr.type 
_refine_ls_restr.dev_ideal 
_refine_ls_restr.dev_ideal_target 
_refine_ls_restr.weight 
_refine_ls_restr.number 
_refine_ls_restr.pdbx_refine_id 
_refine_ls_restr.pdbx_restraint_function 
s_bond_d               0.015 ? ? ? 'X-RAY DIFFRACTION' ? 
s_angle_d              ?     ? ? ? 'X-RAY DIFFRACTION' ? 
s_similar_dist         0.023 ? ? ? 'X-RAY DIFFRACTION' ? 
s_from_restr_planes    0.089 ? ? ? 'X-RAY DIFFRACTION' ? 
s_zero_chiral_vol      ?     ? ? ? 'X-RAY DIFFRACTION' ? 
s_non_zero_chiral_vol  0.091 ? ? ? 'X-RAY DIFFRACTION' ? 
s_anti_bump_dis_restr  ?     ? ? ? 'X-RAY DIFFRACTION' ? 
s_rigid_bond_adp_cmpnt 0.004 ? ? ? 'X-RAY DIFFRACTION' ? 
s_similar_adp_cmpnt    0.022 ? ? ? 'X-RAY DIFFRACTION' ? 
s_approx_iso_adps      0.057 ? ? ? 'X-RAY DIFFRACTION' ? 
# 
_pdbx_refine.entry_id                                    258D 
_pdbx_refine.R_factor_all_no_cutoff                      0.1920000 
_pdbx_refine.R_factor_obs_no_cutoff                      0.1880000 
_pdbx_refine.free_R_factor_no_cutoff                     0.2370000 
_pdbx_refine.free_R_val_test_set_size_perc_no_cutoff     10.000 
_pdbx_refine.free_R_val_test_set_ct_no_cutoff            1235.0 
_pdbx_refine.R_factor_all_4sig_cutoff                    0.1800000 
_pdbx_refine.R_factor_obs_4sig_cutoff                    0.1760000 
_pdbx_refine.free_R_factor_4sig_cutoff                   0.2390000 
_pdbx_refine.free_R_val_test_set_size_perc_4sig_cutoff   10.00 
_pdbx_refine.free_R_val_test_set_ct_4sig_cutoff          1235.0 
_pdbx_refine.number_reflns_obs_4sig_cutoff               12358 
_pdbx_refine.pdbx_refine_id                              'X-RAY DIFFRACTION' 
_pdbx_refine.free_R_error_no_cutoff                      ? 
# 
_struct.entry_id                  258D 
_struct.title                     
'FACTORS AFFECTING SEQUENCE SELECTIVITY ON NOGALAMYCIN INTERCALATION: THE CRYSTAL STRUCTURE OF D(TGTACA)-NOGALAMYCIN' 
_struct.pdbx_model_details        ? 
_struct.pdbx_CASP_flag            ? 
_struct.pdbx_model_type_details   ? 
# 
_struct_keywords.entry_id        258D 
_struct_keywords.pdbx_keywords   DNA 
_struct_keywords.text            'B-DNA, DOUBLE HELIX, COMPLEXED WITH DRUG, DNA' 
# 
loop_
_struct_asym.id 
_struct_asym.pdbx_blank_PDB_chainid_flag 
_struct_asym.pdbx_modified 
_struct_asym.entity_id 
_struct_asym.details 
A N N 1 ? 
B N N 1 ? 
C N N 1 ? 
D N N 1 ? 
E N N 2 ? 
F N N 3 ? 
G N N 2 ? 
H N N 4 ? 
I N N 5 ? 
J N N 5 ? 
K N N 2 ? 
L N N 2 ? 
M N N 6 ? 
N N N 6 ? 
O N N 6 ? 
P N N 6 ? 
# 
loop_
_struct_biol.id 
1 
2 
# 
loop_
_struct_conn.id 
_struct_conn.conn_type_id 
_struct_conn.pdbx_leaving_atom_flag 
_struct_conn.pdbx_PDB_id 
_struct_conn.ptnr1_label_asym_id 
_struct_conn.ptnr1_label_comp_id 
_struct_conn.ptnr1_label_seq_id 
_struct_conn.ptnr1_label_atom_id 
_struct_conn.pdbx_ptnr1_label_alt_id 
_struct_conn.pdbx_ptnr1_PDB_ins_code 
_struct_conn.pdbx_ptnr1_standard_comp_id 
_struct_conn.ptnr1_symmetry 
_struct_conn.ptnr2_label_asym_id 
_struct_conn.ptnr2_label_comp_id 
_struct_conn.ptnr2_label_seq_id 
_struct_conn.ptnr2_label_atom_id 
_struct_conn.pdbx_ptnr2_label_alt_id 
_struct_conn.pdbx_ptnr2_PDB_ins_code 
_struct_conn.ptnr1_auth_asym_id 
_struct_conn.ptnr1_auth_comp_id 
_struct_conn.ptnr1_auth_seq_id 
_struct_conn.ptnr2_auth_asym_id 
_struct_conn.ptnr2_auth_comp_id 
_struct_conn.ptnr2_auth_seq_id 
_struct_conn.ptnr2_symmetry 
_struct_conn.pdbx_ptnr3_label_atom_id 
_struct_conn.pdbx_ptnr3_label_seq_id 
_struct_conn.pdbx_ptnr3_label_comp_id 
_struct_conn.pdbx_ptnr3_label_asym_id 
_struct_conn.pdbx_ptnr3_label_alt_id 
_struct_conn.pdbx_ptnr3_PDB_ins_code 
_struct_conn.details 
_struct_conn.pdbx_dist_value 
_struct_conn.pdbx_value_order 
_struct_conn.pdbx_role 
metalc1  metalc ? ? B DA 6 N7 ? ? ? 1_555 H NA . NA ? ? B DA 12 B NA 30 1_555 ? ? ? ? ? ? ?            2.684 ? ? 
hydrog1  hydrog ? ? A DT 1 N3 ? ? ? 1_555 B DA 6 N1 ? ? A DT 1  B DA 12 1_555 ? ? ? ? ? ? WATSON-CRICK ?     ? ? 
hydrog2  hydrog ? ? A DT 1 O4 ? ? ? 1_555 B DA 6 N6 ? ? A DT 1  B DA 12 1_555 ? ? ? ? ? ? WATSON-CRICK ?     ? ? 
hydrog3  hydrog ? ? A DG 2 N1 ? ? ? 1_555 B DC 5 N3 ? ? A DG 2  B DC 11 1_555 ? ? ? ? ? ? WATSON-CRICK ?     ? ? 
hydrog4  hydrog ? ? A DG 2 N2 ? ? ? 1_555 B DC 5 O2 ? ? A DG 2  B DC 11 1_555 ? ? ? ? ? ? WATSON-CRICK ?     ? ? 
hydrog5  hydrog ? ? A DG 2 O6 ? ? ? 1_555 B DC 5 N4 ? ? A DG 2  B DC 11 1_555 ? ? ? ? ? ? WATSON-CRICK ?     ? ? 
hydrog6  hydrog ? ? A DT 3 N3 ? ? ? 1_555 B DA 4 N1 ? ? A DT 3  B DA 10 1_555 ? ? ? ? ? ? WATSON-CRICK ?     ? ? 
hydrog7  hydrog ? ? A DT 3 O4 ? ? ? 1_555 B DA 4 N6 ? ? A DT 3  B DA 10 1_555 ? ? ? ? ? ? WATSON-CRICK ?     ? ? 
hydrog8  hydrog ? ? A DA 4 N1 ? ? ? 1_555 B DT 3 N3 ? ? A DA 4  B DT 9  1_555 ? ? ? ? ? ? WATSON-CRICK ?     ? ? 
hydrog9  hydrog ? ? A DA 4 N6 ? ? ? 1_555 B DT 3 O4 ? ? A DA 4  B DT 9  1_555 ? ? ? ? ? ? WATSON-CRICK ?     ? ? 
hydrog10 hydrog ? ? A DC 5 N3 ? ? ? 1_555 B DG 2 N1 ? ? A DC 5  B DG 8  1_555 ? ? ? ? ? ? WATSON-CRICK ?     ? ? 
hydrog11 hydrog ? ? A DC 5 N4 ? ? ? 1_555 B DG 2 O6 ? ? A DC 5  B DG 8  1_555 ? ? ? ? ? ? WATSON-CRICK ?     ? ? 
hydrog12 hydrog ? ? A DC 5 O2 ? ? ? 1_555 B DG 2 N2 ? ? A DC 5  B DG 8  1_555 ? ? ? ? ? ? WATSON-CRICK ?     ? ? 
hydrog13 hydrog ? ? A DA 6 N1 ? ? ? 1_555 B DT 1 N3 ? ? A DA 6  B DT 7  1_555 ? ? ? ? ? ? WATSON-CRICK ?     ? ? 
hydrog14 hydrog ? ? A DA 6 N6 ? ? ? 1_555 B DT 1 O4 ? ? A DA 6  B DT 7  1_555 ? ? ? ? ? ? WATSON-CRICK ?     ? ? 
hydrog15 hydrog ? ? C DT 1 N3 ? ? ? 1_555 D DA 6 N1 ? ? C DT 13 D DA 24 1_555 ? ? ? ? ? ? WATSON-CRICK ?     ? ? 
hydrog16 hydrog ? ? C DT 1 O4 ? ? ? 1_555 D DA 6 N6 ? ? C DT 13 D DA 24 1_555 ? ? ? ? ? ? WATSON-CRICK ?     ? ? 
hydrog17 hydrog ? ? C DG 2 N1 ? ? ? 1_555 D DC 5 N3 ? ? C DG 14 D DC 23 1_555 ? ? ? ? ? ? WATSON-CRICK ?     ? ? 
hydrog18 hydrog ? ? C DG 2 N2 ? ? ? 1_555 D DC 5 O2 ? ? C DG 14 D DC 23 1_555 ? ? ? ? ? ? WATSON-CRICK ?     ? ? 
hydrog19 hydrog ? ? C DG 2 O6 ? ? ? 1_555 D DC 5 N4 ? ? C DG 14 D DC 23 1_555 ? ? ? ? ? ? WATSON-CRICK ?     ? ? 
hydrog20 hydrog ? ? C DT 3 N3 ? ? ? 1_555 D DA 4 N1 ? ? C DT 15 D DA 22 1_555 ? ? ? ? ? ? WATSON-CRICK ?     ? ? 
hydrog21 hydrog ? ? C DT 3 O4 ? ? ? 1_555 D DA 4 N6 ? ? C DT 15 D DA 22 1_555 ? ? ? ? ? ? WATSON-CRICK ?     ? ? 
hydrog22 hydrog ? ? C DA 4 N1 ? ? ? 1_555 D DT 3 N3 ? ? C DA 16 D DT 21 1_555 ? ? ? ? ? ? WATSON-CRICK ?     ? ? 
hydrog23 hydrog ? ? C DA 4 N6 ? ? ? 1_555 D DT 3 O4 ? ? C DA 16 D DT 21 1_555 ? ? ? ? ? ? WATSON-CRICK ?     ? ? 
hydrog24 hydrog ? ? C DC 5 N3 ? ? ? 1_555 D DG 2 N1 ? ? C DC 17 D DG 20 1_555 ? ? ? ? ? ? WATSON-CRICK ?     ? ? 
hydrog25 hydrog ? ? C DC 5 N4 ? ? ? 1_555 D DG 2 O6 ? ? C DC 17 D DG 20 1_555 ? ? ? ? ? ? WATSON-CRICK ?     ? ? 
hydrog26 hydrog ? ? C DC 5 O2 ? ? ? 1_555 D DG 2 N2 ? ? C DC 17 D DG 20 1_555 ? ? ? ? ? ? WATSON-CRICK ?     ? ? 
hydrog27 hydrog ? ? C DA 6 N1 ? ? ? 1_555 D DT 1 N3 ? ? C DA 18 D DT 19 1_555 ? ? ? ? ? ? WATSON-CRICK ?     ? ? 
hydrog28 hydrog ? ? C DA 6 N6 ? ? ? 1_555 D DT 1 O4 ? ? C DA 18 D DT 19 1_555 ? ? ? ? ? ? WATSON-CRICK ?     ? ? 
# 
loop_
_struct_conn_type.id 
_struct_conn_type.criteria 
_struct_conn_type.reference 
metalc ? ? 
hydrog ? ? 
# 
loop_
_struct_site.id 
_struct_site.pdbx_evidence_code 
_struct_site.pdbx_auth_asym_id 
_struct_site.pdbx_auth_comp_id 
_struct_site.pdbx_auth_seq_id 
_struct_site.pdbx_auth_ins_code 
_struct_site.pdbx_num_residues 
_struct_site.details 
AC1                 Software B NGM 25 ? 16 'BINDING SITE FOR RESIDUE NGM B 25' 
AC2                 Software A NGM 26 ? 14 'BINDING SITE FOR RESIDUE NGM A 26' 
AC3                 Software D NGM 27 ? 10 'BINDING SITE FOR RESIDUE NGM D 27' 
AC4                 Software C NGM 28 ? 15 'BINDING SITE FOR RESIDUE NGM C 28' 
AC5                 Software A SPM 29 ? 8  'BINDING SITE FOR RESIDUE SPM A 29' 
AC6                 Software B NA  30 ? 3  'BINDING SITE FOR RESIDUE NA B 30'  
AC7                 Software B ACT 31 ? 5  'BINDING SITE FOR RESIDUE ACT B 31' 
AC8                 Software B ACT 32 ? 4  'BINDING SITE FOR RESIDUE ACT B 32' 
'DRUG BINDING SITE' ?        ? ?   ?  ? ?  ?                                   
# 
loop_
_struct_site_gen.id 
_struct_site_gen.site_id 
_struct_site_gen.pdbx_num_res 
_struct_site_gen.label_comp_id 
_struct_site_gen.label_asym_id 
_struct_site_gen.label_seq_id 
_struct_site_gen.pdbx_auth_ins_code 
_struct_site_gen.auth_comp_id 
_struct_site_gen.auth_asym_id 
_struct_site_gen.auth_seq_id 
_struct_site_gen.label_atom_id 
_struct_site_gen.label_alt_id 
_struct_site_gen.symmetry 
_struct_site_gen.details 
1  AC1 16 DT  A 1 ? DT  A 1   . ? 3_645 ? 
2  AC1 16 DC  A 5 ? DC  A 5   . ? 1_555 ? 
3  AC1 16 DA  A 6 ? DA  A 6   . ? 1_555 ? 
4  AC1 16 NGM E . ? NGM A 26  . ? 3_645 ? 
5  AC1 16 DT  B 1 ? DT  B 7   . ? 1_555 ? 
6  AC1 16 DG  B 2 ? DG  B 8   . ? 1_555 ? 
7  AC1 16 DT  B 3 ? DT  B 9   . ? 1_555 ? 
8  AC1 16 DA  B 4 ? DA  B 10  . ? 1_555 ? 
9  AC1 16 HOH N . ? HOH B 46  . ? 1_555 ? 
10 AC1 16 HOH N . ? HOH B 81  . ? 1_555 ? 
11 AC1 16 HOH N . ? HOH B 82  . ? 1_555 ? 
12 AC1 16 HOH N . ? HOH B 84  . ? 1_555 ? 
13 AC1 16 HOH N . ? HOH B 95  . ? 1_555 ? 
14 AC1 16 HOH N . ? HOH B 96  . ? 1_555 ? 
15 AC1 16 DA  C 6 ? DA  C 18  . ? 1_555 ? 
16 AC1 16 DA  D 6 ? DA  D 24  . ? 1_655 ? 
17 AC2 14 DT  A 1 ? DT  A 1   . ? 1_555 ? 
18 AC2 14 DG  A 2 ? DG  A 2   . ? 1_555 ? 
19 AC2 14 DT  A 3 ? DT  A 3   . ? 1_555 ? 
20 AC2 14 DA  A 4 ? DA  A 4   . ? 1_555 ? 
21 AC2 14 SPM F . ? SPM A 29  . ? 1_555 ? 
22 AC2 14 HOH M . ? HOH A 44  . ? 1_555 ? 
23 AC2 14 HOH M . ? HOH A 64  . ? 1_555 ? 
24 AC2 14 HOH M . ? HOH A 65  . ? 1_555 ? 
25 AC2 14 HOH M . ? HOH A 77  . ? 1_555 ? 
26 AC2 14 HOH M . ? HOH A 94  . ? 1_555 ? 
27 AC2 14 DC  B 5 ? DC  B 11  . ? 1_555 ? 
28 AC2 14 DA  B 6 ? DA  B 12  . ? 1_555 ? 
29 AC2 14 NGM G . ? NGM B 25  . ? 3_655 ? 
30 AC2 14 ACT J . ? ACT B 32  . ? 1_555 ? 
31 AC3 10 SPM F . ? SPM A 29  . ? 4_456 ? 
32 AC3 10 DC  C 5 ? DC  C 17  . ? 1_555 ? 
33 AC3 10 DA  C 6 ? DA  C 18  . ? 1_555 ? 
34 AC3 10 DT  D 1 ? DT  D 19  . ? 1_555 ? 
35 AC3 10 DG  D 2 ? DG  D 20  . ? 1_555 ? 
36 AC3 10 DT  D 3 ? DT  D 21  . ? 1_555 ? 
37 AC3 10 DA  D 4 ? DA  D 22  . ? 1_555 ? 
38 AC3 10 HOH P . ? HOH D 73  . ? 1_555 ? 
39 AC3 10 HOH P . ? HOH D 108 . ? 1_555 ? 
40 AC3 10 HOH P . ? HOH D 125 . ? 1_555 ? 
41 AC4 15 DT  A 1 ? DT  A 1   . ? 4_456 ? 
42 AC4 15 DG  A 2 ? DG  A 2   . ? 4_456 ? 
43 AC4 15 DA  B 6 ? DA  B 12  . ? 3_545 ? 
44 AC4 15 DT  C 1 ? DT  C 13  . ? 1_555 ? 
45 AC4 15 DG  C 2 ? DG  C 14  . ? 1_555 ? 
46 AC4 15 DT  C 3 ? DT  C 15  . ? 1_555 ? 
47 AC4 15 DA  C 4 ? DA  C 16  . ? 1_555 ? 
48 AC4 15 HOH O . ? HOH C 66  . ? 1_555 ? 
49 AC4 15 HOH O . ? HOH C 71  . ? 1_555 ? 
50 AC4 15 HOH O . ? HOH C 83  . ? 1_555 ? 
51 AC4 15 HOH O . ? HOH C 86  . ? 1_555 ? 
52 AC4 15 HOH O . ? HOH C 113 . ? 1_555 ? 
53 AC4 15 HOH O . ? HOH C 126 . ? 1_555 ? 
54 AC4 15 DC  D 5 ? DC  D 23  . ? 1_555 ? 
55 AC4 15 DA  D 6 ? DA  D 24  . ? 1_555 ? 
56 AC5 8  DT  A 1 ? DT  A 1   . ? 1_555 ? 
57 AC5 8  DA  A 6 ? DA  A 6   . ? 3_655 ? 
58 AC5 8  NGM E . ? NGM A 26  . ? 1_555 ? 
59 AC5 8  HOH M . ? HOH A 48  . ? 1_555 ? 
60 AC5 8  HOH M . ? HOH A 72  . ? 1_555 ? 
61 AC5 8  DG  D 2 ? DG  D 20  . ? 4_556 ? 
62 AC5 8  DT  D 3 ? DT  D 21  . ? 4_556 ? 
63 AC5 8  NGM L . ? NGM D 27  . ? 4_556 ? 
64 AC6 3  DA  B 6 ? DA  B 12  . ? 1_555 ? 
65 AC6 3  ACT I . ? ACT B 31  . ? 1_555 ? 
66 AC6 3  ACT J . ? ACT B 32  . ? 1_555 ? 
67 AC7 5  DC  B 5 ? DC  B 11  . ? 1_555 ? 
68 AC7 5  DA  B 6 ? DA  B 12  . ? 1_555 ? 
69 AC7 5  NA  H . ? NA  B 30  . ? 1_555 ? 
70 AC7 5  ACT J . ? ACT B 32  . ? 1_555 ? 
71 AC7 5  HOH N . ? HOH B 106 . ? 1_555 ? 
72 AC8 4  NGM E . ? NGM A 26  . ? 1_555 ? 
73 AC8 4  HOH M . ? HOH A 34  . ? 1_555 ? 
74 AC8 4  NA  H . ? NA  B 30  . ? 1_555 ? 
75 AC8 4  ACT I . ? ACT B 31  . ? 1_555 ? 
# 
_atom_sites.entry_id                    258D 
_atom_sites.fract_transf_matrix[1][1]   0.02014536 
_atom_sites.fract_transf_matrix[1][2]   0.03199142 
_atom_sites.fract_transf_matrix[1][3]   0.00405736 
_atom_sites.fract_transf_matrix[2][1]   0.01628632 
_atom_sites.fract_transf_matrix[2][2]   -0.00994754 
_atom_sites.fract_transf_matrix[2][3]   -0.00242961 
_atom_sites.fract_transf_matrix[3][1]   -0.00076153 
_atom_sites.fract_transf_matrix[3][2]   0.00234425 
_atom_sites.fract_transf_matrix[3][3]   -0.01470282 
_atom_sites.fract_transf_vector[1]      0.300343 
_atom_sites.fract_transf_vector[2]      0.134632 
_atom_sites.fract_transf_vector[3]      0.361644 
# 
loop_
_atom_type.symbol 
C  
N  
NA 
O  
P  
# 
loop_
_atom_site.group_PDB 
_atom_site.id 
_atom_site.type_symbol 
_atom_site.label_atom_id 
_atom_site.label_alt_id 
_atom_site.label_comp_id 
_atom_site.label_asym_id 
_atom_site.label_entity_id 
_atom_site.label_seq_id 
_atom_site.pdbx_PDB_ins_code 
_atom_site.Cartn_x 
_atom_site.Cartn_y 
_atom_site.Cartn_z 
_atom_site.occupancy 
_atom_site.B_iso_or_equiv 
_atom_site.pdbx_formal_charge 
_atom_site.auth_seq_id 
_atom_site.auth_comp_id 
_atom_site.auth_asym_id 
_atom_site.auth_atom_id 
_atom_site.pdbx_PDB_model_num 
ATOM   1   O  "O5'" . DT  A 1 1 ? 16.833  -1.280  -2.068  1.00 22.98 ? 1   DT  A "O5'" 1 
ATOM   2   C  "C5'" . DT  A 1 1 ? 15.586  -1.794  -1.780  1.00 17.10 ? 1   DT  A "C5'" 1 
ATOM   3   C  "C4'" . DT  A 1 1 ? 15.479  -3.043  -2.703  1.00 16.13 ? 1   DT  A "C4'" 1 
ATOM   4   O  "O4'" . DT  A 1 1 ? 16.625  -3.919  -2.409  1.00 16.35 ? 1   DT  A "O4'" 1 
ATOM   5   C  "C3'" . DT  A 1 1 ? 14.315  -3.898  -2.509  1.00 19.53 ? 1   DT  A "C3'" 1 
ATOM   6   O  "O3'" . DT  A 1 1 ? 13.864  -4.266  -3.793  1.00 15.99 ? 1   DT  A "O3'" 1 
ATOM   7   C  "C2'" . DT  A 1 1 ? 14.667  -5.166  -1.785  1.00 18.80 ? 1   DT  A "C2'" 1 
ATOM   8   C  "C1'" . DT  A 1 1 ? 16.220  -4.990  -1.577  1.00 17.45 ? 1   DT  A "C1'" 1 
ATOM   9   N  N1    . DT  A 1 1 ? 16.664  -4.785  -0.175  1.00 15.32 ? 1   DT  A N1    1 
ATOM   10  C  C2    . DT  A 1 1 ? 16.267  -5.734  0.767   1.00 14.38 ? 1   DT  A C2    1 
ATOM   11  O  O2    . DT  A 1 1 ? 15.572  -6.676  0.475   1.00 13.54 ? 1   DT  A O2    1 
ATOM   12  N  N3    . DT  A 1 1 ? 16.722  -5.482  2.045   1.00 13.84 ? 1   DT  A N3    1 
ATOM   13  C  C4    . DT  A 1 1 ? 17.503  -4.448  2.495   1.00 13.83 ? 1   DT  A C4    1 
ATOM   14  O  O4    . DT  A 1 1 ? 17.887  -4.262  3.634   1.00 16.62 ? 1   DT  A O4    1 
ATOM   15  C  C5    . DT  A 1 1 ? 17.901  -3.493  1.447   1.00 12.26 ? 1   DT  A C5    1 
ATOM   16  C  C7    . DT  A 1 1 ? 18.767  -2.319  1.798   1.00 15.59 ? 1   DT  A C7    1 
ATOM   17  C  C6    . DT  A 1 1 ? 17.450  -3.729  0.207   1.00 15.68 ? 1   DT  A C6    1 
ATOM   18  P  P     . DG  A 1 2 ? 12.583  -3.503  -4.494  1.00 15.79 ? 2   DG  A P     1 
ATOM   19  O  OP1   . DG  A 1 2 ? 12.335  -4.261  -5.690  1.00 14.49 ? 2   DG  A OP1   1 
ATOM   20  O  OP2   . DG  A 1 2 ? 12.813  -2.116  -4.465  1.00 16.29 ? 2   DG  A OP2   1 
ATOM   21  O  "O5'" . DG  A 1 2 ? 11.359  -3.833  -3.464  1.00 19.70 ? 2   DG  A "O5'" 1 
ATOM   22  C  "C5'" . DG  A 1 2 ? 11.105  -5.163  -3.159  1.00 18.91 ? 2   DG  A "C5'" 1 
ATOM   23  C  "C4'" . DG  A 1 2 ? 9.927   -5.022  -2.138  1.00 19.09 ? 2   DG  A "C4'" 1 
ATOM   24  O  "O4'" . DG  A 1 2 ? 10.526  -4.588  -0.868  1.00 17.90 ? 2   DG  A "O4'" 1 
ATOM   25  C  "C3'" . DG  A 1 2 ? 8.882   -4.038  -2.437  1.00 17.75 ? 2   DG  A "C3'" 1 
ATOM   26  O  "O3'" . DG  A 1 2 ? 7.696   -4.756  -2.221  1.00 23.80 ? 2   DG  A "O3'" 1 
ATOM   27  C  "C2'" . DG  A 1 2 ? 8.906   -2.931  -1.410  1.00 18.12 ? 2   DG  A "C2'" 1 
ATOM   28  C  "C1'" . DG  A 1 2 ? 9.657   -3.668  -0.231  1.00 17.08 ? 2   DG  A "C1'" 1 
ATOM   29  N  N9    . DG  A 1 2 ? 10.403  -2.736  0.615   1.00 14.16 ? 2   DG  A N9    1 
ATOM   30  C  C8    . DG  A 1 2 ? 11.221  -1.667  0.223   1.00 15.37 ? 2   DG  A C8    1 
ATOM   31  N  N7    . DG  A 1 2 ? 11.776  -1.000  1.214   1.00 14.25 ? 2   DG  A N7    1 
ATOM   32  C  C5    . DG  A 1 2 ? 11.284  -1.677  2.352   1.00 12.35 ? 2   DG  A C5    1 
ATOM   33  C  C6    . DG  A 1 2 ? 11.525  -1.414  3.740   1.00 12.17 ? 2   DG  A C6    1 
ATOM   34  O  O6    . DG  A 1 2 ? 12.197  -0.578  4.306   1.00 13.97 ? 2   DG  A O6    1 
ATOM   35  N  N1    . DG  A 1 2 ? 10.820  -2.361  4.525   1.00 13.06 ? 2   DG  A N1    1 
ATOM   36  C  C2    . DG  A 1 2 ? 10.045  -3.347  4.068   1.00 10.20 ? 2   DG  A C2    1 
ATOM   37  N  N2    . DG  A 1 2 ? 9.447   -4.157  4.970   1.00 11.21 ? 2   DG  A N2    1 
ATOM   38  N  N3    . DG  A 1 2 ? 9.802   -3.605  2.768   1.00 12.73 ? 2   DG  A N3    1 
ATOM   39  C  C4    . DG  A 1 2 ? 10.465  -2.721  1.995   1.00 12.55 ? 2   DG  A C4    1 
ATOM   40  P  P     . DT  A 1 3 ? 6.104   -4.467  -2.581  1.00 28.30 ? 3   DT  A P     1 
ATOM   41  O  OP1   . DT  A 1 3 ? 5.628   -5.731  -3.049  1.00 36.28 ? 3   DT  A OP1   1 
ATOM   42  O  OP2   . DT  A 1 3 ? 6.079   -3.135  -3.063  1.00 26.08 ? 3   DT  A OP2   1 
ATOM   43  O  "O5'" . DT  A 1 3 ? 5.427   -4.342  -1.050  1.00 24.78 ? 3   DT  A "O5'" 1 
ATOM   44  C  "C5'" . DT  A 1 3 ? 5.512   -5.592  -0.455  1.00 22.11 ? 3   DT  A "C5'" 1 
ATOM   45  C  "C4'" . DT  A 1 3 ? 5.050   -5.313  0.998   1.00 23.75 ? 3   DT  A "C4'" 1 
ATOM   46  O  "O4'" . DT  A 1 3 ? 6.121   -4.519  1.651   1.00 20.70 ? 3   DT  A "O4'" 1 
ATOM   47  C  "C3'" . DT  A 1 3 ? 3.829   -4.522  1.186   1.00 23.38 ? 3   DT  A "C3'" 1 
ATOM   48  O  "O3'" . DT  A 1 3 ? 3.068   -5.328  2.040   1.00 25.69 ? 3   DT  A "O3'" 1 
ATOM   49  C  "C2'" . DT  A 1 3 ? 4.107   -3.272  1.957   1.00 20.46 ? 3   DT  A "C2'" 1 
ATOM   50  C  "C1'" . DT  A 1 3 ? 5.523   -3.589  2.555   1.00 21.10 ? 3   DT  A "C1'" 1 
ATOM   51  N  N1    . DT  A 1 3 ? 6.400   -2.408  2.734   1.00 16.80 ? 3   DT  A N1    1 
ATOM   52  C  C2    . DT  A 1 3 ? 6.812   -2.095  4.028   1.00 14.00 ? 3   DT  A C2    1 
ATOM   53  O  O2    . DT  A 1 3 ? 6.464   -2.737  5.004   1.00 17.29 ? 3   DT  A O2    1 
ATOM   54  N  N3    . DT  A 1 3 ? 7.626   -1.010  4.166   1.00 13.07 ? 3   DT  A N3    1 
ATOM   55  C  C4    . DT  A 1 3 ? 8.092   -0.197  3.133   1.00 13.05 ? 3   DT  A C4    1 
ATOM   56  O  O4    . DT  A 1 3 ? 8.826   0.741   3.419   1.00 15.15 ? 3   DT  A O4    1 
ATOM   57  C  C5    . DT  A 1 3 ? 7.643   -0.591  1.820   1.00 12.91 ? 3   DT  A C5    1 
ATOM   58  C  C7    . DT  A 1 3 ? 8.083   0.218   0.593   1.00 18.78 ? 3   DT  A C7    1 
ATOM   59  C  C6    . DT  A 1 3 ? 6.844   -1.641  1.686   1.00 17.68 ? 3   DT  A C6    1 
ATOM   60  P  P     . DA  A 1 4 ? 1.471   -5.218  2.480   1.00 29.04 ? 4   DA  A P     1 
ATOM   61  O  OP1   . DA  A 1 4 ? 1.094   -6.595  2.490   1.00 38.44 ? 4   DA  A OP1   1 
ATOM   62  O  OP2   . DA  A 1 4 ? 1.014   -4.042  1.834   1.00 26.41 ? 4   DA  A OP2   1 
ATOM   63  O  "O5'" . DA  A 1 4 ? 1.583   -4.742  4.069   1.00 23.38 ? 4   DA  A "O5'" 1 
ATOM   64  C  "C5'" . DA  A 1 4 ? 2.133   -5.651  4.959   1.00 18.69 ? 4   DA  A "C5'" 1 
ATOM   65  C  "C4'" . DA  A 1 4 ? 2.231   -4.779  6.259   1.00 18.95 ? 4   DA  A "C4'" 1 
ATOM   66  O  "O4'" . DA  A 1 4 ? 3.307   -3.794  6.030   1.00 18.74 ? 4   DA  A "O4'" 1 
ATOM   67  C  "C3'" . DA  A 1 4 ? 1.056   -3.960  6.590   1.00 23.10 ? 4   DA  A "C3'" 1 
ATOM   68  O  "O3'" . DA  A 1 4 ? 0.500   -4.532  7.746   1.00 26.18 ? 4   DA  A "O3'" 1 
ATOM   69  C  "C2'" . DA  A 1 4 ? 1.486   -2.583  7.002   1.00 21.11 ? 4   DA  A "C2'" 1 
ATOM   70  C  "C1'" . DA  A 1 4 ? 3.047   -2.687  6.883   1.00 18.00 ? 4   DA  A "C1'" 1 
ATOM   71  N  N9    . DA  A 1 4 ? 3.674   -1.526  6.244   1.00 17.48 ? 4   DA  A N9    1 
ATOM   72  C  C8    . DA  A 1 4 ? 3.588   -1.177  4.919   1.00 15.79 ? 4   DA  A C8    1 
ATOM   73  N  N7    . DA  A 1 4 ? 4.251   -0.098  4.649   1.00 15.49 ? 4   DA  A N7    1 
ATOM   74  C  C5    . DA  A 1 4 ? 4.830   0.287   5.861   1.00 14.18 ? 4   DA  A C5    1 
ATOM   75  C  C6    . DA  A 1 4 ? 5.648   1.335   6.227   1.00 13.53 ? 4   DA  A C6    1 
ATOM   76  N  N6    . DA  A 1 4 ? 6.080   2.283   5.387   1.00 13.86 ? 4   DA  A N6    1 
ATOM   77  N  N1    . DA  A 1 4 ? 6.038   1.440   7.533   1.00 14.26 ? 4   DA  A N1    1 
ATOM   78  C  C2    . DA  A 1 4 ? 5.609   0.485   8.410   1.00 13.12 ? 4   DA  A C2    1 
ATOM   79  N  N3    . DA  A 1 4 ? 4.844   -0.538  8.156   1.00 14.05 ? 4   DA  A N3    1 
ATOM   80  C  C4    . DA  A 1 4 ? 4.469   -0.608  6.860   1.00 14.88 ? 4   DA  A C4    1 
ATOM   81  P  P     . DC  A 1 5 ? -1.053  -4.409  8.402   1.00 31.80 ? 5   DC  A P     1 
ATOM   82  O  OP1   . DC  A 1 5 ? -0.988  -5.499  9.334   1.00 32.90 ? 5   DC  A OP1   1 
ATOM   83  O  OP2   . DC  A 1 5 ? -1.833  -3.961  7.305   1.00 27.27 ? 5   DC  A OP2   1 
ATOM   84  O  "O5'" . DC  A 1 5 ? -0.870  -3.017  9.286   1.00 23.22 ? 5   DC  A "O5'" 1 
ATOM   85  C  "C5'" . DC  A 1 5 ? -0.182  -3.164  10.460  1.00 19.66 ? 5   DC  A "C5'" 1 
ATOM   86  C  "C4'" . DC  A 1 5 ? -0.163  -1.699  11.001  1.00 19.24 ? 5   DC  A "C4'" 1 
ATOM   87  O  "O4'" . DC  A 1 5 ? 0.843   -1.021  10.148  1.00 17.64 ? 5   DC  A "O4'" 1 
ATOM   88  C  "C3'" . DC  A 1 5 ? -1.369  -0.888  10.905  1.00 20.20 ? 5   DC  A "C3'" 1 
ATOM   89  O  "O3'" . DC  A 1 5 ? -1.464  -0.184  12.133  1.00 22.04 ? 5   DC  A "O3'" 1 
ATOM   90  C  "C2'" . DC  A 1 5 ? -1.153  0.187   9.867   1.00 19.76 ? 5   DC  A "C2'" 1 
ATOM   91  C  "C1'" . DC  A 1 5 ? 0.438   0.289   9.948   1.00 17.19 ? 5   DC  A "C1'" 1 
ATOM   92  N  N1    . DC  A 1 5 ? 0.975   0.936   8.742   1.00 14.06 ? 5   DC  A N1    1 
ATOM   93  C  C2    . DC  A 1 5 ? 2.042   1.793   8.937   1.00 12.49 ? 5   DC  A C2    1 
ATOM   94  O  O2    . DC  A 1 5 ? 2.488   1.984   10.097  1.00 14.65 ? 5   DC  A O2    1 
ATOM   95  N  N3    . DC  A 1 5 ? 2.629   2.460   7.858   1.00 10.59 ? 5   DC  A N3    1 
ATOM   96  C  C4    . DC  A 1 5 ? 2.091   2.173   6.666   1.00 11.85 ? 5   DC  A C4    1 
ATOM   97  N  N4    . DC  A 1 5 ? 2.649   2.814   5.614   1.00 11.42 ? 5   DC  A N4    1 
ATOM   98  C  C5    . DC  A 1 5 ? 1.007   1.298   6.418   1.00 11.22 ? 5   DC  A C5    1 
ATOM   99  C  C6    . DC  A 1 5 ? 0.458   0.665   7.498   1.00 12.64 ? 5   DC  A C6    1 
ATOM   100 P  P     . DA  A 1 6 ? -2.509  -0.718  13.343  1.00 27.96 ? 6   DA  A P     1 
ATOM   101 O  OP1   . DA  A 1 6 ? -1.848  -1.889  13.812  1.00 31.98 ? 6   DA  A OP1   1 
ATOM   102 O  OP2   . DA  A 1 6 ? -3.789  -0.662  12.765  1.00 31.37 ? 6   DA  A OP2   1 
ATOM   103 O  "O5'" . DA  A 1 6 ? -2.371  0.440   14.464  1.00 18.28 ? 6   DA  A "O5'" 1 
ATOM   104 C  "C5'" . DA  A 1 6 ? -1.264  0.328   15.284  1.00 18.66 ? 6   DA  A "C5'" 1 
ATOM   105 C  "C4'" . DA  A 1 6 ? -1.198  1.726   15.955  1.00 23.86 ? 6   DA  A "C4'" 1 
ATOM   106 O  "O4'" . DA  A 1 6 ? -0.688  2.707   14.958  1.00 24.06 ? 6   DA  A "O4'" 1 
ATOM   107 C  "C3'" . DA  A 1 6 ? -2.465  2.280   16.433  1.00 25.61 ? 6   DA  A "C3'" 1 
ATOM   108 O  "O3'" . DA  A 1 6 ? -2.108  2.827   17.672  1.00 29.83 ? 6   DA  A "O3'" 1 
ATOM   109 C  "C2'" . DA  A 1 6 ? -2.882  3.440   15.583  1.00 20.60 ? 6   DA  A "C2'" 1 
ATOM   110 C  "C1'" . DA  A 1 6 ? -1.513  3.830   14.905  1.00 23.02 ? 6   DA  A "C1'" 1 
ATOM   111 N  N9    . DA  A 1 6 ? -1.778  4.183   13.489  1.00 15.42 ? 6   DA  A N9    1 
ATOM   112 C  C8    . DA  A 1 6 ? -2.359  3.389   12.552  1.00 16.59 ? 6   DA  A C8    1 
ATOM   113 N  N7    . DA  A 1 6 ? -2.466  3.981   11.384  1.00 16.94 ? 6   DA  A N7    1 
ATOM   114 C  C5    . DA  A 1 6 ? -1.936  5.217   11.584  1.00 14.72 ? 6   DA  A C5    1 
ATOM   115 C  C6    . DA  A 1 6 ? -1.749  6.345   10.718  1.00 12.37 ? 6   DA  A C6    1 
ATOM   116 N  N6    . DA  A 1 6 ? -2.159  6.232   9.434   1.00 15.77 ? 6   DA  A N6    1 
ATOM   117 N  N1    . DA  A 1 6 ? -1.186  7.426   11.173  1.00 14.64 ? 6   DA  A N1    1 
ATOM   118 C  C2    . DA  A 1 6 ? -0.798  7.481   12.464  1.00 18.02 ? 6   DA  A C2    1 
ATOM   119 N  N3    . DA  A 1 6 ? -0.926  6.490   13.348  1.00 15.42 ? 6   DA  A N3    1 
ATOM   120 C  C4    . DA  A 1 6 ? -1.485  5.394   12.899  1.00 12.65 ? 6   DA  A C4    1 
ATOM   121 O  "O5'" . DT  B 1 1 ? 2.655   14.635  7.051   1.00 44.08 ? 7   DT  B "O5'" 1 
ATOM   122 C  "C5'" . DT  B 1 1 ? 2.670   15.480  8.145   1.00 32.59 ? 7   DT  B "C5'" 1 
ATOM   123 C  "C4'" . DT  B 1 1 ? 2.682   14.490  9.341   1.00 28.63 ? 7   DT  B "C4'" 1 
ATOM   124 O  "O4'" . DT  B 1 1 ? 1.385   13.782  9.282   1.00 25.75 ? 7   DT  B "O4'" 1 
ATOM   125 C  "C3'" . DT  B 1 1 ? 3.636   13.374  9.383   1.00 25.54 ? 7   DT  B "C3'" 1 
ATOM   126 O  "O3'" . DT  B 1 1 ? 4.654   13.848  10.211  1.00 26.34 ? 7   DT  B "O3'" 1 
ATOM   127 C  "C2'" . DT  B 1 1 ? 3.018   12.243  10.164  1.00 18.66 ? 7   DT  B "C2'" 1 
ATOM   128 C  "C1'" . DT  B 1 1 ? 1.492   12.566  9.978   1.00 23.86 ? 7   DT  B "C1'" 1 
ATOM   129 N  N1    . DT  B 1 1 ? 0.731   11.514  9.269   1.00 17.23 ? 7   DT  B N1    1 
ATOM   130 C  C2    . DT  B 1 1 ? 0.262   10.479  10.053  1.00 13.21 ? 7   DT  B C2    1 
ATOM   131 O  O2    . DT  B 1 1 ? 0.496   10.483  11.237  1.00 16.62 ? 7   DT  B O2    1 
ATOM   132 N  N3    . DT  B 1 1 ? -0.452  9.488   9.444   1.00 12.93 ? 7   DT  B N3    1 
ATOM   133 C  C4    . DT  B 1 1 ? -0.708  9.491   8.071   1.00 12.24 ? 7   DT  B C4    1 
ATOM   134 O  O4    . DT  B 1 1 ? -1.338  8.577   7.628   1.00 14.89 ? 7   DT  B O4    1 
ATOM   135 C  C5    . DT  B 1 1 ? -0.183  10.617  7.313   1.00 13.11 ? 7   DT  B C5    1 
ATOM   136 C  C7    . DT  B 1 1 ? -0.451  10.662  5.811   1.00 17.49 ? 7   DT  B C7    1 
ATOM   137 C  C6    . DT  B 1 1 ? 0.519   11.581  7.906   1.00 15.10 ? 7   DT  B C6    1 
ATOM   138 P  P     . DG  B 1 2 ? 6.306   13.799  10.154  1.00 27.28 ? 8   DG  B P     1 
ATOM   139 O  OP1   . DG  B 1 2 ? 6.691   14.588  11.277  1.00 37.89 ? 8   DG  B OP1   1 
ATOM   140 O  OP2   . DG  B 1 2 ? 6.656   13.917  8.790   1.00 27.39 ? 8   DG  B OP2   1 
ATOM   141 O  "O5'" . DG  B 1 2 ? 6.635   12.234  10.593  1.00 25.91 ? 8   DG  B "O5'" 1 
ATOM   142 C  "C5'" . DG  B 1 2 ? 6.306   11.862  11.898  1.00 23.07 ? 8   DG  B "C5'" 1 
ATOM   143 C  "C4'" . DG  B 1 2 ? 6.921   10.424  11.998  1.00 19.22 ? 8   DG  B "C4'" 1 
ATOM   144 O  "O4'" . DG  B 1 2 ? 6.099   9.625   11.069  1.00 18.15 ? 8   DG  B "O4'" 1 
ATOM   145 C  "C3'" . DG  B 1 2 ? 8.291   10.172  11.543  1.00 22.23 ? 8   DG  B "C3'" 1 
ATOM   146 O  "O3'" . DG  B 1 2 ? 8.963   9.667   12.681  1.00 25.55 ? 8   DG  B "O3'" 1 
ATOM   147 C  "C2'" . DG  B 1 2 ? 8.315   9.037   10.551  1.00 19.35 ? 8   DG  B "C2'" 1 
ATOM   148 C  "C1'" . DG  B 1 2 ? 6.832   8.516   10.640  1.00 18.87 ? 8   DG  B "C1'" 1 
ATOM   149 N  N9    . DG  B 1 2 ? 6.310   7.977   9.374   1.00 14.59 ? 8   DG  B N9    1 
ATOM   150 C  C8    . DG  B 1 2 ? 6.324   8.537   8.124   1.00 14.32 ? 8   DG  B C8    1 
ATOM   151 N  N7    . DG  B 1 2 ? 5.748   7.732   7.227   1.00 13.96 ? 8   DG  B N7    1 
ATOM   152 C  C5    . DG  B 1 2 ? 5.344   6.614   7.931   1.00 11.03 ? 8   DG  B C5    1 
ATOM   153 C  C6    . DG  B 1 2 ? 4.690   5.448   7.511   1.00 12.62 ? 8   DG  B C6    1 
ATOM   154 O  O6    . DG  B 1 2 ? 4.291   5.105   6.374   1.00 11.42 ? 8   DG  B O6    1 
ATOM   155 N  N1    . DG  B 1 2 ? 4.429   4.490   8.529   1.00 11.31 ? 8   DG  B N1    1 
ATOM   156 C  C2    . DG  B 1 2 ? 4.837   4.766   9.843   1.00 13.49 ? 8   DG  B C2    1 
ATOM   157 N  N2    . DG  B 1 2 ? 4.496   3.736   10.653  1.00 13.53 ? 8   DG  B N2    1 
ATOM   158 N  N3    . DG  B 1 2 ? 5.444   5.828   10.254  1.00 11.90 ? 8   DG  B N3    1 
ATOM   159 C  C4    . DG  B 1 2 ? 5.685   6.748   9.261   1.00 12.24 ? 8   DG  B C4    1 
ATOM   160 P  P     . DT  B 1 3 ? 10.524  9.133   12.982  1.00 24.77 ? 9   DT  B P     1 
ATOM   161 O  OP1   . DT  B 1 3 ? 10.774  9.597   14.314  1.00 33.06 ? 9   DT  B OP1   1 
ATOM   162 O  OP2   . DT  B 1 3 ? 11.187  9.406   11.759  1.00 25.65 ? 9   DT  B OP2   1 
ATOM   163 O  "O5'" . DT  B 1 3 ? 10.367  7.523   13.098  1.00 20.74 ? 9   DT  B "O5'" 1 
ATOM   164 C  "C5'" . DT  B 1 3 ? 9.517   7.085   14.104  1.00 19.15 ? 9   DT  B "C5'" 1 
ATOM   165 C  "C4'" . DT  B 1 3 ? 9.453   5.578   13.778  1.00 23.04 ? 9   DT  B "C4'" 1 
ATOM   166 O  "O4'" . DT  B 1 3 ? 8.658   5.384   12.541  1.00 20.74 ? 9   DT  B "O4'" 1 
ATOM   167 C  "C3'" . DT  B 1 3 ? 10.732  4.899   13.512  1.00 23.92 ? 9   DT  B "C3'" 1 
ATOM   168 O  "O3'" . DT  B 1 3 ? 10.645  3.819   14.397  1.00 25.84 ? 9   DT  B "O3'" 1 
ATOM   169 C  "C2'" . DT  B 1 3 ? 10.729  4.321   12.122  1.00 23.89 ? 9   DT  B "C2'" 1 
ATOM   170 C  "C1'" . DT  B 1 3 ? 9.183   4.256   11.849  1.00 20.67 ? 9   DT  B "C1'" 1 
ATOM   171 N  N1    . DT  B 1 3 ? 8.842   4.319   10.406  1.00 15.23 ? 9   DT  B N1    1 
ATOM   172 C  C2    . DT  B 1 3 ? 8.053   3.310   9.920   1.00 16.42 ? 9   DT  B C2    1 
ATOM   173 O  O2    . DT  B 1 3 ? 7.623   2.385   10.575  1.00 18.45 ? 9   DT  B O2    1 
ATOM   174 N  N3    . DT  B 1 3 ? 7.758   3.417   8.558   1.00 14.23 ? 9   DT  B N3    1 
ATOM   175 C  C4    . DT  B 1 3 ? 8.190   4.415   7.714   1.00 14.75 ? 9   DT  B C4    1 
ATOM   176 O  O4    . DT  B 1 3 ? 7.870   4.411   6.539   1.00 15.92 ? 9   DT  B O4    1 
ATOM   177 C  C5    . DT  B 1 3 ? 9.012   5.434   8.322   1.00 14.75 ? 9   DT  B C5    1 
ATOM   178 C  C7    . DT  B 1 3 ? 9.553   6.604   7.504   1.00 15.93 ? 9   DT  B C7    1 
ATOM   179 C  C6    . DT  B 1 3 ? 9.280   5.315   9.604   1.00 14.09 ? 9   DT  B C6    1 
ATOM   180 P  P     . DA  B 1 4 ? 11.834  2.750   14.909  1.00 30.09 ? 10  DA  B P     1 
ATOM   181 O  OP1   . DA  B 1 4 ? 11.581  2.712   16.312  1.00 38.67 ? 10  DA  B OP1   1 
ATOM   182 O  OP2   . DA  B 1 4 ? 12.911  3.073   14.039  1.00 29.24 ? 10  DA  B OP2   1 
ATOM   183 O  "O5'" . DA  B 1 4 ? 11.222  1.319   14.358  1.00 25.79 ? 10  DA  B "O5'" 1 
ATOM   184 C  "C5'" . DA  B 1 4 ? 10.083  0.834   14.981  1.00 21.91 ? 10  DA  B "C5'" 1 
ATOM   185 C  "C4'" . DA  B 1 4 ? 9.744   -0.394  14.102  1.00 23.01 ? 10  DA  B "C4'" 1 
ATOM   186 O  "O4'" . DA  B 1 4 ? 9.330   0.144   12.777  1.00 21.22 ? 10  DA  B "O4'" 1 
ATOM   187 C  "C3'" . DA  B 1 4 ? 10.866  -1.294  13.780  1.00 25.03 ? 10  DA  B "C3'" 1 
ATOM   188 O  "O3'" . DA  B 1 4 ? 10.603  -2.462  14.512  1.00 25.52 ? 10  DA  B "O3'" 1 
ATOM   189 C  "C2'" . DA  B 1 4 ? 10.803  -1.698  12.336  1.00 24.74 ? 10  DA  B "C2'" 1 
ATOM   190 C  "C1'" . DA  B 1 4 ? 9.570   -0.888  11.814  1.00 21.62 ? 10  DA  B "C1'" 1 
ATOM   191 N  N9    . DA  B 1 4 ? 9.820   -0.160  10.561  1.00 16.58 ? 10  DA  B N9    1 
ATOM   192 C  C8    . DA  B 1 4 ? 10.594  0.947   10.390  1.00 16.91 ? 10  DA  B C8    1 
ATOM   193 N  N7    . DA  B 1 4 ? 10.656  1.410   9.187   1.00 14.78 ? 10  DA  B N7    1 
ATOM   194 C  C5    . DA  B 1 4 ? 9.843   0.534   8.486   1.00 14.82 ? 10  DA  B C5    1 
ATOM   195 C  C6    . DA  B 1 4 ? 9.461   0.437   7.133   1.00 10.14 ? 10  DA  B C6    1 
ATOM   196 N  N6    . DA  B 1 4 ? 9.856   1.275   6.170   1.00 14.75 ? 10  DA  B N6    1 
ATOM   197 N  N1    . DA  B 1 4 ? 8.643   -0.581  6.813   1.00 13.00 ? 10  DA  B N1    1 
ATOM   198 C  C2    . DA  B 1 4 ? 8.210   -1.446  7.700   1.00 16.37 ? 10  DA  B C2    1 
ATOM   199 N  N3    . DA  B 1 4 ? 8.504   -1.468  9.012   1.00 18.85 ? 10  DA  B N3    1 
ATOM   200 C  C4    . DA  B 1 4 ? 9.309   -0.459  9.324   1.00 18.38 ? 10  DA  B C4    1 
ATOM   201 P  P     . DC  B 1 5 ? 11.689  -3.713  14.831  1.00 31.45 ? 11  DC  B P     1 
ATOM   202 O  OP1   . DC  B 1 5 ? 10.861  -4.540  15.683  1.00 30.96 ? 11  DC  B OP1   1 
ATOM   203 O  OP2   . DC  B 1 5 ? 12.943  -3.019  14.717  1.00 26.50 ? 11  DC  B OP2   1 
ATOM   204 O  "O5'" . DC  B 1 5 ? 11.651  -4.564  13.403  1.00 22.79 ? 11  DC  B "O5'" 1 
ATOM   205 C  "C5'" . DC  B 1 5 ? 10.647  -5.506  13.263  1.00 19.25 ? 11  DC  B "C5'" 1 
ATOM   206 C  "C4'" . DC  B 1 5 ? 10.973  -6.064  11.833  1.00 15.07 ? 11  DC  B "C4'" 1 
ATOM   207 O  "O4'" . DC  B 1 5 ? 10.751  -4.891  10.932  1.00 17.23 ? 11  DC  B "O4'" 1 
ATOM   208 C  "C3'" . DC  B 1 5 ? 12.352  -6.475  11.596  1.00 14.14 ? 11  DC  B "C3'" 1 
ATOM   209 O  "O3'" . DC  B 1 5 ? 12.260  -7.698  10.902  1.00 15.70 ? 11  DC  B "O3'" 1 
ATOM   210 C  "C2'" . DC  B 1 5 ? 13.029  -5.507  10.664  1.00 15.56 ? 11  DC  B "C2'" 1 
ATOM   211 C  "C1'" . DC  B 1 5 ? 11.726  -4.938  9.931   1.00 15.43 ? 11  DC  B "C1'" 1 
ATOM   212 N  N1    . DC  B 1 5 ? 12.008  -3.685  9.232   1.00 13.01 ? 11  DC  B N1    1 
ATOM   213 C  C2    . DC  B 1 5 ? 11.375  -3.466  7.991   1.00 12.45 ? 11  DC  B C2    1 
ATOM   214 O  O2    . DC  B 1 5 ? 10.621  -4.289  7.534   1.00 11.19 ? 11  DC  B O2    1 
ATOM   215 N  N3    . DC  B 1 5 ? 11.636  -2.312  7.306   1.00 12.52 ? 11  DC  B N3    1 
ATOM   216 C  C4    . DC  B 1 5 ? 12.456  -1.411  7.815   1.00 13.51 ? 11  DC  B C4    1 
ATOM   217 N  N4    . DC  B 1 5 ? 12.745  -0.244  7.175   1.00 14.67 ? 11  DC  B N4    1 
ATOM   218 C  C5    . DC  B 1 5 ? 13.121  -1.612  9.081   1.00 16.01 ? 11  DC  B C5    1 
ATOM   219 C  C6    . DC  B 1 5 ? 12.850  -2.734  9.716   1.00 15.50 ? 11  DC  B C6    1 
ATOM   220 P  P     . DA  B 1 6 ? 12.261  -9.210  11.573  1.00 18.59 ? 12  DA  B P     1 
ATOM   221 O  OP1   . DA  B 1 6 ? 11.128  -9.249  12.448  1.00 21.30 ? 12  DA  B OP1   1 
ATOM   222 O  OP2   . DA  B 1 6 ? 13.601  -9.401  12.066  1.00 19.09 ? 12  DA  B OP2   1 
ATOM   223 O  "O5'" . DA  B 1 6 ? 12.019  -10.209 10.332  1.00 15.83 ? 12  DA  B "O5'" 1 
ATOM   224 C  "C5'" . DA  B 1 6 ? 10.756  -10.372 9.773   1.00 14.87 ? 12  DA  B "C5'" 1 
ATOM   225 C  "C4'" . DA  B 1 6 ? 11.018  -11.002 8.380   1.00 17.77 ? 12  DA  B "C4'" 1 
ATOM   226 O  "O4'" . DA  B 1 6 ? 11.610  -10.000 7.476   1.00 16.51 ? 12  DA  B "O4'" 1 
ATOM   227 C  "C3'" . DA  B 1 6 ? 11.918  -12.164 8.300   1.00 17.65 ? 12  DA  B "C3'" 1 
ATOM   228 O  "O3'" . DA  B 1 6 ? 11.351  -12.953 7.286   1.00 23.75 ? 12  DA  B "O3'" 1 
ATOM   229 C  "C2'" . DA  B 1 6 ? 13.263  -11.711 7.799   1.00 17.25 ? 12  DA  B "C2'" 1 
ATOM   230 C  "C1'" . DA  B 1 6 ? 12.840  -10.469 6.921   1.00 17.25 ? 12  DA  B "C1'" 1 
ATOM   231 N  N9    . DA  B 1 6 ? 13.790  -9.347  6.923   1.00 14.81 ? 12  DA  B N9    1 
ATOM   232 C  C8    . DA  B 1 6 ? 14.304  -8.668  7.996   1.00 10.60 ? 12  DA  B C8    1 
ATOM   233 N  N7    . DA  B 1 6 ? 15.129  -7.699  7.721   1.00 15.27 ? 12  DA  B N7    1 
ATOM   234 C  C5    . DA  B 1 6 ? 15.166  -7.736  6.313   1.00 12.23 ? 12  DA  B C5    1 
ATOM   235 C  C6    . DA  B 1 6 ? 15.905  -6.894  5.446   1.00 10.65 ? 12  DA  B C6    1 
ATOM   236 N  N6    . DA  B 1 6 ? 16.725  -5.904  5.795   1.00 13.15 ? 12  DA  B N6    1 
ATOM   237 N  N1    . DA  B 1 6 ? 15.705  -7.210  4.158   1.00 14.72 ? 12  DA  B N1    1 
ATOM   238 C  C2    . DA  B 1 6 ? 14.896  -8.194  3.782   1.00 11.48 ? 12  DA  B C2    1 
ATOM   239 N  N3    . DA  B 1 6 ? 14.133  -9.062  4.514   1.00 14.03 ? 12  DA  B N3    1 
ATOM   240 C  C4    . DA  B 1 6 ? 14.368  -8.716  5.827   1.00 12.40 ? 12  DA  B C4    1 
ATOM   241 O  "O5'" . DT  C 1 1 ? -17.413 -5.319  -15.026 1.00 23.67 ? 13  DT  C "O5'" 1 
ATOM   242 C  "C5'" . DT  C 1 1 ? -17.444 -4.916  -13.697 1.00 24.93 ? 13  DT  C "C5'" 1 
ATOM   243 C  "C4'" . DT  C 1 1 ? -18.934 -5.097  -13.282 1.00 21.54 ? 13  DT  C "C4'" 1 
ATOM   244 O  "O4'" . DT  C 1 1 ? -19.267 -6.559  -13.337 1.00 22.81 ? 13  DT  C "O4'" 1 
ATOM   245 C  "C3'" . DT  C 1 1 ? -19.250 -4.732  -11.911 1.00 24.55 ? 13  DT  C "C3'" 1 
ATOM   246 O  "O3'" . DT  C 1 1 ? -20.576 -4.263  -11.877 1.00 24.04 ? 13  DT  C "O3'" 1 
ATOM   247 C  "C2'" . DT  C 1 1 ? -19.166 -5.942  -11.027 1.00 24.78 ? 13  DT  C "C2'" 1 
ATOM   248 C  "C1'" . DT  C 1 1 ? -19.077 -7.125  -12.048 1.00 20.26 ? 13  DT  C "C1'" 1 
ATOM   249 N  N1    . DT  C 1 1 ? -17.818 -7.884  -11.957 1.00 17.98 ? 13  DT  C N1    1 
ATOM   250 C  C2    . DT  C 1 1 ? -17.415 -8.402  -10.720 1.00 16.12 ? 13  DT  C C2    1 
ATOM   251 O  O2    . DT  C 1 1 ? -18.020 -8.268  -9.655  1.00 16.46 ? 13  DT  C O2    1 
ATOM   252 N  N3    . DT  C 1 1 ? -16.228 -9.082  -10.762 1.00 13.29 ? 13  DT  C N3    1 
ATOM   253 C  C4    . DT  C 1 1 ? -15.408 -9.343  -11.834 1.00 14.60 ? 13  DT  C C4    1 
ATOM   254 O  O4    . DT  C 1 1 ? -14.360 -9.983  -11.726 1.00 16.64 ? 13  DT  C O4    1 
ATOM   255 C  C5    . DT  C 1 1 ? -15.895 -8.789  -13.092 1.00 14.15 ? 13  DT  C C5    1 
ATOM   256 C  C7    . DT  C 1 1 ? -15.058 -9.011  -14.330 1.00 18.47 ? 13  DT  C C7    1 
ATOM   257 C  C6    . DT  C 1 1 ? -17.030 -8.106  -13.060 1.00 15.25 ? 13  DT  C C6    1 
ATOM   258 P  P     . DG  C 1 2 ? -20.858 -2.617  -11.721 1.00 25.57 ? 14  DG  C P     1 
ATOM   259 O  OP1   . DG  C 1 2 ? -22.167 -2.553  -11.200 1.00 24.55 ? 14  DG  C OP1   1 
ATOM   260 O  OP2   . DG  C 1 2 ? -20.306 -2.034  -12.880 1.00 26.36 ? 14  DG  C OP2   1 
ATOM   261 O  "O5'" . DG  C 1 2 ? -19.842 -2.192  -10.489 1.00 22.21 ? 14  DG  C "O5'" 1 
ATOM   262 C  "C5'" . DG  C 1 2 ? -20.195 -2.815  -9.309  1.00 21.63 ? 14  DG  C "C5'" 1 
ATOM   263 C  "C4'" . DG  C 1 2 ? -19.118 -2.272  -8.320  1.00 20.03 ? 14  DG  C "C4'" 1 
ATOM   264 O  "O4'" . DG  C 1 2 ? -17.856 -2.979  -8.646  1.00 17.51 ? 14  DG  C "O4'" 1 
ATOM   265 C  "C3'" . DG  C 1 2 ? -18.794 -0.843  -8.408  1.00 21.78 ? 14  DG  C "C3'" 1 
ATOM   266 O  "O3'" . DG  C 1 2 ? -18.854 -0.379  -7.078  1.00 26.40 ? 14  DG  C "O3'" 1 
ATOM   267 C  "C2'" . DG  C 1 2 ? -17.355 -0.668  -8.852  1.00 15.51 ? 14  DG  C "C2'" 1 
ATOM   268 C  "C1'" . DG  C 1 2 ? -16.788 -2.094  -8.485  1.00 13.38 ? 14  DG  C "C1'" 1 
ATOM   269 N  N9    . DG  C 1 2 ? -15.633 -2.482  -9.313  1.00 13.73 ? 14  DG  C N9    1 
ATOM   270 C  C8    . DG  C 1 2 ? -15.496 -2.451  -10.678 1.00 10.93 ? 14  DG  C C8    1 
ATOM   271 N  N7    . DG  C 1 2 ? -14.339 -2.870  -11.078 1.00 10.44 ? 14  DG  C N7    1 
ATOM   272 C  C5    . DG  C 1 2 ? -13.641 -3.203  -9.919  1.00 10.03 ? 14  DG  C C5    1 
ATOM   273 C  C6    . DG  C 1 2 ? -12.359 -3.697  -9.730  1.00 11.31 ? 14  DG  C C6    1 
ATOM   274 O  O6    . DG  C 1 2 ? -11.468 -3.987  -10.553 1.00 10.98 ? 14  DG  C O6    1 
ATOM   275 N  N1    . DG  C 1 2 ? -12.047 -3.904  -8.364  1.00 10.49 ? 14  DG  C N1    1 
ATOM   276 C  C2    . DG  C 1 2 ? -12.925 -3.637  -7.338  1.00 10.93 ? 14  DG  C C2    1 
ATOM   277 N  N2    . DG  C 1 2 ? -12.456 -3.894  -6.092  1.00 11.36 ? 14  DG  C N2    1 
ATOM   278 N  N3    . DG  C 1 2 ? -14.136 -3.164  -7.500  1.00 11.15 ? 14  DG  C N3    1 
ATOM   279 C  C4    . DG  C 1 2 ? -14.448 -2.962  -8.816  1.00 14.33 ? 14  DG  C C4    1 
ATOM   280 P  P     . DT  C 1 3 ? -18.996 1.131   -6.354  1.00 28.48 ? 15  DT  C P     1 
ATOM   281 O  OP1   . DT  C 1 3 ? -20.076 0.848   -5.451  1.00 36.71 ? 15  DT  C OP1   1 
ATOM   282 O  OP2   . DT  C 1 3 ? -18.755 2.033   -7.415  1.00 25.68 ? 15  DT  C OP2   1 
ATOM   283 O  "O5'" . DT  C 1 3 ? -17.665 1.241   -5.428  1.00 25.88 ? 15  DT  C "O5'" 1 
ATOM   284 C  "C5'" . DT  C 1 3 ? -17.533 0.361   -4.358  1.00 24.40 ? 15  DT  C "C5'" 1 
ATOM   285 C  "C4'" . DT  C 1 3 ? -16.049 0.599   -3.976  1.00 21.95 ? 15  DT  C "C4'" 1 
ATOM   286 O  "O4'" . DT  C 1 3 ? -15.231 -0.086  -5.007  1.00 19.15 ? 15  DT  C "O4'" 1 
ATOM   287 C  "C3'" . DT  C 1 3 ? -15.519 1.955   -3.952  1.00 22.63 ? 15  DT  C "C3'" 1 
ATOM   288 O  "O3'" . DT  C 1 3 ? -14.939 2.054   -2.670  1.00 29.05 ? 15  DT  C "O3'" 1 
ATOM   289 C  "C2'" . DT  C 1 3 ? -14.325 2.071   -4.866  1.00 19.49 ? 15  DT  C "C2'" 1 
ATOM   290 C  "C1'" . DT  C 1 3 ? -13.972 0.547   -5.034  1.00 17.26 ? 15  DT  C "C1'" 1 
ATOM   291 N  N1    . DT  C 1 3 ? -13.317 0.283   -6.341  1.00 15.10 ? 15  DT  C N1    1 
ATOM   292 C  C2    . DT  C 1 3 ? -12.113 -0.333  -6.325  1.00 12.66 ? 15  DT  C C2    1 
ATOM   293 O  O2    . DT  C 1 3 ? -11.512 -0.675  -5.342  1.00 15.15 ? 15  DT  C O2    1 
ATOM   294 N  N3    . DT  C 1 3 ? -11.570 -0.547  -7.569  1.00 13.55 ? 15  DT  C N3    1 
ATOM   295 C  C4    . DT  C 1 3 ? -12.118 -0.211  -8.773  1.00 16.24 ? 15  DT  C C4    1 
ATOM   296 O  O4    . DT  C 1 3 ? -11.511 -0.465  -9.806  1.00 17.59 ? 15  DT  C O4    1 
ATOM   297 C  C5    . DT  C 1 3 ? -13.406 0.438   -8.719  1.00 17.18 ? 15  DT  C C5    1 
ATOM   298 C  C7    . DT  C 1 3 ? -14.058 0.819   -10.029 1.00 16.67 ? 15  DT  C C7    1 
ATOM   299 C  C6    . DT  C 1 3 ? -13.964 0.656   -7.518  1.00 18.19 ? 15  DT  C C6    1 
ATOM   300 P  P     . DA  C 1 4 ? -14.386 3.337   -1.767  1.00 31.61 ? 16  DA  C P     1 
ATOM   301 O  OP1   . DA  C 1 4 ? -14.999 3.096   -0.490  1.00 36.76 ? 16  DA  C OP1   1 
ATOM   302 O  OP2   . DA  C 1 4 ? -14.325 4.394   -2.721  1.00 27.27 ? 16  DA  C OP2   1 
ATOM   303 O  "O5'" . DA  C 1 4 ? -12.823 2.882   -1.506  1.00 29.87 ? 16  DA  C "O5'" 1 
ATOM   304 C  "C5'" . DA  C 1 4 ? -12.530 1.769   -0.722  1.00 26.67 ? 16  DA  C "C5'" 1 
ATOM   305 C  "C4'" . DA  C 1 4 ? -10.977 1.788   -0.887  1.00 27.60 ? 16  DA  C "C4'" 1 
ATOM   306 O  "O4'" . DA  C 1 4 ? -10.720 1.222   -2.237  1.00 28.53 ? 16  DA  C "O4'" 1 
ATOM   307 C  "C3'" . DA  C 1 4 ? -10.348 3.108   -0.936  1.00 30.39 ? 16  DA  C "C3'" 1 
ATOM   308 O  "O3'" . DA  C 1 4 ? -9.615  3.228   0.256   1.00 35.75 ? 16  DA  C "O3'" 1 
ATOM   309 C  "C2'" . DA  C 1 4 ? -9.312  3.157   -2.017  1.00 26.27 ? 16  DA  C "C2'" 1 
ATOM   310 C  "C1'" . DA  C 1 4 ? -9.506  1.792   -2.732  1.00 25.65 ? 16  DA  C "C1'" 1 
ATOM   311 N  N9    . DA  C 1 4 ? -9.663  1.916   -4.188  1.00 22.02 ? 16  DA  C N9    1 
ATOM   312 C  C8    . DA  C 1 4 ? -10.734 2.468   -4.857  1.00 17.19 ? 16  DA  C C8    1 
ATOM   313 N  N7    . DA  C 1 4 ? -10.568 2.414   -6.155  1.00 17.98 ? 16  DA  C N7    1 
ATOM   314 C  C5    . DA  C 1 4 ? -9.353  1.808   -6.343  1.00 19.41 ? 16  DA  C C5    1 
ATOM   315 C  C6    . DA  C 1 4 ? -8.609  1.473   -7.513  1.00 20.55 ? 16  DA  C C6    1 
ATOM   316 N  N6    . DA  C 1 4 ? -9.059  1.728   -8.744  1.00 15.29 ? 16  DA  C N6    1 
ATOM   317 N  N1    . DA  C 1 4 ? -7.429  0.882   -7.319  1.00 15.67 ? 16  DA  C N1    1 
ATOM   318 C  C2    . DA  C 1 4 ? -6.966  0.612   -6.099  1.00 18.44 ? 16  DA  C C2    1 
ATOM   319 N  N3    . DA  C 1 4 ? -7.588  0.889   -4.946  1.00 17.49 ? 16  DA  C N3    1 
ATOM   320 C  C4    . DA  C 1 4 ? -8.758  1.485   -5.139  1.00 19.09 ? 16  DA  C C4    1 
ATOM   321 P  P     . DC  C 1 5 ? -8.918  4.665   0.819   1.00 37.61 ? 17  DC  C P     1 
ATOM   322 O  OP1   . DC  C 1 5 ? -8.431  4.208   2.096   1.00 38.69 ? 17  DC  C OP1   1 
ATOM   323 O  OP2   . DC  C 1 5 ? -9.730  5.629   0.122   1.00 29.75 ? 17  DC  C OP2   1 
ATOM   324 O  "O5'" . DC  C 1 5 ? -7.493  4.718   -0.059  1.00 26.44 ? 17  DC  C "O5'" 1 
ATOM   325 C  "C5'" . DC  C 1 5 ? -6.456  3.881   0.316   1.00 20.67 ? 17  DC  C "C5'" 1 
ATOM   326 C  "C4'" . DC  C 1 5 ? -5.316  4.339   -0.654  1.00 20.75 ? 17  DC  C "C4'" 1 
ATOM   327 O  "O4'" . DC  C 1 5 ? -5.815  3.831   -1.978  1.00 21.05 ? 17  DC  C "O4'" 1 
ATOM   328 C  "C3'" . DC  C 1 5 ? -5.054  5.752   -0.831  1.00 19.33 ? 17  DC  C "C3'" 1 
ATOM   329 O  "O3'" . DC  C 1 5 ? -3.659  5.950   -0.942  1.00 17.13 ? 17  DC  C "O3'" 1 
ATOM   330 C  "C2'" . DC  C 1 5 ? -5.578  6.201   -2.173  1.00 17.29 ? 17  DC  C "C2'" 1 
ATOM   331 C  "C1'" . DC  C 1 5 ? -5.537  4.795   -2.931  1.00 17.08 ? 17  DC  C "C1'" 1 
ATOM   332 N  N1    . DC  C 1 5 ? -6.444  4.854   -4.094  1.00 16.68 ? 17  DC  C N1    1 
ATOM   333 C  C2    . DC  C 1 5 ? -5.932  4.263   -5.263  1.00 14.34 ? 17  DC  C C2    1 
ATOM   334 O  O2    . DC  C 1 5 ? -4.807  3.728   -5.231  1.00 15.40 ? 17  DC  C O2    1 
ATOM   335 N  N3    . DC  C 1 5 ? -6.725  4.323   -6.322  1.00 15.39 ? 17  DC  C N3    1 
ATOM   336 C  C4    . DC  C 1 5 ? -7.914  4.910   -6.311  1.00 16.78 ? 17  DC  C C4    1 
ATOM   337 N  N4    . DC  C 1 5 ? -8.615  4.886   -7.447  1.00 21.44 ? 17  DC  C N4    1 
ATOM   338 C  C5    . DC  C 1 5 ? -8.450  5.507   -5.148  1.00 18.28 ? 17  DC  C C5    1 
ATOM   339 C  C6    . DC  C 1 5 ? -7.664  5.460   -4.051  1.00 17.62 ? 17  DC  C C6    1 
ATOM   340 P  P     . DA  C 1 6 ? -2.677  6.443   0.302   1.00 20.77 ? 18  DA  C P     1 
ATOM   341 O  OP1   . DA  C 1 6 ? -2.761  5.366   1.226   1.00 26.18 ? 18  DA  C OP1   1 
ATOM   342 O  OP2   . DA  C 1 6 ? -3.092  7.771   0.583   1.00 23.08 ? 18  DA  C OP2   1 
ATOM   343 O  "O5'" . DA  C 1 6 ? -1.203  6.471   -0.369  1.00 22.11 ? 18  DA  C "O5'" 1 
ATOM   344 C  "C5'" . DA  C 1 6 ? -0.499  5.299   -0.642  1.00 20.33 ? 18  DA  C "C5'" 1 
ATOM   345 C  "C4'" . DA  C 1 6 ? 0.620   5.816   -1.608  1.00 19.73 ? 18  DA  C "C4'" 1 
ATOM   346 O  "O4'" . DA  C 1 6 ? -0.033  5.873   -2.944  1.00 20.33 ? 18  DA  C "O4'" 1 
ATOM   347 C  "C3'" . DA  C 1 6 ? 1.173   7.150   -1.429  1.00 22.06 ? 18  DA  C "C3'" 1 
ATOM   348 O  "O3'" . DA  C 1 6 ? 2.440   6.986   -0.850  1.00 27.64 ? 18  DA  C "O3'" 1 
ATOM   349 C  "C2'" . DA  C 1 6 ? 1.490   7.746   -2.779  1.00 21.05 ? 18  DA  C "C2'" 1 
ATOM   350 C  "C1'" . DA  C 1 6 ? 0.470   6.989   -3.672  1.00 19.44 ? 18  DA  C "C1'" 1 
ATOM   351 N  N9    . DA  C 1 6 ? -0.698  7.772   -4.109  1.00 16.64 ? 18  DA  C N9    1 
ATOM   352 C  C8    . DA  C 1 6 ? -1.796  8.188   -3.422  1.00 15.24 ? 18  DA  C C8    1 
ATOM   353 N  N7    . DA  C 1 6 ? -2.655  8.864   -4.152  1.00 18.31 ? 18  DA  C N7    1 
ATOM   354 C  C5    . DA  C 1 6 ? -2.049  8.877   -5.408  1.00 13.13 ? 18  DA  C C5    1 
ATOM   355 C  C6    . DA  C 1 6 ? -2.432  9.442   -6.657  1.00 14.33 ? 18  DA  C C6    1 
ATOM   356 N  N6    . DA  C 1 6 ? -3.561  10.109  -6.799  1.00 17.48 ? 18  DA  C N6    1 
ATOM   357 N  N1    . DA  C 1 6 ? -1.612  9.256   -7.672  1.00 16.66 ? 18  DA  C N1    1 
ATOM   358 C  C2    . DA  C 1 6 ? -0.480  8.592   -7.530  1.00 17.74 ? 18  DA  C C2    1 
ATOM   359 N  N3    . DA  C 1 6 ? 0.025   8.002   -6.403  1.00 17.07 ? 18  DA  C N3    1 
ATOM   360 C  C4    . DA  C 1 6 ? -0.856  8.218   -5.406  1.00 14.06 ? 18  DA  C C4    1 
ATOM   361 O  "O5'" . DT  D 1 1 ? -4.543  7.725   -16.312 1.00 59.60 ? 19  DT  D "O5'" 1 
ATOM   362 C  "C5'" . DT  D 1 1 ? -3.911  8.706   -15.572 1.00 44.82 ? 19  DT  D "C5'" 1 
ATOM   363 C  "C4'" . DT  D 1 1 ? -2.396  8.370   -15.715 1.00 37.76 ? 19  DT  D "C4'" 1 
ATOM   364 O  "O4'" . DT  D 1 1 ? -1.678  9.444   -14.977 1.00 32.23 ? 19  DT  D "O4'" 1 
ATOM   365 C  "C3'" . DT  D 1 1 ? -1.889  7.138   -15.122 1.00 34.73 ? 19  DT  D "C3'" 1 
ATOM   366 O  "O3'" . DT  D 1 1 ? -0.785  6.807   -15.926 1.00 33.56 ? 19  DT  D "O3'" 1 
ATOM   367 C  "C2'" . DT  D 1 1 ? -1.321  7.392   -13.754 1.00 29.81 ? 19  DT  D "C2'" 1 
ATOM   368 C  "C1'" . DT  D 1 1 ? -1.325  8.963   -13.699 1.00 27.34 ? 19  DT  D "C1'" 1 
ATOM   369 N  N1    . DT  D 1 1 ? -2.168  9.480   -12.614 1.00 18.66 ? 19  DT  D N1    1 
ATOM   370 C  C2    . DT  D 1 1 ? -1.646  9.318   -11.330 1.00 15.69 ? 19  DT  D C2    1 
ATOM   371 O  O2    . DT  D 1 1 ? -0.567  8.790   -11.220 1.00 21.93 ? 19  DT  D O2    1 
ATOM   372 N  N3    . DT  D 1 1 ? -2.419  9.798   -10.331 1.00 17.55 ? 19  DT  D N3    1 
ATOM   373 C  C4    . DT  D 1 1 ? -3.632  10.414  -10.418 1.00 18.72 ? 19  DT  D C4    1 
ATOM   374 O  O4    . DT  D 1 1 ? -4.245  10.808  -9.423  1.00 19.94 ? 19  DT  D O4    1 
ATOM   375 C  C5    . DT  D 1 1 ? -4.127  10.541  -11.792 1.00 20.01 ? 19  DT  D C5    1 
ATOM   376 C  C7    . DT  D 1 1 ? -5.448  11.199  -12.016 1.00 22.79 ? 19  DT  D C7    1 
ATOM   377 C  C6    . DT  D 1 1 ? -3.382  10.083  -12.789 1.00 20.24 ? 19  DT  D C6    1 
ATOM   378 P  P     . DG  D 1 2 ? -0.699  5.332   -16.734 1.00 34.66 ? 20  DG  D P     1 
ATOM   379 O  OP1   . DG  D 1 2 ? 0.671   5.297   -17.134 1.00 37.08 ? 20  DG  D OP1   1 
ATOM   380 O  OP2   . DG  D 1 2 ? -2.020  5.239   -17.283 1.00 33.85 ? 20  DG  D OP2   1 
ATOM   381 O  "O5'" . DG  D 1 2 ? -0.701  4.302   -15.434 1.00 33.12 ? 20  DG  D "O5'" 1 
ATOM   382 C  "C5'" . DG  D 1 2 ? 0.487   4.281   -14.703 1.00 25.49 ? 20  DG  D "C5'" 1 
ATOM   383 C  "C4'" . DG  D 1 2 ? 0.098   3.241   -13.592 1.00 21.71 ? 20  DG  D "C4'" 1 
ATOM   384 O  "O4'" . DG  D 1 2 ? -1.053  3.841   -12.879 1.00 21.31 ? 20  DG  D "O4'" 1 
ATOM   385 C  "C3'" . DG  D 1 2 ? -0.405  1.955   -14.071 1.00 21.54 ? 20  DG  D "C3'" 1 
ATOM   386 O  "O3'" . DG  D 1 2 ? 0.340   1.037   -13.335 1.00 24.52 ? 20  DG  D "O3'" 1 
ATOM   387 C  "C2'" . DG  D 1 2 ? -1.852  1.782   -13.685 1.00 21.26 ? 20  DG  D "C2'" 1 
ATOM   388 C  "C1'" . DG  D 1 2 ? -1.923  2.806   -12.476 1.00 21.84 ? 20  DG  D "C1'" 1 
ATOM   389 N  N9    . DG  D 1 2 ? -3.254  3.329   -12.187 1.00 19.33 ? 20  DG  D N9    1 
ATOM   390 C  C8    . DG  D 1 2 ? -4.197  3.914   -12.965 1.00 16.19 ? 20  DG  D C8    1 
ATOM   391 N  N7    . DG  D 1 2 ? -5.300  4.275   -12.387 1.00 16.20 ? 20  DG  D N7    1 
ATOM   392 C  C5    . DG  D 1 2 ? -5.080  3.894   -11.065 1.00 15.81 ? 20  DG  D C5    1 
ATOM   393 C  C6    . DG  D 1 2 ? -5.973  4.048   -9.967  1.00 15.62 ? 20  DG  D C6    1 
ATOM   394 O  O6    . DG  D 1 2 ? -7.103  4.540   -9.930  1.00 18.02 ? 20  DG  D O6    1 
ATOM   395 N  N1    . DG  D 1 2 ? -5.344  3.526   -8.824  1.00 15.34 ? 20  DG  D N1    1 
ATOM   396 C  C2    . DG  D 1 2 ? -4.101  2.975   -8.781  1.00 14.40 ? 20  DG  D C2    1 
ATOM   397 N  N2    . DG  D 1 2 ? -3.695  2.530   -7.541  1.00 15.26 ? 20  DG  D N2    1 
ATOM   398 N  N3    . DG  D 1 2 ? -3.237  2.816   -9.818  1.00 15.01 ? 20  DG  D N3    1 
ATOM   399 C  C4    . DG  D 1 2 ? -3.851  3.320   -10.916 1.00 16.93 ? 20  DG  D C4    1 
ATOM   400 P  P     . DT  D 1 3 ? 0.777   -0.523  -13.682 1.00 26.68 ? 21  DT  D P     1 
ATOM   401 O  OP1   . DT  D 1 3 ? 2.181   -0.508  -13.473 1.00 33.56 ? 21  DT  D OP1   1 
ATOM   402 O  OP2   . DT  D 1 3 ? -0.057  -0.817  -14.796 1.00 29.05 ? 21  DT  D OP2   1 
ATOM   403 O  "O5'" . DT  D 1 3 ? 0.127   -1.334  -12.403 1.00 24.12 ? 21  DT  D "O5'" 1 
ATOM   404 C  "C5'" . DT  D 1 3 ? 0.783   -1.110  -11.221 1.00 22.98 ? 21  DT  D "C5'" 1 
ATOM   405 C  "C4'" . DT  D 1 3 ? -0.171  -1.693  -10.143 1.00 22.30 ? 21  DT  D "C4'" 1 
ATOM   406 O  "O4'" . DT  D 1 3 ? -1.323  -0.766  -10.102 1.00 21.76 ? 21  DT  D "O4'" 1 
ATOM   407 C  "C3'" . DT  D 1 3 ? -0.763  -3.014  -10.358 1.00 23.60 ? 21  DT  D "C3'" 1 
ATOM   408 O  "O3'" . DT  D 1 3 ? -0.474  -3.735  -9.188  1.00 27.92 ? 21  DT  D "O3'" 1 
ATOM   409 C  "C2'" . DT  D 1 3 ? -2.257  -2.908  -10.443 1.00 18.15 ? 21  DT  D "C2'" 1 
ATOM   410 C  "C1'" . DT  D 1 3 ? -2.457  -1.532  -9.708  1.00 20.52 ? 21  DT  D "C1'" 1 
ATOM   411 N  N1    . DT  D 1 3 ? -3.695  -0.831  -10.047 1.00 20.10 ? 21  DT  D N1    1 
ATOM   412 C  C2    . DT  D 1 3 ? -4.567  -0.511  -9.029  1.00 18.45 ? 21  DT  D C2    1 
ATOM   413 O  O2    . DT  D 1 3 ? -4.300  -0.821  -7.881  1.00 20.11 ? 21  DT  D O2    1 
ATOM   414 N  N3    . DT  D 1 3 ? -5.697  0.145   -9.421  1.00 15.25 ? 21  DT  D N3    1 
ATOM   415 C  C4    . DT  D 1 3 ? -6.077  0.528   -10.686 1.00 18.95 ? 21  DT  D C4    1 
ATOM   416 O  O4    . DT  D 1 3 ? -7.111  1.108   -10.903 1.00 20.86 ? 21  DT  D O4    1 
ATOM   417 C  C5    . DT  D 1 3 ? -5.114  0.170   -11.708 1.00 17.88 ? 21  DT  D C5    1 
ATOM   418 C  C7    . DT  D 1 3 ? -5.421  0.535   -13.150 1.00 25.84 ? 21  DT  D C7    1 
ATOM   419 C  C6    . DT  D 1 3 ? -4.025  -0.459  -11.335 1.00 19.61 ? 21  DT  D C6    1 
ATOM   420 P  P     . DA  D 1 4 ? -0.587  -5.394  -9.009  1.00 31.61 ? 22  DA  D P     1 
ATOM   421 O  OP1   . DA  D 1 4 ? 0.607   -5.718  -8.306  1.00 36.46 ? 22  DA  D OP1   1 
ATOM   422 O  OP2   . DA  D 1 4 ? -1.244  -5.798  -10.208 1.00 32.84 ? 22  DA  D OP2   1 
ATOM   423 O  "O5'" . DA  D 1 4 ? -1.802  -5.476  -7.873  1.00 31.45 ? 22  DA  D "O5'" 1 
ATOM   424 C  "C5'" . DA  D 1 4 ? -1.433  -4.971  -6.640  1.00 28.16 ? 22  DA  D "C5'" 1 
ATOM   425 C  "C4'" . DA  D 1 4 ? -2.720  -5.128  -5.789  1.00 22.33 ? 22  DA  D "C4'" 1 
ATOM   426 O  "O4'" . DA  D 1 4 ? -3.519  -3.917  -6.071  1.00 20.04 ? 22  DA  D "O4'" 1 
ATOM   427 C  "C3'" . DA  D 1 4 ? -3.658  -6.217  -6.032  1.00 25.11 ? 22  DA  D "C3'" 1 
ATOM   428 O  "O3'" . DA  D 1 4 ? -3.433  -7.118  -4.988  1.00 34.59 ? 22  DA  D "O3'" 1 
ATOM   429 C  "C2'" . DA  D 1 4 ? -5.043  -5.747  -5.659  1.00 22.93 ? 22  DA  D "C2'" 1 
ATOM   430 C  "C1'" . DA  D 1 4 ? -4.893  -4.230  -5.867  1.00 22.04 ? 22  DA  D "C1'" 1 
ATOM   431 N  N9    . DA  D 1 4 ? -5.607  -3.737  -7.065  1.00 17.86 ? 22  DA  D N9    1 
ATOM   432 C  C8    . DA  D 1 4 ? -5.207  -3.780  -8.367  1.00 17.19 ? 22  DA  D C8    1 
ATOM   433 N  N7    . DA  D 1 4 ? -6.063  -3.256  -9.200  1.00 13.73 ? 22  DA  D N7    1 
ATOM   434 C  C5    . DA  D 1 4 ? -7.092  -2.833  -8.346  1.00 15.52 ? 22  DA  D C5    1 
ATOM   435 C  C6    . DA  D 1 4 ? -8.311  -2.199  -8.563  1.00 14.93 ? 22  DA  D C6    1 
ATOM   436 N  N6    . DA  D 1 4 ? -8.741  -1.844  -9.772  1.00 11.68 ? 22  DA  D N6    1 
ATOM   437 N  N1    . DA  D 1 4 ? -9.118  -1.923  -7.511  1.00 14.43 ? 22  DA  D N1    1 
ATOM   438 C  C2    . DA  D 1 4 ? -8.683  -2.284  -6.283  1.00 16.86 ? 22  DA  D C2    1 
ATOM   439 N  N3    . DA  D 1 4 ? -7.546  -2.898  -5.952  1.00 18.06 ? 22  DA  D N3    1 
ATOM   440 C  C4    . DA  D 1 4 ? -6.808  -3.134  -7.039  1.00 15.35 ? 22  DA  D C4    1 
ATOM   441 P  P     . DC  D 1 5 ? -3.908  -8.723  -5.082  1.00 40.52 ? 23  DC  D P     1 
ATOM   442 O  OP1   . DC  D 1 5 ? -3.341  -9.136  -3.806  1.00 44.04 ? 23  DC  D OP1   1 
ATOM   443 O  OP2   . DC  D 1 5 ? -3.911  -8.967  -6.508  1.00 30.42 ? 23  DC  D OP2   1 
ATOM   444 O  "O5'" . DC  D 1 5 ? -5.536  -8.693  -4.762  1.00 28.93 ? 23  DC  D "O5'" 1 
ATOM   445 C  "C5'" . DC  D 1 5 ? -5.816  -8.565  -3.418  1.00 23.39 ? 23  DC  D "C5'" 1 
ATOM   446 C  "C4'" . DC  D 1 5 ? -7.377  -8.543  -3.449  1.00 18.10 ? 23  DC  D "C4'" 1 
ATOM   447 O  "O4'" . DC  D 1 5 ? -7.687  -7.373  -4.327  1.00 17.62 ? 23  DC  D "O4'" 1 
ATOM   448 C  "C3'" . DC  D 1 5 ? -8.032  -9.697  -4.064  1.00 18.71 ? 23  DC  D "C3'" 1 
ATOM   449 O  "O3'" . DC  D 1 5 ? -9.213  -9.864  -3.308  1.00 18.42 ? 23  DC  D "O3'" 1 
ATOM   450 C  "C2'" . DC  D 1 5 ? -8.471  -9.308  -5.464  1.00 15.44 ? 23  DC  D "C2'" 1 
ATOM   451 C  "C1'" . DC  D 1 5 ? -8.639  -7.727  -5.256  1.00 13.82 ? 23  DC  D "C1'" 1 
ATOM   452 N  N1    . DC  D 1 5 ? -8.640  -7.031  -6.558  1.00 13.02 ? 23  DC  D N1    1 
ATOM   453 C  C2    . DC  D 1 5 ? -9.589  -6.036  -6.766  1.00 11.85 ? 23  DC  D C2    1 
ATOM   454 O  O2    . DC  D 1 5 ? -10.449 -5.664  -5.928  1.00 12.93 ? 23  DC  D O2    1 
ATOM   455 N  N3    . DC  D 1 5 ? -9.599  -5.409  -7.991  1.00 12.29 ? 23  DC  D N3    1 
ATOM   456 C  C4    . DC  D 1 5 ? -8.721  -5.740  -8.932  1.00 15.47 ? 23  DC  D C4    1 
ATOM   457 N  N4    . DC  D 1 5 ? -8.770  -5.089  -10.119 1.00 12.74 ? 23  DC  D N4    1 
ATOM   458 C  C5    . DC  D 1 5 ? -7.732  -6.753  -8.746  1.00 15.74 ? 23  DC  D C5    1 
ATOM   459 C  C6    . DC  D 1 5 ? -7.752  -7.369  -7.532  1.00 17.52 ? 23  DC  D C6    1 
ATOM   460 P  P     . DA  D 1 6 ? -9.287  -10.934 -1.996  1.00 23.00 ? 24  DA  D P     1 
ATOM   461 O  OP1   . DA  D 1 6 ? -8.598  -10.181 -0.991  1.00 29.12 ? 24  DA  D OP1   1 
ATOM   462 O  OP2   . DA  D 1 6 ? -9.128  -12.174 -2.645  1.00 25.89 ? 24  DA  D OP2   1 
ATOM   463 O  "O5'" . DA  D 1 6 ? -10.895 -10.823 -1.630  1.00 16.36 ? 24  DA  D "O5'" 1 
ATOM   464 C  "C5'" . DA  D 1 6 ? -11.322 -9.682  -1.006  1.00 14.24 ? 24  DA  D "C5'" 1 
ATOM   465 C  "C4'" . DA  D 1 6 ? -12.855 -9.683  -1.189  1.00 14.68 ? 24  DA  D "C4'" 1 
ATOM   466 O  "O4'" . DA  D 1 6 ? -13.173 -9.357  -2.594  1.00 14.62 ? 24  DA  D "O4'" 1 
ATOM   467 C  "C3'" . DA  D 1 6 ? -13.578 -10.952 -0.950  1.00 13.78 ? 24  DA  D "C3'" 1 
ATOM   468 O  "O3'" . DA  D 1 6 ? -14.812 -10.482 -0.455  1.00 18.15 ? 24  DA  D "O3'" 1 
ATOM   469 C  "C2'" . DA  D 1 6 ? -13.880 -11.601 -2.284  1.00 15.38 ? 24  DA  D "C2'" 1 
ATOM   470 C  "C1'" . DA  D 1 6 ? -14.005 -10.320 -3.189  1.00 10.58 ? 24  DA  D "C1'" 1 
ATOM   471 N  N9    . DA  D 1 6 ? -13.524 -10.510 -4.574  1.00 13.93 ? 24  DA  D N9    1 
ATOM   472 C  C8    . DA  D 1 6 ? -12.264 -10.925 -4.967  1.00 15.53 ? 24  DA  D C8    1 
ATOM   473 N  N7    . DA  D 1 6 ? -12.153 -10.996 -6.304  1.00 15.39 ? 24  DA  D N7    1 
ATOM   474 C  C5    . DA  D 1 6 ? -13.387 -10.596 -6.763  1.00 13.59 ? 24  DA  D C5    1 
ATOM   475 C  C6    . DA  D 1 6 ? -13.927 -10.427 -8.071  1.00 14.26 ? 24  DA  D C6    1 
ATOM   476 N  N6    . DA  D 1 6 ? -13.232 -10.687 -9.191  1.00 15.39 ? 24  DA  D N6    1 
ATOM   477 N  N1    . DA  D 1 6 ? -15.176 -10.026 -8.167  1.00 12.78 ? 24  DA  D N1    1 
ATOM   478 C  C2    . DA  D 1 6 ? -15.923 -9.761  -7.091  1.00 11.79 ? 24  DA  D C2    1 
ATOM   479 N  N3    . DA  D 1 6 ? -15.507 -9.873  -5.816  1.00 13.85 ? 24  DA  D N3    1 
ATOM   480 C  C4    . DA  D 1 6 ? -14.239 -10.294 -5.724  1.00 14.68 ? 24  DA  D C4    1 
HETATM 481 C  C1    . NGM E 2 . ? 15.158  -1.652  3.126   1.00 14.04 ? 26  NGM A C1    1 
HETATM 482 C  C2    . NGM E 2 . ? 15.798  -0.898  4.098   1.00 14.79 ? 26  NGM A C2    1 
HETATM 483 C  C3    . NGM E 2 . ? 15.714  -1.298  5.449   1.00 15.26 ? 26  NGM A C3    1 
HETATM 484 C  C4    . NGM E 2 . ? 15.036  -2.465  5.764   1.00 18.14 ? 26  NGM A C4    1 
HETATM 485 C  C5    . NGM E 2 . ? 13.662  -4.463  5.155   1.00 17.01 ? 26  NGM A C5    1 
HETATM 486 C  C6    . NGM E 2 . ? 12.051  -6.256  4.401   1.00 13.62 ? 26  NGM A C6    1 
HETATM 487 C  C7    . NGM E 2 . ? 10.345  -8.031  3.779   1.00 16.16 ? 26  NGM A C7    1 
HETATM 488 C  C8    . NGM E 2 . ? 10.039  -8.976  2.634   1.00 15.38 ? 26  NGM A C8    1 
HETATM 489 C  C9    . NGM E 2 . ? 9.719   -8.185  1.353   1.00 17.58 ? 26  NGM A C9    1 
HETATM 490 C  C10   . NGM E 2 . ? 10.973  -7.427  0.936   1.00 14.59 ? 26  NGM A C10   1 
HETATM 491 C  C11   . NGM E 2 . ? 12.449  -5.593  1.758   1.00 12.34 ? 26  NGM A C11   1 
HETATM 492 C  C12   . NGM E 2 . ? 13.873  -3.648  2.370   1.00 15.59 ? 26  NGM A C12   1 
HETATM 493 C  C13   . NGM E 2 . ? 8.534   -7.358  1.453   1.00 17.25 ? 26  NGM A C13   1 
HETATM 494 C  C14   . NGM E 2 . ? 11.957  -8.157  0.226   1.00 20.61 ? 26  NGM A C14   1 
HETATM 495 C  C15   . NGM E 2 . ? 13.994  -9.441  1.074   1.00 35.24 ? 26  NGM A C15   1 
HETATM 496 C  C16   . NGM E 2 . ? 14.511  -2.841  3.433   1.00 13.59 ? 26  NGM A C16   1 
HETATM 497 C  C17   . NGM E 2 . ? 14.410  -3.252  4.777   1.00 16.74 ? 26  NGM A C17   1 
HETATM 498 C  C18   . NGM E 2 . ? 12.941  -5.229  4.103   1.00 14.22 ? 26  NGM A C18   1 
HETATM 499 C  C19   . NGM E 2 . ? 11.387  -6.987  3.405   1.00 13.33 ? 26  NGM A C19   1 
HETATM 500 C  C20   . NGM E 2 . ? 11.584  -6.632  2.068   1.00 14.32 ? 26  NGM A C20   1 
HETATM 501 C  C21   . NGM E 2 . ? 13.118  -4.869  2.748   1.00 13.22 ? 26  NGM A C21   1 
HETATM 502 C  C22   . NGM E 2 . ? 17.664  0.788   4.572   1.00 21.50 ? 26  NGM A C22   1 
HETATM 503 C  C23   . NGM E 2 . ? 11.878  2.266   2.383   1.00 18.42 ? 26  NGM A C23   1 
HETATM 504 C  C24   . NGM E 2 . ? 13.969  3.938   2.507   1.00 20.05 ? 26  NGM A C24   1 
HETATM 505 C  C25   . NGM E 2 . ? 6.816   -10.815 4.932   1.00 30.62 ? 26  NGM A C25   1 
HETATM 506 C  C26   . NGM E 2 . ? 3.644   -8.794  5.925   1.00 24.74 ? 26  NGM A C26   1 
HETATM 507 C  C27   . NGM E 2 . ? 6.095   -5.173  7.488   1.00 18.80 ? 26  NGM A C27   1 
HETATM 508 C  C28   . NGM E 2 . ? 6.564   -6.298  4.892   1.00 17.70 ? 26  NGM A C28   1 
HETATM 509 C  C29   . NGM E 2 . ? 9.072   -7.243  8.891   1.00 15.89 ? 26  NGM A C29   1 
HETATM 510 C  C30   . NGM E 2 . ? 15.807  -0.010  1.653   1.00 14.81 ? 26  NGM A C30   1 
HETATM 511 C  C31   . NGM E 2 . ? 14.759  1.181   1.500   1.00 14.33 ? 26  NGM A C31   1 
HETATM 512 C  C32   . NGM E 2 . ? 14.306  1.323   3.008   1.00 15.77 ? 26  NGM A C32   1 
HETATM 513 C  C33   . NGM E 2 . ? 15.477  1.733   4.012   1.00 18.03 ? 26  NGM A C33   1 
HETATM 514 C  C34   . NGM E 2 . ? 16.458  0.495   3.822   1.00 19.23 ? 26  NGM A C34   1 
HETATM 515 C  "C1'" . NGM E 2 . ? 8.976   -8.127  5.677   1.00 17.42 ? 26  NGM A "C1'" 1 
HETATM 516 C  "C2'" . NGM E 2 . ? 8.108   -7.227  6.526   1.00 19.23 ? 26  NGM A "C2'" 1 
HETATM 517 C  "C3'" . NGM E 2 . ? 6.687   -7.214  6.002   1.00 20.11 ? 26  NGM A "C3'" 1 
HETATM 518 C  "C4'" . NGM E 2 . ? 6.208   -8.593  5.733   1.00 24.15 ? 26  NGM A "C4'" 1 
HETATM 519 C  "C5'" . NGM E 2 . ? 7.177   -9.420  4.955   1.00 21.19 ? 26  NGM A "C5'" 1 
HETATM 520 N  N1    . NGM E 2 . ? 13.216  2.690   3.068   1.00 19.78 ? 26  NGM A N1    1 
HETATM 521 O  O1    . NGM E 2 . ? 15.127  -1.230  1.775   1.00 16.63 ? 26  NGM A O1    1 
HETATM 522 O  O2    . NGM E 2 . ? 16.869  0.324   2.497   1.00 17.03 ? 26  NGM A O2    1 
HETATM 523 O  O4    . NGM E 2 . ? 15.064  -3.025  7.084   1.00 17.85 ? 26  NGM A O4    1 
HETATM 524 O  O5    . NGM E 2 . ? 13.539  -4.781  6.384   1.00 15.85 ? 26  NGM A O5    1 
HETATM 525 O  O6    . NGM E 2 . ? 11.900  -6.679  5.746   1.00 14.72 ? 26  NGM A O6    1 
HETATM 526 O  O7    . NGM E 2 . ? 9.238   -7.504  4.454   1.00 15.73 ? 26  NGM A O7    1 
HETATM 527 O  O9    . NGM E 2 . ? 9.344   -9.106  0.293   1.00 22.03 ? 26  NGM A O9    1 
HETATM 528 O  O10   . NGM E 2 . ? 12.621  -8.955  0.794   1.00 23.72 ? 26  NGM A O10   1 
HETATM 529 O  O14   . NGM E 2 . ? 12.395  -7.921  -0.953  1.00 20.96 ? 26  NGM A O14   1 
HETATM 530 O  O12   . NGM E 2 . ? 14.044  -3.357  1.144   1.00 16.75 ? 26  NGM A O12   1 
HETATM 531 O  O15   . NGM E 2 . ? 13.705  0.823   0.607   1.00 16.09 ? 26  NGM A O15   1 
HETATM 532 O  O16   . NGM E 2 . ? 14.988  1.812   5.368   1.00 18.30 ? 26  NGM A O16   1 
HETATM 533 O  "O1'" . NGM E 2 . ? 8.402   -9.378  5.606   1.00 18.48 ? 26  NGM A "O1'" 1 
HETATM 534 O  "O2'" . NGM E 2 . ? 8.125   -7.799  7.929   1.00 16.39 ? 26  NGM A "O2'" 1 
HETATM 535 O  "O3'" . NGM E 2 . ? 5.828   -6.550  7.045   1.00 18.70 ? 26  NGM A "O3'" 1 
HETATM 536 O  "O4'" . NGM E 2 . ? 4.857   -8.643  5.094   1.00 27.80 ? 26  NGM A "O4'" 1 
HETATM 537 N  N1    . SPM F 3 . ? 14.410  5.515   -1.295  0.50 26.36 ? 29  SPM A N1    1 
HETATM 538 C  C2    . SPM F 3 . ? 15.102  4.220   -0.836  0.50 29.32 ? 29  SPM A C2    1 
HETATM 539 C  C3    . SPM F 3 . ? 16.167  4.710   0.152   0.50 31.86 ? 29  SPM A C3    1 
HETATM 540 C  C4    . SPM F 3 . ? 17.274  3.594   0.198   0.50 33.65 ? 29  SPM A C4    1 
HETATM 541 N  N5    . SPM F 3 . ? 18.119  4.105   1.446   0.50 35.21 ? 29  SPM A N5    1 
HETATM 542 C  C6    . SPM F 3 . ? 19.574  3.633   1.250   0.50 36.91 ? 29  SPM A C6    1 
HETATM 543 C  C7    . SPM F 3 . ? 19.603  2.100   1.422   0.50 39.69 ? 29  SPM A C7    1 
HETATM 544 C  C8    . SPM F 3 . ? 20.789  1.727   2.388   0.50 40.97 ? 29  SPM A C8    1 
HETATM 545 C  C9    . SPM F 3 . ? 21.039  0.224   2.251   0.50 38.37 ? 29  SPM A C9    1 
HETATM 546 N  N10   . SPM F 3 . ? 22.113  -0.135  1.231   0.50 36.85 ? 29  SPM A N10   1 
HETATM 547 C  C11   . SPM F 3 . ? 21.665  -0.397  -0.244  0.50 32.66 ? 29  SPM A C11   1 
HETATM 548 C  C12   . SPM F 3 . ? 22.880  -0.267  -1.182  0.50 29.05 ? 29  SPM A C12   1 
HETATM 549 C  C13   . SPM F 3 . ? 22.526  0.296   -2.557  0.50 26.25 ? 29  SPM A C13   1 
HETATM 550 N  N14   . SPM F 3 . ? 20.958  0.191   -2.750  0.50 22.88 ? 29  SPM A N14   1 
HETATM 551 C  C1    . NGM G 2 . ? 1.946   7.535   6.221   1.00 12.03 ? 25  NGM B C1    1 
HETATM 552 C  C2    . NGM G 2 . ? 1.346   6.827   5.248   1.00 10.98 ? 25  NGM B C2    1 
HETATM 553 C  C3    . NGM G 2 . ? 0.701   5.667   5.497   1.00 13.44 ? 25  NGM B C3    1 
HETATM 554 C  C4    . NGM G 2 . ? 0.556   5.289   6.807   1.00 11.87 ? 25  NGM B C4    1 
HETATM 555 C  C5    . NGM G 2 . ? 1.187   5.341   9.224   1.00 11.19 ? 25  NGM B C5    1 
HETATM 556 C  C6    . NGM G 2 . ? 2.002   5.619   11.563  1.00 12.26 ? 25  NGM B C6    1 
HETATM 557 C  C7    . NGM G 2 . ? 2.650   5.659   13.932  1.00 14.03 ? 25  NGM B C7    1 
HETATM 558 C  C8    . NGM G 2 . ? 3.104   6.579   15.016  1.00 13.83 ? 25  NGM B C8    1 
HETATM 559 C  C9    . NGM G 2 . ? 4.162   7.556   14.628  1.00 15.85 ? 25  NGM B C9    1 
HETATM 560 C  C10   . NGM G 2 . ? 3.826   8.349   13.368  1.00 12.85 ? 25  NGM B C10   1 
HETATM 561 C  C11   . NGM G 2 . ? 3.099   8.030   11.046  1.00 14.73 ? 25  NGM B C11   1 
HETATM 562 C  C12   . NGM G 2 . ? 2.420   8.031   8.638   1.00 11.09 ? 25  NGM B C12   1 
HETATM 563 C  C13   . NGM G 2 . ? 5.467   6.747   14.310  1.00 21.90 ? 25  NGM B C13   1 
HETATM 564 C  C14   . NGM G 2 . ? 2.823   9.562   13.977  1.00 14.22 ? 25  NGM B C14   1 
HETATM 565 C  C15   . NGM G 2 . ? 0.340   9.744   14.071  1.00 42.01 ? 25  NGM B C15   1 
HETATM 566 C  C16   . NGM G 2 . ? 1.886   7.107   7.535   1.00 12.77 ? 25  NGM B C16   1 
HETATM 567 C  C17   . NGM G 2 . ? 1.223   5.958   7.812   1.00 11.19 ? 25  NGM B C17   1 
HETATM 568 C  C18   . NGM G 2 . ? 1.862   6.192   10.302  1.00 10.59 ? 25  NGM B C18   1 
HETATM 569 C  C19   . NGM G 2 . ? 2.576   6.316   12.576  1.00 12.50 ? 25  NGM B C19   1 
HETATM 570 C  C20   . NGM G 2 . ? 3.089   7.536   12.329  1.00 11.54 ? 25  NGM B C20   1 
HETATM 571 C  C21   . NGM G 2 . ? 2.460   7.373   10.028  1.00 9.90  ? 25  NGM B C21   1 
HETATM 572 C  C22   . NGM G 2 . ? 0.284   7.032   2.910   1.00 14.39 ? 25  NGM B C22   1 
HETATM 573 C  C23   . NGM G 2 . ? 6.645   6.204   4.061   1.00 18.68 ? 25  NGM B C23   1 
HETATM 574 C  C24   . NGM G 2 . ? 5.673   7.125   1.749   1.00 14.62 ? 25  NGM B C24   1 
HETATM 575 C  C25   . NGM G 2 . ? 4.369   3.448   17.933  1.00 19.43 ? 25  NGM B C25   1 
HETATM 576 C  C26   . NGM G 2 . ? 7.236   1.045   17.163  1.00 29.75 ? 25  NGM B C26   1 
HETATM 577 C  C27   . NGM G 2 . ? 5.785   0.239   12.593  1.00 18.43 ? 25  NGM B C27   1 
HETATM 578 C  C28   . NGM G 2 . ? 6.234   2.955   13.758  1.00 16.86 ? 25  NGM B C28   1 
HETATM 579 C  C29   . NGM G 2 . ? 1.848   0.471   13.422  1.00 15.22 ? 25  NGM B C29   1 
HETATM 580 C  C30   . NGM G 2 . ? 2.997   9.109   4.552   1.00 12.36 ? 25  NGM B C30   1 
HETATM 581 C  C31   . NGM G 2 . ? 4.258   8.479   3.928   1.00 12.25 ? 25  NGM B C31   1 
HETATM 582 C  C32   . NGM G 2 . ? 4.005   6.961   3.912   1.00 11.05 ? 25  NGM B C32   1 
HETATM 583 C  C33   . NGM G 2 . ? 2.777   6.616   3.039   1.00 12.93 ? 25  NGM B C33   1 
HETATM 584 C  C34   . NGM G 2 . ? 1.575   7.306   3.720   1.00 13.43 ? 25  NGM B C34   1 
HETATM 585 C  "C1'" . NGM G 2 . ? 3.027   3.302   14.377  1.00 15.55 ? 25  NGM B "C1'" 1 
HETATM 586 C  "C2'" . NGM G 2 . ? 3.780   2.037   13.798  1.00 14.51 ? 25  NGM B "C2'" 1 
HETATM 587 C  "C3'" . NGM G 2 . ? 5.264   1.896   14.372  1.00 17.69 ? 25  NGM B "C3'" 1 
HETATM 588 C  "C4'" . NGM G 2 . ? 5.227   1.969   15.971  1.00 17.48 ? 25  NGM B "C4'" 1 
HETATM 589 C  "C5'" . NGM G 2 . ? 4.489   3.342   16.368  1.00 17.15 ? 25  NGM B "C5'" 1 
HETATM 590 N  N1    . NGM G 2 . ? 5.312   6.244   3.105   1.00 18.49 ? 25  NGM B N1    1 
HETATM 591 O  O1    . NGM G 2 . ? 2.737   8.616   5.919   1.00 13.52 ? 25  NGM B O1    1 
HETATM 592 O  O2    . NGM G 2 . ? 1.819   8.723   3.799   1.00 13.25 ? 25  NGM B O2    1 
HETATM 593 O  O4    . NGM G 2 . ? -0.197  4.191   7.070   1.00 12.58 ? 25  NGM B O4    1 
HETATM 594 O  O5    . NGM G 2 . ? 0.550   4.364   9.486   1.00 13.82 ? 25  NGM B O5    1 
HETATM 595 O  O6    . NGM G 2 . ? 1.365   4.423   11.784  1.00 12.42 ? 25  NGM B O6    1 
HETATM 596 O  O7    . NGM G 2 . ? 3.576   4.527   13.838  1.00 15.89 ? 25  NGM B O7    1 
HETATM 597 O  O9    . NGM G 2 . ? 4.474   8.439   15.678  1.00 22.01 ? 25  NGM B O9    1 
HETATM 598 O  O10   . NGM G 2 . ? 1.733   9.212   14.275  1.00 16.60 ? 25  NGM B O10   1 
HETATM 599 O  O14   . NGM G 2 . ? 3.207   10.673  13.677  1.00 21.02 ? 25  NGM B O14   1 
HETATM 600 O  O12   . NGM G 2 . ? 2.901   9.127   8.450   1.00 15.34 ? 25  NGM B O12   1 
HETATM 601 O  O15   . NGM G 2 . ? 5.336   8.824   4.731   1.00 14.38 ? 25  NGM B O15   1 
HETATM 602 O  O16   . NGM G 2 . ? 2.576   5.238   3.020   1.00 18.11 ? 25  NGM B O16   1 
HETATM 603 O  "O1'" . NGM G 2 . ? 3.142   3.317   15.837  1.00 16.21 ? 25  NGM B "O1'" 1 
HETATM 604 O  "O2'" . NGM G 2 . ? 3.015   0.887   14.253  1.00 16.03 ? 25  NGM B "O2'" 1 
HETATM 605 O  "O3'" . NGM G 2 . ? 5.608   0.489   14.067  1.00 19.99 ? 25  NGM B "O3'" 1 
HETATM 606 O  "O4'" . NGM G 2 . ? 6.622   2.172   16.380  1.00 24.08 ? 25  NGM B "O4'" 1 
HETATM 607 NA NA    . NA  H 4 . ? 16.509  -5.888  9.143   0.50 19.92 ? 30  NA  B NA    1 
HETATM 608 C  C     . ACT I 5 . ? 15.541  -6.106  13.081  0.50 46.75 ? 31  ACT B C     1 
HETATM 609 O  O     . ACT I 5 . ? 15.659  -7.197  12.230  0.50 38.16 ? 31  ACT B O     1 
HETATM 610 O  OXT   . ACT I 5 . ? 15.884  -5.016  12.532  0.50 49.54 ? 31  ACT B OXT   1 
HETATM 611 C  CH3   . ACT I 5 . ? 15.055  -6.140  14.515  0.50 40.96 ? 31  ACT B CH3   1 
HETATM 612 C  C     . ACT J 5 . ? 17.356  -2.150  8.972   0.50 38.46 ? 32  ACT B C     1 
HETATM 613 O  O     . ACT J 5 . ? 18.063  -2.848  8.013   0.50 36.31 ? 32  ACT B O     1 
HETATM 614 O  OXT   . ACT J 5 . ? 16.739  -2.860  9.823   0.50 40.07 ? 32  ACT B OXT   1 
HETATM 615 C  CH3   . ACT J 5 . ? 17.317  -0.647  8.987   0.50 38.00 ? 32  ACT B CH3   1 
HETATM 616 C  C1    . NGM K 2 . ? -13.096 -6.531  -11.975 1.00 12.88 ? 28  NGM C C1    1 
HETATM 617 C  C2    . NGM K 2 . ? -11.930 -6.967  -12.510 1.00 9.94  ? 28  NGM C C2    1 
HETATM 618 C  C3    . NGM K 2 . ? -10.959 -7.513  -11.729 1.00 12.57 ? 28  NGM C C3    1 
HETATM 619 C  C4    . NGM K 2 . ? -11.258 -7.707  -10.394 1.00 11.74 ? 28  NGM C C4    1 
HETATM 620 C  C5    . NGM K 2 . ? -12.570 -7.280  -8.290  1.00 11.70 ? 28  NGM C C5    1 
HETATM 621 C  C6    . NGM K 2 . ? -14.139 -6.848  -6.391  1.00 14.70 ? 28  NGM C C6    1 
HETATM 622 C  C7    . NGM K 2 . ? -15.372 -6.359  -4.307  1.00 13.74 ? 28  NGM C C7    1 
HETATM 623 C  C8    . NGM K 2 . ? -16.726 -5.968  -3.816  1.00 12.22 ? 28  NGM C C8    1 
HETATM 624 C  C9    . NGM K 2 . ? -17.506 -4.986  -4.631  1.00 15.82 ? 28  NGM C C9    1 
HETATM 625 C  C10   . NGM K 2 . ? -17.593 -5.308  -6.116  1.00 13.49 ? 28  NGM C C10   1 
HETATM 626 C  C11   . NGM K 2 . ? -16.041 -5.832  -7.988  1.00 13.52 ? 28  NGM C C11   1 
HETATM 627 C  C12   . NGM K 2 . ? -14.708 -6.206  -10.065 1.00 12.06 ? 28  NGM C C12   1 
HETATM 628 C  C13   . NGM K 2 . ? -18.873 -4.807  -4.026  1.00 10.84 ? 28  NGM C C13   1 
HETATM 629 C  C14   . NGM K 2 . ? -18.586 -6.353  -6.381  1.00 14.69 ? 28  NGM C C14   1 
HETATM 630 C  C15   . NGM K 2 . ? -20.897 -6.778  -7.350  1.00 30.28 ? 28  NGM C C15   1 
HETATM 631 C  C16   . NGM K 2 . ? -13.383 -6.666  -10.609 1.00 9.15  ? 28  NGM C C16   1 
HETATM 632 C  C17   . NGM K 2 . ? -12.400 -7.198  -9.821  1.00 9.47  ? 28  NGM C C17   1 
HETATM 633 C  C18   . NGM K 2 . ? -13.891 -6.803  -7.741  1.00 10.15 ? 28  NGM C C18   1 
HETATM 634 C  C19   . NGM K 2 . ? -15.281 -6.326  -5.822  1.00 15.47 ? 28  NGM C C19   1 
HETATM 635 C  C20   . NGM K 2 . ? -16.308 -5.956  -6.635  1.00 16.64 ? 28  NGM C C20   1 
HETATM 636 C  C21   . NGM K 2 . ? -14.851 -6.219  -8.531  1.00 12.27 ? 28  NGM C C21   1 
HETATM 637 C  C22   . NGM K 2 . ? -10.687 -7.799  -14.643 1.00 16.19 ? 28  NGM C C22   1 
HETATM 638 C  C23   . NGM K 2 . ? -11.098 -2.452  -15.396 1.00 12.71 ? 28  NGM C C23   1 
HETATM 639 C  C24   . NGM K 2 . ? -11.714 -1.664  -13.221 1.00 14.95 ? 28  NGM C C24   1 
HETATM 640 C  C25   . NGM K 2 . ? -15.653 -4.703  0.292   1.00 24.62 ? 28  NGM C C25   1 
HETATM 641 C  C26   . NGM K 2 . ? -13.275 -1.617  0.719   1.00 26.06 ? 28  NGM C C26   1 
HETATM 642 C  C27   . NGM K 2 . ? -10.559 -2.401  -2.461  1.00 20.03 ? 28  NGM C C27   1 
HETATM 643 C  C28   . NGM K 2 . ? -13.434 -2.491  -2.897  1.00 15.87 ? 28  NGM C C28   1 
HETATM 644 C  C29   . NGM K 2 . ? -10.299 -6.190  -2.355  1.00 20.86 ? 28  NGM C C29   1 
HETATM 645 C  C30   . NGM K 2 . ? -13.820 -5.652  -14.183 1.00 11.82 ? 28  NGM C C30   1 
HETATM 646 C  C31   . NGM K 2 . ? -13.166 -4.242  -14.421 1.00 13.09 ? 28  NGM C C31   1 
HETATM 647 C  C32   . NGM K 2 . ? -11.784 -4.175  -13.637 1.00 11.63 ? 28  NGM C C32   1 
HETATM 648 C  C33   . NGM K 2 . ? -10.916 -5.307  -14.283 1.00 10.81 ? 28  NGM C C33   1 
HETATM 649 C  C34   . NGM K 2 . ? -11.594 -6.726  -14.054 1.00 12.25 ? 28  NGM C C34   1 
HETATM 650 C  "C1'" . NGM K 2 . ? -13.521 -5.739  -2.782  1.00 14.90 ? 28  NGM C "C1'" 1 
HETATM 651 C  "C2'" . NGM K 2 . ? -12.389 -4.761  -2.607  1.00 14.90 ? 28  NGM C "C2'" 1 
HETATM 652 C  "C3'" . NGM K 2 . ? -12.799 -3.486  -1.938  1.00 14.99 ? 28  NGM C "C3'" 1 
HETATM 653 C  "C4'" . NGM K 2 . ? -13.587 -3.738  -0.688  1.00 18.27 ? 28  NGM C "C4'" 1 
HETATM 654 C  "C5'" . NGM K 2 . ? -14.805 -4.587  -0.986  1.00 20.10 ? 28  NGM C "C5'" 1 
HETATM 655 N  N1    . NGM K 2 . ? -11.098 -2.839  -13.944 1.00 13.62 ? 28  NGM C N1    1 
HETATM 656 O  O1    . NGM K 2 . ? -14.035 -5.828  -12.766 1.00 12.36 ? 28  NGM C O1    1 
HETATM 657 O  O2    . NGM K 2 . ? -12.882 -6.612  -14.707 1.00 12.28 ? 28  NGM C O2    1 
HETATM 658 O  O4    . NGM K 2 . ? -10.277 -8.383  -9.605  1.00 13.94 ? 28  NGM C O4    1 
HETATM 659 O  O5    . NGM K 2 . ? -11.771 -7.882  -7.650  1.00 14.09 ? 28  NGM C O5    1 
HETATM 660 O  O6    . NGM K 2 . ? -13.101 -7.346  -5.552  1.00 14.42 ? 28  NGM C O6    1 
HETATM 661 O  O7    . NGM K 2 . ? -14.442 -5.343  -3.819  1.00 13.20 ? 28  NGM C O7    1 
HETATM 662 O  O9    . NGM K 2 . ? -16.922 -3.666  -4.528  1.00 25.58 ? 28  NGM C O9    1 
HETATM 663 O  O10   . NGM K 2 . ? -19.703 -5.905  -7.010  1.00 20.84 ? 28  NGM C O10   1 
HETATM 664 O  O14   . NGM K 2 . ? -18.561 -7.483  -5.988  1.00 17.95 ? 28  NGM C O14   1 
HETATM 665 O  O12   . NGM K 2 . ? -15.643 -5.840  -10.711 1.00 15.00 ? 28  NGM C O12   1 
HETATM 666 O  O15   . NGM K 2 . ? -14.006 -3.270  -13.834 1.00 13.28 ? 28  NGM C O15   1 
HETATM 667 O  O16   . NGM K 2 . ? -9.678  -5.309  -13.570 1.00 12.51 ? 28  NGM C O16   1 
HETATM 668 O  "O1'" . NGM K 2 . ? -14.328 -5.837  -1.568  1.00 16.75 ? 28  NGM C "O1'" 1 
HETATM 669 O  "O2'" . NGM K 2 . ? -11.439 -5.453  -1.711  1.00 19.27 ? 28  NGM C "O2'" 1 
HETATM 670 O  "O3'" . NGM K 2 . ? -11.592 -2.797  -1.439  1.00 17.55 ? 28  NGM C "O3'" 1 
HETATM 671 O  "O4'" . NGM K 2 . ? -14.091 -2.428  -0.237  1.00 21.22 ? 28  NGM C "O4'" 1 
HETATM 672 C  C1    . NGM L 2 . ? -6.012  7.667   -10.541 1.00 20.93 ? 27  NGM D C1    1 
HETATM 673 C  C2    . NGM L 2 . ? -7.206  8.138   -10.034 1.00 16.98 ? 27  NGM D C2    1 
HETATM 674 C  C3    . NGM L 2 . ? -7.425  8.103   -8.646  1.00 17.35 ? 27  NGM D C3    1 
HETATM 675 C  C4    . NGM L 2 . ? -6.385  7.680   -7.819  1.00 18.24 ? 27  NGM D C4    1 
HETATM 676 C  C5    . NGM L 2 . ? -4.182  6.627   -7.466  1.00 16.72 ? 27  NGM D C5    1 
HETATM 677 C  C6    . NGM L 2 . ? -1.955  5.565   -7.236  1.00 16.54 ? 27  NGM D C6    1 
HETATM 678 C  C7    . NGM L 2 . ? 0.195   4.190   -6.930  1.00 17.68 ? 27  NGM D C7    1 
HETATM 679 C  C8    . NGM L 2 . ? 1.616   3.926   -7.506  1.00 19.72 ? 27  NGM D C8    1 
HETATM 680 C  C9    . NGM L 2 . ? 1.574   3.481   -9.010  1.00 23.96 ? 27  NGM D C9    1 
HETATM 681 C  C10   . NGM L 2 . ? 0.704   4.523   -9.820  1.00 21.53 ? 27  NGM D C10   1 
HETATM 682 C  C11   . NGM L 2 . ? -1.612  5.636   -9.960  1.00 16.85 ? 27  NGM D C11   1 
HETATM 683 C  C12   . NGM L 2 . ? -3.717  6.829   -10.254 1.00 18.17 ? 27  NGM D C12   1 
HETATM 684 C  C13   . NGM L 2 . ? 0.915   1.973   -9.117  1.00 22.13 ? 27  NGM D C13   1 
HETATM 685 C  C14   . NGM L 2 . ? 1.344   5.782   -10.233 1.00 24.29 ? 27  NGM D C14   1 
HETATM 686 C  C15   . NGM L 2 . ? 2.589   6.934   -11.922 1.00 40.72 ? 27  NGM D C15   1 
HETATM 687 C  C16   . NGM L 2 . ? -4.960  7.272   -9.711  1.00 15.45 ? 27  NGM D C16   1 
HETATM 688 C  C17   . NGM L 2 . ? -5.202  7.157   -8.326  1.00 13.30 ? 27  NGM D C17   1 
HETATM 689 C  C18   . NGM L 2 . ? -2.951  6.148   -8.013  1.00 15.38 ? 27  NGM D C18   1 
HETATM 690 C  C19   . NGM L 2 . ? -0.801  5.011   -7.787  1.00 16.33 ? 27  NGM D C19   1 
HETATM 691 C  C20   . NGM L 2 . ? -0.569  5.171   -9.170  1.00 16.91 ? 27  NGM D C20   1 
HETATM 692 C  C21   . NGM L 2 . ? -2.707  6.287   -9.393  1.00 18.33 ? 27  NGM D C21   1 
HETATM 693 C  C22   . NGM L 2 . ? -9.142  9.912   -10.293 1.00 23.43 ? 27  NGM D C22   1 
HETATM 694 C  C23   . NGM L 2 . ? -8.704  3.803   -12.671 1.00 14.99 ? 27  NGM D C23   1 
HETATM 695 C  C24   . NGM L 2 . ? -10.521 5.429   -13.372 1.00 25.84 ? 27  NGM D C24   1 
HETATM 696 C  C25   . NGM L 2 . ? 2.906   0.800   -4.544  1.00 22.08 ? 27  NGM D C25   1 
HETATM 697 C  C26   . NGM L 2 . ? 1.013   -2.198  -4.061  1.00 41.75 ? 27  NGM D C26   1 
HETATM 698 C  C27   . NGM L 2 . ? -3.108  -0.662  -4.531  1.00 19.10 ? 27  NGM D C27   1 
HETATM 699 C  C28   . NGM L 2 . ? -1.035  0.037   -6.557  1.00 21.21 ? 27  NGM D C28   1 
HETATM 700 C  C29   . NGM L 2 . ? -2.546  2.660   -2.814  1.00 21.18 ? 27  NGM D C29   1 
HETATM 701 C  C30   . NGM L 2 . ? -6.911  8.126   -12.702 1.00 22.13 ? 27  NGM D C30   1 
HETATM 702 C  C31   . NGM L 2 . ? -7.724  6.898   -13.324 1.00 22.29 ? 27  NGM D C31   1 
HETATM 703 C  C32   . NGM L 2 . ? -8.414  6.394   -11.982 1.00 19.72 ? 27  NGM D C32   1 
HETATM 704 C  C33   . NGM L 2 . ? -9.485  7.381   -11.329 1.00 19.26 ? 27  NGM D C33   1 
HETATM 705 C  C34   . NGM L 2 . ? -8.456  8.506   -10.828 1.00 21.23 ? 27  NGM D C34   1 
HETATM 706 C  "C1'" . NGM L 2 . ? -0.434  2.765   -4.995  1.00 17.77 ? 27  NGM D "C1'" 1 
HETATM 707 C  "C2'" . NGM L 2 . ? -1.361  1.688   -4.646  1.00 16.57 ? 27  NGM D "C2'" 1 
HETATM 708 C  "C3'" . NGM L 2 . ? -0.908  0.354   -4.955  1.00 20.80 ? 27  NGM D "C3'" 1 
HETATM 709 C  "C4'" . NGM L 2 . ? 0.465   0.108   -4.520  1.00 26.77 ? 27  NGM D "C4'" 1 
HETATM 710 C  "C5'" . NGM L 2 . ? 1.385   1.095   -5.087  1.00 22.12 ? 27  NGM D "C5'" 1 
HETATM 711 N  N1    . NGM L 2 . ? -9.427  5.028   -12.544 1.00 20.57 ? 27  NGM D N1    1 
HETATM 712 O  O1    . NGM L 2 . ? -5.827  7.547   -11.911 1.00 25.15 ? 27  NGM D O1    1 
HETATM 713 O  O2    . NGM L 2 . ? -7.816  9.049   -12.034 1.00 23.07 ? 27  NGM D O2    1 
HETATM 714 O  O4    . NGM L 2 . ? -6.608  7.602   -6.461  1.00 24.43 ? 27  NGM D O4    1 
HETATM 715 O  O5    . NGM L 2 . ? -4.371  6.599   -6.237  1.00 19.97 ? 27  NGM D O5    1 
HETATM 716 O  O6    . NGM L 2 . ? -2.219  5.332   -5.898  1.00 17.27 ? 27  NGM D O6    1 
HETATM 717 O  O7    . NGM L 2 . ? -0.393  2.938   -6.448  1.00 17.31 ? 27  NGM D O7    1 
HETATM 718 O  O9    . NGM L 2 . ? 2.875   3.400   -9.528  1.00 27.79 ? 27  NGM D O9    1 
HETATM 719 O  O10   . NGM L 2 . ? 1.892   5.810   -11.281 1.00 27.30 ? 27  NGM D O10   1 
HETATM 720 O  O14   . NGM L 2 . ? 1.800   6.556   -9.358  1.00 23.90 ? 27  NGM D O14   1 
HETATM 721 O  O12   . NGM L 2 . ? -3.450  6.880   -11.483 1.00 20.88 ? 27  NGM D O12   1 
HETATM 722 O  O15   . NGM L 2 . ? -6.800  5.955   -13.767 1.00 22.28 ? 27  NGM D O15   1 
HETATM 723 O  O16   . NGM L 2 . ? -10.007 6.771   -10.197 1.00 22.43 ? 27  NGM D O16   1 
HETATM 724 O  "O1'" . NGM L 2 . ? 0.940   2.418   -4.635  1.00 20.35 ? 27  NGM D "O1'" 1 
HETATM 725 O  "O2'" . NGM L 2 . ? -1.466  1.767   -3.215  1.00 20.81 ? 27  NGM D "O2'" 1 
HETATM 726 O  "O3'" . NGM L 2 . ? -1.682  -0.645  -4.332  1.00 18.85 ? 27  NGM D "O3'" 1 
HETATM 727 O  "O4'" . NGM L 2 . ? 0.803   -1.163  -5.074  1.00 33.21 ? 27  NGM D "O4'" 1 
HETATM 728 O  O     . HOH M 6 . ? -0.454  6.932   16.253  1.00 21.06 ? 32  HOH A O     1 
HETATM 729 O  O     . HOH M 6 . ? 19.283  -2.890  5.429   1.00 22.85 ? 34  HOH A O     1 
HETATM 730 O  O     . HOH M 6 . ? 3.665   -1.769  10.397  1.00 21.07 ? 39  HOH A O     1 
HETATM 731 O  O     . HOH M 6 . ? 11.994  3.655   5.331   1.00 27.06 ? 44  HOH A O     1 
HETATM 732 O  O     . HOH M 6 . ? 19.157  -1.762  -3.704  1.00 30.19 ? 48  HOH A O     1 
HETATM 733 O  O     . HOH M 6 . ? 13.744  0.100   -5.785  1.00 23.46 ? 49  HOH A O     1 
HETATM 734 O  O     . HOH M 6 . ? 1.262   1.841   2.995   1.00 31.98 ? 57  HOH A O     1 
HETATM 735 O  O     . HOH M 6 . ? 11.231  -0.213  -2.843  1.00 23.49 ? 58  HOH A O     1 
HETATM 736 O  O     . HOH M 6 . ? 8.556   3.412   2.639   1.00 28.23 ? 59  HOH A O     1 
HETATM 737 O  O     . HOH M 6 . ? 4.121   1.068   2.251   1.00 23.99 ? 60  HOH A O     1 
HETATM 738 O  O     . HOH M 6 . ? -3.525  3.402   9.003   1.00 30.91 ? 61  HOH A O     1 
HETATM 739 O  O     . HOH M 6 . ? 12.833  1.574   -1.741  1.00 32.26 ? 64  HOH A O     1 
HETATM 740 O  O     . HOH M 6 . ? 4.699   -8.858  2.512   1.00 38.57 ? 65  HOH A O     1 
HETATM 741 O  O     . HOH M 6 . ? 16.555  1.719   -2.142  1.00 30.04 ? 72  HOH A O     1 
HETATM 742 O  O     . HOH M 6 . ? 5.147   -7.740  9.814   1.00 36.51 ? 77  HOH A O     1 
HETATM 743 O  O     . HOH M 6 . ? -0.263  9.392   17.544  1.00 38.68 ? 87  HOH A O     1 
HETATM 744 O  O     . HOH M 6 . ? 9.469   -4.982  -6.324  1.00 37.51 ? 92  HOH A O     1 
HETATM 745 O  O     . HOH M 6 . ? -0.128  2.657   19.693  1.00 44.95 ? 93  HOH A O     1 
HETATM 746 O  O     . HOH M 6 . ? 16.626  3.520   6.950   1.00 39.81 ? 94  HOH A O     1 
HETATM 747 O  O     . HOH M 6 . ? 1.418   0.576   19.610  1.00 52.89 ? 99  HOH A O     1 
HETATM 748 O  O     . HOH M 6 . ? 8.328   -8.601  -2.637  1.00 44.58 ? 105 HOH A O     1 
HETATM 749 O  O     . HOH M 6 . ? 5.562   -1.979  -5.759  1.00 50.83 ? 110 HOH A O     1 
HETATM 750 O  O     . HOH M 6 . ? 0.336   -5.434  -2.467  1.00 66.32 ? 112 HOH A O     1 
HETATM 751 O  O     . HOH M 6 . ? 3.891   -4.221  11.103  1.00 59.76 ? 114 HOH A O     1 
HETATM 752 O  O     . HOH M 6 . ? 8.308   -12.429 -2.445  1.00 72.54 ? 120 HOH A O     1 
HETATM 753 O  O     . HOH N 6 . ? -2.736  7.718   5.359   1.00 19.00 ? 35  HOH B O     1 
HETATM 754 O  O     . HOH N 6 . ? 9.688   4.800   4.454   1.00 24.96 ? 38  HOH B O     1 
HETATM 755 O  O     . HOH N 6 . ? 8.171   -3.838  10.332  1.00 23.08 ? 43  HOH B O     1 
HETATM 756 O  O     . HOH N 6 . ? 5.843   3.579   2.490   1.00 27.00 ? 46  HOH B O     1 
HETATM 757 O  O     . HOH N 6 . ? 12.879  -11.158 3.427   1.00 24.20 ? 47  HOH B O     1 
HETATM 758 O  O     . HOH N 6 . ? 10.355  -11.799 4.762   1.00 36.62 ? 52  HOH B O     1 
HETATM 759 O  O     . HOH N 6 . ? 0.965   4.883   17.455  1.00 23.01 ? 56  HOH B O     1 
HETATM 760 O  O     . HOH N 6 . ? 15.229  -11.184 13.609  1.00 33.91 ? 62  HOH B O     1 
HETATM 761 O  O     . HOH N 6 . ? 12.318  3.227   8.191   1.00 26.67 ? 69  HOH B O     1 
HETATM 762 O  O     . HOH N 6 . ? 13.106  -8.592  14.982  1.00 50.70 ? 70  HOH B O     1 
HETATM 763 O  O     . HOH N 6 . ? 15.033  1.506   8.796   1.00 30.18 ? 76  HOH B O     1 
HETATM 764 O  O     . HOH N 6 . ? 7.842   4.339   16.798  1.00 36.73 ? 81  HOH B O     1 
HETATM 765 O  O     . HOH N 6 . ? 4.884   7.278   18.319  1.00 33.89 ? 82  HOH B O     1 
HETATM 766 O  O     . HOH N 6 . ? 5.045   -1.827  15.219  1.00 38.23 ? 84  HOH B O     1 
HETATM 767 O  O     . HOH N 6 . ? 13.380  6.010   9.275   1.00 54.49 ? 88  HOH B O     1 
HETATM 768 O  O     . HOH N 6 . ? 1.862   17.216  5.645   1.00 71.56 ? 91  HOH B O     1 
HETATM 769 O  O     . HOH N 6 . ? 2.177   0.216   16.811  1.00 33.91 ? 95  HOH B O     1 
HETATM 770 O  O     . HOH N 6 . ? 8.099   9.605   4.457   1.00 49.81 ? 96  HOH B O     1 
HETATM 771 O  O     . HOH N 6 . ? 13.889  1.165   11.994  1.00 48.24 ? 100 HOH B O     1 
HETATM 772 O  O     . HOH N 6 . ? 14.299  -2.792  12.605  1.00 61.35 ? 106 HOH B O     1 
HETATM 773 O  O     . HOH N 6 . ? -2.700  4.186   5.052   1.00 56.50 ? 115 HOH B O     1 
HETATM 774 O  O     . HOH N 6 . ? 6.702   14.811  6.381   1.00 56.57 ? 119 HOH B O     1 
HETATM 775 O  O     . HOH N 6 . ? 4.591   14.953  13.717  1.00 66.75 ? 121 HOH B O     1 
HETATM 776 O  O     . HOH N 6 . ? 9.224   14.583  14.169  1.00 56.70 ? 122 HOH B O     1 
HETATM 777 O  O     . HOH N 6 . ? 6.690   10.713  15.862  1.00 52.75 ? 123 HOH B O     1 
HETATM 778 O  O     . HOH N 6 . ? 3.596   12.152  6.407   1.00 40.70 ? 128 HOH B O     1 
HETATM 779 O  O     . HOH O 6 . ? -2.613  9.224   3.012   1.00 18.04 ? 33  HOH C O     1 
HETATM 780 O  O     . HOH O 6 . ? -11.091 1.390   -11.893 1.00 21.12 ? 36  HOH C O     1 
HETATM 781 O  O     . HOH O 6 . ? 2.752   7.735   -6.189  1.00 25.30 ? 42  HOH C O     1 
HETATM 782 O  O     . HOH O 6 . ? -12.175 3.957   -7.655  1.00 34.04 ? 51  HOH C O     1 
HETATM 783 O  O     . HOH O 6 . ? -12.324 -11.393 -13.099 1.00 23.45 ? 54  HOH C O     1 
HETATM 784 O  O     . HOH O 6 . ? -17.432 -0.897  -12.817 1.00 20.49 ? 55  HOH C O     1 
HETATM 785 O  O     . HOH O 6 . ? -16.880 2.822   -8.967  1.00 38.03 ? 63  HOH C O     1 
HETATM 786 O  O     . HOH O 6 . ? -15.873 -1.580  -14.904 1.00 26.64 ? 66  HOH C O     1 
HETATM 787 O  O     . HOH O 6 . ? -5.977  1.175   -2.540  1.00 34.30 ? 68  HOH C O     1 
HETATM 788 O  O     . HOH O 6 . ? -8.569  -2.303  -13.137 1.00 21.48 ? 71  HOH C O     1 
HETATM 789 O  O     . HOH O 6 . ? -20.466 -1.900  -15.464 1.00 33.31 ? 74  HOH C O     1 
HETATM 790 O  O     . HOH O 6 . ? -17.360 1.625   -11.671 1.00 37.01 ? 75  HOH C O     1 
HETATM 791 O  O     . HOH O 6 . ? -5.063  10.092  -3.275  1.00 33.19 ? 79  HOH C O     1 
HETATM 792 O  O     . HOH O 6 . ? -15.093 4.076   -7.781  1.00 32.08 ? 80  HOH C O     1 
HETATM 793 O  O     . HOH O 6 . ? -16.626 -1.442  -0.719  1.00 38.65 ? 83  HOH C O     1 
HETATM 794 O  O     . HOH O 6 . ? -5.314  11.932  -5.305  1.00 32.30 ? 85  HOH C O     1 
HETATM 795 O  O     . HOH O 6 . ? -20.294 -9.497  -5.134  1.00 28.59 ? 86  HOH C O     1 
HETATM 796 O  O     . HOH O 6 . ? -11.324 6.206   -6.692  1.00 30.94 ? 89  HOH C O     1 
HETATM 797 O  O     . HOH O 6 . ? -9.828  -11.977 -12.749 1.00 47.54 ? 101 HOH C O     1 
HETATM 798 O  O     . HOH O 6 . ? -7.548  10.004  -1.630  1.00 40.56 ? 104 HOH C O     1 
HETATM 799 O  O     . HOH O 6 . ? -5.757  6.574   3.093   1.00 55.57 ? 111 HOH C O     1 
HETATM 800 O  O     . HOH O 6 . ? -9.670  -3.234  0.521   0.50 35.97 ? 113 HOH C O     1 
HETATM 801 O  O     . HOH O 6 . ? -13.370 -9.026  -17.731 1.00 50.32 ? 116 HOH C O     1 
HETATM 802 O  O     . HOH O 6 . ? -21.316 0.746   -12.368 1.00 42.41 ? 117 HOH C O     1 
HETATM 803 O  O     . HOH O 6 . ? -16.200 -5.313  -17.801 0.50 56.68 ? 124 HOH C O     1 
HETATM 804 O  O     . HOH O 6 . ? -8.365  -10.395 -10.477 1.00 54.12 ? 126 HOH C O     1 
HETATM 805 O  O     . HOH O 6 . ? -12.756 6.031   -3.989  1.00 75.93 ? 127 HOH C O     1 
HETATM 806 O  O     . HOH P 6 . ? -8.712  0.433   -13.076 1.00 20.51 ? 37  HOH D O     1 
HETATM 807 O  O     . HOH P 6 . ? -6.802  -6.140  -12.134 1.00 20.42 ? 40  HOH D O     1 
HETATM 808 O  O     . HOH P 6 . ? -6.241  -3.302  -12.008 1.00 23.82 ? 41  HOH D O     1 
HETATM 809 O  O     . HOH P 6 . ? -17.538 -10.020 -3.838  1.00 25.14 ? 45  HOH D O     1 
HETATM 810 O  O     . HOH P 6 . ? -7.467  -4.225  -3.682  1.00 31.59 ? 50  HOH D O     1 
HETATM 811 O  O     . HOH P 6 . ? -11.194 3.539   -10.351 1.00 28.55 ? 53  HOH D O     1 
HETATM 812 O  O     . HOH P 6 . ? -3.183  -1.343  -15.626 1.00 47.50 ? 67  HOH D O     1 
HETATM 813 O  O     . HOH P 6 . ? -1.571  -0.591  -1.487  1.00 43.76 ? 73  HOH D O     1 
HETATM 814 O  O     . HOH P 6 . ? -9.978  -11.740 -7.925  1.00 39.00 ? 78  HOH D O     1 
HETATM 815 O  O     . HOH P 6 . ? -3.795  3.592   -16.342 1.00 41.11 ? 90  HOH D O     1 
HETATM 816 O  O     . HOH P 6 . ? -4.146  -6.272  -11.049 1.00 58.05 ? 97  HOH D O     1 
HETATM 817 O  O     . HOH P 6 . ? -8.155  -8.054  0.595   1.00 41.15 ? 98  HOH D O     1 
HETATM 818 O  O     . HOH P 6 . ? 1.319   -1.073  -0.560  1.00 79.96 ? 102 HOH D O     1 
HETATM 819 O  O     . HOH P 6 . ? 3.754   -0.258  -0.369  1.00 46.95 ? 103 HOH D O     1 
HETATM 820 O  O     . HOH P 6 . ? -15.517 -8.645  1.217   1.00 43.54 ? 107 HOH D O     1 
HETATM 821 O  O     . HOH P 6 . ? 0.443   1.493   -1.503  1.00 47.92 ? 108 HOH D O     1 
HETATM 822 O  O     . HOH P 6 . ? -7.342  11.540  -8.188  1.00 55.96 ? 109 HOH D O     1 
HETATM 823 O  O     . HOH P 6 . ? -18.334 -12.300 -2.897  1.00 45.81 ? 118 HOH D O     1 
HETATM 824 O  O     . HOH P 6 . ? 5.099   3.557   -7.539  0.50 38.18 ? 125 HOH D O     1 
# 
loop_
_pdbx_poly_seq_scheme.asym_id 
_pdbx_poly_seq_scheme.entity_id 
_pdbx_poly_seq_scheme.seq_id 
_pdbx_poly_seq_scheme.mon_id 
_pdbx_poly_seq_scheme.ndb_seq_num 
_pdbx_poly_seq_scheme.pdb_seq_num 
_pdbx_poly_seq_scheme.auth_seq_num 
_pdbx_poly_seq_scheme.pdb_mon_id 
_pdbx_poly_seq_scheme.auth_mon_id 
_pdbx_poly_seq_scheme.pdb_strand_id 
_pdbx_poly_seq_scheme.pdb_ins_code 
_pdbx_poly_seq_scheme.hetero 
A 1 1 DT 1 1  1  DT T A . n 
A 1 2 DG 2 2  2  DG G A . n 
A 1 3 DT 3 3  3  DT T A . n 
A 1 4 DA 4 4  4  DA A A . n 
A 1 5 DC 5 5  5  DC C A . n 
A 1 6 DA 6 6  6  DA A A . n 
B 1 1 DT 1 7  7  DT T B . n 
B 1 2 DG 2 8  8  DG G B . n 
B 1 3 DT 3 9  9  DT T B . n 
B 1 4 DA 4 10 10 DA A B . n 
B 1 5 DC 5 11 11 DC C B . n 
B 1 6 DA 6 12 12 DA A B . n 
C 1 1 DT 1 13 13 DT T C . n 
C 1 2 DG 2 14 14 DG G C . n 
C 1 3 DT 3 15 15 DT T C . n 
C 1 4 DA 4 16 16 DA A C . n 
C 1 5 DC 5 17 17 DC C C . n 
C 1 6 DA 6 18 18 DA A C . n 
D 1 1 DT 1 19 19 DT T D . n 
D 1 2 DG 2 20 20 DG G D . n 
D 1 3 DT 3 21 21 DT T D . n 
D 1 4 DA 4 22 22 DA A D . n 
D 1 5 DC 5 23 23 DC C D . n 
D 1 6 DA 6 24 24 DA A D . n 
# 
loop_
_pdbx_nonpoly_scheme.asym_id 
_pdbx_nonpoly_scheme.entity_id 
_pdbx_nonpoly_scheme.mon_id 
_pdbx_nonpoly_scheme.ndb_seq_num 
_pdbx_nonpoly_scheme.pdb_seq_num 
_pdbx_nonpoly_scheme.auth_seq_num 
_pdbx_nonpoly_scheme.pdb_mon_id 
_pdbx_nonpoly_scheme.auth_mon_id 
_pdbx_nonpoly_scheme.pdb_strand_id 
_pdbx_nonpoly_scheme.pdb_ins_code 
E 2 NGM 1  26  26  NGM NGM A . 
F 3 SPM 1  29  29  SPM SPM A . 
G 2 NGM 1  25  25  NGM NGM B . 
H 4 NA  1  30  30  NA  NA  B . 
I 5 ACT 1  31  31  ACT ACT B . 
J 5 ACT 1  32  32  ACT ACT B . 
K 2 NGM 1  28  28  NGM NGM C . 
L 2 NGM 1  27  27  NGM NGM D . 
M 6 HOH 1  32  32  HOH HOH A . 
M 6 HOH 2  34  34  HOH HOH A . 
M 6 HOH 3  39  39  HOH HOH A . 
M 6 HOH 4  44  44  HOH HOH A . 
M 6 HOH 5  48  48  HOH HOH A . 
M 6 HOH 6  49  49  HOH HOH A . 
M 6 HOH 7  57  57  HOH HOH A . 
M 6 HOH 8  58  58  HOH HOH A . 
M 6 HOH 9  59  59  HOH HOH A . 
M 6 HOH 10 60  60  HOH HOH A . 
M 6 HOH 11 61  61  HOH HOH A . 
M 6 HOH 12 64  64  HOH HOH A . 
M 6 HOH 13 65  65  HOH HOH A . 
M 6 HOH 14 72  72  HOH HOH A . 
M 6 HOH 15 77  77  HOH HOH A . 
M 6 HOH 16 87  87  HOH HOH A . 
M 6 HOH 17 92  92  HOH HOH A . 
M 6 HOH 18 93  93  HOH HOH A . 
M 6 HOH 19 94  94  HOH HOH A . 
M 6 HOH 20 99  99  HOH HOH A . 
M 6 HOH 21 105 105 HOH HOH A . 
M 6 HOH 22 110 110 HOH HOH A . 
M 6 HOH 23 112 112 HOH HOH A . 
M 6 HOH 24 114 114 HOH HOH A . 
M 6 HOH 25 120 120 HOH HOH A . 
N 6 HOH 1  35  35  HOH HOH B . 
N 6 HOH 2  38  38  HOH HOH B . 
N 6 HOH 3  43  43  HOH HOH B . 
N 6 HOH 4  46  46  HOH HOH B . 
N 6 HOH 5  47  47  HOH HOH B . 
N 6 HOH 6  52  52  HOH HOH B . 
N 6 HOH 7  56  56  HOH HOH B . 
N 6 HOH 8  62  62  HOH HOH B . 
N 6 HOH 9  69  69  HOH HOH B . 
N 6 HOH 10 70  70  HOH HOH B . 
N 6 HOH 11 76  76  HOH HOH B . 
N 6 HOH 12 81  81  HOH HOH B . 
N 6 HOH 13 82  82  HOH HOH B . 
N 6 HOH 14 84  84  HOH HOH B . 
N 6 HOH 15 88  88  HOH HOH B . 
N 6 HOH 16 91  91  HOH HOH B . 
N 6 HOH 17 95  95  HOH HOH B . 
N 6 HOH 18 96  96  HOH HOH B . 
N 6 HOH 19 100 100 HOH HOH B . 
N 6 HOH 20 106 106 HOH HOH B . 
N 6 HOH 21 115 115 HOH HOH B . 
N 6 HOH 22 119 119 HOH HOH B . 
N 6 HOH 23 121 121 HOH HOH B . 
N 6 HOH 24 122 122 HOH HOH B . 
N 6 HOH 25 123 123 HOH HOH B . 
N 6 HOH 26 128 128 HOH HOH B . 
O 6 HOH 1  33  33  HOH HOH C . 
O 6 HOH 2  36  36  HOH HOH C . 
O 6 HOH 3  42  42  HOH HOH C . 
O 6 HOH 4  51  51  HOH HOH C . 
O 6 HOH 5  54  54  HOH HOH C . 
O 6 HOH 6  55  55  HOH HOH C . 
O 6 HOH 7  63  63  HOH HOH C . 
O 6 HOH 8  66  66  HOH HOH C . 
O 6 HOH 9  68  68  HOH HOH C . 
O 6 HOH 10 71  71  HOH HOH C . 
O 6 HOH 11 74  74  HOH HOH C . 
O 6 HOH 12 75  75  HOH HOH C . 
O 6 HOH 13 79  79  HOH HOH C . 
O 6 HOH 14 80  80  HOH HOH C . 
O 6 HOH 15 83  83  HOH HOH C . 
O 6 HOH 16 85  85  HOH HOH C . 
O 6 HOH 17 86  86  HOH HOH C . 
O 6 HOH 18 89  89  HOH HOH C . 
O 6 HOH 19 101 101 HOH HOH C . 
O 6 HOH 20 104 104 HOH HOH C . 
O 6 HOH 21 111 111 HOH HOH C . 
O 6 HOH 22 113 113 HOH HOH C . 
O 6 HOH 23 116 116 HOH HOH C . 
O 6 HOH 24 117 117 HOH HOH C . 
O 6 HOH 25 124 124 HOH HOH C . 
O 6 HOH 26 126 126 HOH HOH C . 
O 6 HOH 27 127 127 HOH HOH C . 
P 6 HOH 1  37  37  HOH HOH D . 
P 6 HOH 2  40  40  HOH HOH D . 
P 6 HOH 3  41  41  HOH HOH D . 
P 6 HOH 4  45  45  HOH HOH D . 
P 6 HOH 5  50  50  HOH HOH D . 
P 6 HOH 6  53  53  HOH HOH D . 
P 6 HOH 7  67  67  HOH HOH D . 
P 6 HOH 8  73  73  HOH HOH D . 
P 6 HOH 9  78  78  HOH HOH D . 
P 6 HOH 10 90  90  HOH HOH D . 
P 6 HOH 11 97  97  HOH HOH D . 
P 6 HOH 12 98  98  HOH HOH D . 
P 6 HOH 13 102 102 HOH HOH D . 
P 6 HOH 14 103 103 HOH HOH D . 
P 6 HOH 15 107 107 HOH HOH D . 
P 6 HOH 16 108 108 HOH HOH D . 
P 6 HOH 17 109 109 HOH HOH D . 
P 6 HOH 18 118 118 HOH HOH D . 
P 6 HOH 19 125 125 HOH HOH D . 
# 
_struct_site_keywords.site_id   'DRUG BINDING SITE' 
_struct_site_keywords.text      INTERCALATION 
# 
loop_
_pdbx_struct_assembly.id 
_pdbx_struct_assembly.details 
_pdbx_struct_assembly.method_details 
_pdbx_struct_assembly.oligomeric_details 
_pdbx_struct_assembly.oligomeric_count 
1 author_defined_assembly ? dimeric 2 
2 author_defined_assembly ? dimeric 2 
# 
loop_
_pdbx_struct_assembly_gen.assembly_id 
_pdbx_struct_assembly_gen.oper_expression 
_pdbx_struct_assembly_gen.asym_id_list 
1 1 A,B,E,F,G,H,I,J,M,N 
2 1 C,D,K,L,O,P         
# 
_pdbx_struct_oper_list.id                   1 
_pdbx_struct_oper_list.type                 'identity operation' 
_pdbx_struct_oper_list.name                 1_555 
_pdbx_struct_oper_list.symmetry_operation   x,y,z 
_pdbx_struct_oper_list.matrix[1][1]         1.0000000000 
_pdbx_struct_oper_list.matrix[1][2]         0.0000000000 
_pdbx_struct_oper_list.matrix[1][3]         0.0000000000 
_pdbx_struct_oper_list.vector[1]            0.0000000000 
_pdbx_struct_oper_list.matrix[2][1]         0.0000000000 
_pdbx_struct_oper_list.matrix[2][2]         1.0000000000 
_pdbx_struct_oper_list.matrix[2][3]         0.0000000000 
_pdbx_struct_oper_list.vector[2]            0.0000000000 
_pdbx_struct_oper_list.matrix[3][1]         0.0000000000 
_pdbx_struct_oper_list.matrix[3][2]         0.0000000000 
_pdbx_struct_oper_list.matrix[3][3]         1.0000000000 
_pdbx_struct_oper_list.vector[3]            0.0000000000 
# 
loop_
_pdbx_audit_revision_history.ordinal 
_pdbx_audit_revision_history.data_content_type 
_pdbx_audit_revision_history.major_revision 
_pdbx_audit_revision_history.minor_revision 
_pdbx_audit_revision_history.revision_date 
1 'Structure model' 1 0 1996-06-20 
2 'Structure model' 1 1 2008-05-22 
3 'Structure model' 1 2 2011-07-13 
4 'Structure model' 1 3 2023-08-02 
# 
_pdbx_audit_revision_details.ordinal             1 
_pdbx_audit_revision_details.revision_ordinal    1 
_pdbx_audit_revision_details.data_content_type   'Structure model' 
_pdbx_audit_revision_details.provider            repository 
_pdbx_audit_revision_details.type                'Initial release' 
_pdbx_audit_revision_details.description         ? 
_pdbx_audit_revision_details.details             ? 
# 
loop_
_pdbx_audit_revision_group.ordinal 
_pdbx_audit_revision_group.revision_ordinal 
_pdbx_audit_revision_group.data_content_type 
_pdbx_audit_revision_group.group 
1 2 'Structure model' 'Version format compliance' 
2 3 'Structure model' 'Version format compliance' 
3 4 'Structure model' 'Data collection'           
4 4 'Structure model' 'Database references'       
5 4 'Structure model' 'Derived calculations'      
6 4 'Structure model' 'Refinement description'    
# 
loop_
_pdbx_audit_revision_category.ordinal 
_pdbx_audit_revision_category.revision_ordinal 
_pdbx_audit_revision_category.data_content_type 
_pdbx_audit_revision_category.category 
1 4 'Structure model' database_2                    
2 4 'Structure model' diffrn_source                 
3 4 'Structure model' pdbx_initial_refinement_model 
4 4 'Structure model' struct_site                   
# 
loop_
_pdbx_audit_revision_item.ordinal 
_pdbx_audit_revision_item.revision_ordinal 
_pdbx_audit_revision_item.data_content_type 
_pdbx_audit_revision_item.item 
1 4 'Structure model' '_database_2.pdbx_DOI'                 
2 4 'Structure model' '_database_2.pdbx_database_accession'  
3 4 'Structure model' '_diffrn_source.pdbx_synchrotron_site' 
4 4 'Structure model' '_struct_site.pdbx_auth_asym_id'       
5 4 'Structure model' '_struct_site.pdbx_auth_comp_id'       
6 4 'Structure model' '_struct_site.pdbx_auth_seq_id'        
# 
loop_
_refine_B_iso.class 
_refine_B_iso.details 
_refine_B_iso.treatment 
_refine_B_iso.pdbx_refine_id 
'ALL ATOMS'  TR isotropic 'X-RAY DIFFRACTION' 
'ALL WATERS' TR isotropic 'X-RAY DIFFRACTION' 
# 
loop_
_refine_occupancy.class 
_refine_occupancy.treatment 
_refine_occupancy.pdbx_refine_id 
'ALL ATOMS'  fix 'X-RAY DIFFRACTION' 
'ALL WATERS' fix 'X-RAY DIFFRACTION' 
# 
loop_
_software.name 
_software.classification 
_software.version 
_software.citation_id 
_software.pdbx_ordinal 
AMoRE     phasing          . ? 1 
SHELXL-93 refinement       . ? 2 
DENZO     'data reduction' . ? 3 
CCP4      'data scaling'   . ? 4 
# 
loop_
_pdbx_validate_rmsd_bond.id 
_pdbx_validate_rmsd_bond.PDB_model_num 
_pdbx_validate_rmsd_bond.auth_atom_id_1 
_pdbx_validate_rmsd_bond.auth_asym_id_1 
_pdbx_validate_rmsd_bond.auth_comp_id_1 
_pdbx_validate_rmsd_bond.auth_seq_id_1 
_pdbx_validate_rmsd_bond.PDB_ins_code_1 
_pdbx_validate_rmsd_bond.label_alt_id_1 
_pdbx_validate_rmsd_bond.auth_atom_id_2 
_pdbx_validate_rmsd_bond.auth_asym_id_2 
_pdbx_validate_rmsd_bond.auth_comp_id_2 
_pdbx_validate_rmsd_bond.auth_seq_id_2 
_pdbx_validate_rmsd_bond.PDB_ins_code_2 
_pdbx_validate_rmsd_bond.label_alt_id_2 
_pdbx_validate_rmsd_bond.bond_value 
_pdbx_validate_rmsd_bond.bond_target_value 
_pdbx_validate_rmsd_bond.bond_deviation 
_pdbx_validate_rmsd_bond.bond_standard_deviation 
_pdbx_validate_rmsd_bond.linker_flag 
1  1 "C5'" A DT 1  ? ? "C4'" A DT 1  ? ? 1.557 1.512 0.045  0.007 N 
2  1 "C4'" A DT 1  ? ? "C3'" A DT 1  ? ? 1.457 1.521 -0.064 0.010 N 
3  1 "C5'" A DG 2  ? ? "C4'" A DG 2  ? ? 1.566 1.512 0.054  0.007 N 
4  1 "C2'" A DG 2  ? ? "C1'" A DG 2  ? ? 1.580 1.519 0.061  0.010 N 
5  1 P     A DT 3  ? ? "O5'" A DT 3  ? ? 1.679 1.593 0.086  0.010 N 
6  1 C5    A DT 3  ? ? C7    A DT 3  ? ? 1.534 1.496 0.038  0.006 N 
7  1 P     A DA 4  ? ? "O5'" A DA 4  ? ? 1.662 1.593 0.069  0.010 N 
8  1 "C5'" A DA 4  ? ? "C4'" A DA 4  ? ? 1.568 1.512 0.056  0.007 N 
9  1 "O3'" A DA 4  ? ? P     A DC 5  ? ? 1.690 1.607 0.083  0.012 Y 
10 1 P     A DC 5  ? ? "O5'" A DC 5  ? ? 1.659 1.593 0.066  0.010 N 
11 1 "C5'" A DC 5  ? ? "C4'" A DC 5  ? ? 1.562 1.512 0.050  0.007 N 
12 1 "C4'" A DC 5  ? ? "C3'" A DC 5  ? ? 1.456 1.521 -0.065 0.010 N 
13 1 "C2'" A DC 5  ? ? "C1'" A DC 5  ? ? 1.597 1.519 0.078  0.010 N 
14 1 "O3'" A DC 5  ? ? P     A DA 6  ? ? 1.686 1.607 0.079  0.012 Y 
15 1 C6    A DA 6  ? ? N1    A DA 6  ? ? 1.301 1.351 -0.050 0.007 N 
16 1 P     B DG 8  ? ? "O5'" B DG 8  ? ? 1.659 1.593 0.066  0.010 N 
17 1 "C5'" B DG 8  ? ? "C4'" B DG 8  ? ? 1.567 1.512 0.055  0.007 N 
18 1 "O3'" B DA 10 ? ? P     B DC 11 ? ? 1.688 1.607 0.081  0.012 Y 
19 1 P     B DC 11 ? ? "O5'" B DC 11 ? ? 1.663 1.593 0.070  0.010 N 
20 1 "C5'" B DC 11 ? ? "C4'" B DC 11 ? ? 1.569 1.512 0.057  0.007 N 
21 1 "C4'" B DC 11 ? ? "C3'" B DC 11 ? ? 1.459 1.521 -0.062 0.010 N 
22 1 "C2'" B DC 11 ? ? "C1'" B DC 11 ? ? 1.600 1.519 0.081  0.010 N 
23 1 "C5'" C DT 13 ? ? "C4'" C DT 13 ? ? 1.558 1.512 0.046  0.007 N 
24 1 "C4'" C DT 13 ? ? "C3'" C DT 13 ? ? 1.453 1.521 -0.068 0.010 N 
25 1 "C5'" C DG 14 ? ? "C4'" C DG 14 ? ? 1.560 1.512 0.048  0.007 N 
26 1 "O3'" C DG 14 ? ? P     C DT 15 ? ? 1.680 1.607 0.073  0.012 Y 
27 1 "C4'" C DT 15 ? ? "C3'" C DT 15 ? ? 1.456 1.521 -0.065 0.010 N 
28 1 "C5'" C DA 16 ? ? "C4'" C DA 16 ? ? 1.562 1.512 0.050  0.007 N 
29 1 "O3'" C DA 16 ? ? P     C DC 17 ? ? 1.694 1.607 0.087  0.012 Y 
30 1 P     C DC 17 ? ? "O5'" C DC 17 ? ? 1.674 1.593 0.081  0.010 N 
31 1 "C5'" C DC 17 ? ? "C4'" C DC 17 ? ? 1.565 1.512 0.053  0.007 N 
32 1 "C4'" C DC 17 ? ? "C3'" C DC 17 ? ? 1.448 1.521 -0.073 0.010 N 
33 1 "C2'" C DC 17 ? ? "C1'" C DC 17 ? ? 1.598 1.519 0.079  0.010 N 
34 1 "O4'" C DC 17 ? ? "C4'" C DC 17 ? ? 1.504 1.449 0.055  0.009 N 
35 1 "C5'" C DA 18 ? ? "C4'" C DA 18 ? ? 1.566 1.512 0.054  0.007 N 
36 1 "C4'" C DA 18 ? ? "C3'" C DA 18 ? ? 1.456 1.521 -0.065 0.010 N 
37 1 "C5'" D DT 19 ? ? "C4'" D DT 19 ? ? 1.559 1.512 0.047  0.007 N 
38 1 "C4'" D DT 19 ? ? "C3'" D DT 19 ? ? 1.458 1.521 -0.063 0.010 N 
39 1 "O3'" D DT 19 ? ? P     D DG 20 ? ? 1.684 1.607 0.077  0.012 Y 
40 1 P     D DG 20 ? ? "O5'" D DG 20 ? ? 1.659 1.593 0.066  0.010 N 
41 1 "C5'" D DG 20 ? ? "C4'" D DG 20 ? ? 1.570 1.512 0.058  0.007 N 
42 1 "C2'" D DG 20 ? ? "C1'" D DG 20 ? ? 1.586 1.519 0.067  0.010 N 
43 1 P     D DA 22 ? ? "O5'" D DA 22 ? ? 1.665 1.593 0.072  0.010 N 
44 1 "C4'" D DA 22 ? ? "C3'" D DA 22 ? ? 1.458 1.521 -0.063 0.010 N 
45 1 P     D DC 23 ? ? "O5'" D DC 23 ? ? 1.659 1.593 0.066  0.010 N 
46 1 "C5'" D DC 23 ? ? "C4'" D DC 23 ? ? 1.562 1.512 0.050  0.007 N 
47 1 "C2'" D DC 23 ? ? "C1'" D DC 23 ? ? 1.604 1.519 0.085  0.010 N 
48 1 "O3'" D DC 23 ? ? P     D DA 24 ? ? 1.695 1.607 0.088  0.012 Y 
# 
loop_
_pdbx_validate_rmsd_angle.id 
_pdbx_validate_rmsd_angle.PDB_model_num 
_pdbx_validate_rmsd_angle.auth_atom_id_1 
_pdbx_validate_rmsd_angle.auth_asym_id_1 
_pdbx_validate_rmsd_angle.auth_comp_id_1 
_pdbx_validate_rmsd_angle.auth_seq_id_1 
_pdbx_validate_rmsd_angle.PDB_ins_code_1 
_pdbx_validate_rmsd_angle.label_alt_id_1 
_pdbx_validate_rmsd_angle.auth_atom_id_2 
_pdbx_validate_rmsd_angle.auth_asym_id_2 
_pdbx_validate_rmsd_angle.auth_comp_id_2 
_pdbx_validate_rmsd_angle.auth_seq_id_2 
_pdbx_validate_rmsd_angle.PDB_ins_code_2 
_pdbx_validate_rmsd_angle.label_alt_id_2 
_pdbx_validate_rmsd_angle.auth_atom_id_3 
_pdbx_validate_rmsd_angle.auth_asym_id_3 
_pdbx_validate_rmsd_angle.auth_comp_id_3 
_pdbx_validate_rmsd_angle.auth_seq_id_3 
_pdbx_validate_rmsd_angle.PDB_ins_code_3 
_pdbx_validate_rmsd_angle.label_alt_id_3 
_pdbx_validate_rmsd_angle.angle_value 
_pdbx_validate_rmsd_angle.angle_target_value 
_pdbx_validate_rmsd_angle.angle_deviation 
_pdbx_validate_rmsd_angle.angle_standard_deviation 
_pdbx_validate_rmsd_angle.linker_flag 
1   1 "O5'" A DT 1  ? ? "C5'" A DT 1  ? ? "C4'" A DT 1  ? ? 103.75 109.40 -5.65  0.80 N 
2   1 "C4'" A DT 1  ? ? "C3'" A DT 1  ? ? "C2'" A DT 1  ? ? 111.82 103.10 8.72   0.90 N 
3   1 "O4'" A DT 1  ? ? "C1'" A DT 1  ? ? N1    A DT 1  ? ? 111.44 108.30 3.14   0.30 N 
4   1 N3    A DT 1  ? ? C4    A DT 1  ? ? O4    A DT 1  ? ? 127.05 119.90 7.15   0.60 N 
5   1 C5    A DT 1  ? ? C4    A DT 1  ? ? O4    A DT 1  ? ? 118.80 124.90 -6.10  0.70 N 
6   1 "O5'" A DG 2  ? ? "C5'" A DG 2  ? ? "C4'" A DG 2  ? ? 101.26 109.40 -8.14  0.80 N 
7   1 "C4'" A DG 2  ? ? "C3'" A DG 2  ? ? "C2'" A DG 2  ? ? 109.96 103.10 6.86   0.90 N 
8   1 "O4'" A DG 2  ? ? "C1'" A DG 2  ? ? N9    A DG 2  ? ? 111.15 108.30 2.85   0.30 N 
9   1 C5    A DG 2  ? ? C6    A DG 2  ? ? O6    A DG 2  ? ? 132.24 128.60 3.64   0.60 N 
10  1 "C3'" A DG 2  ? ? "O3'" A DG 2  ? ? P     A DT 3  ? ? 133.58 119.70 13.88  1.20 Y 
11  1 OP1   A DT 3  ? ? P     A DT 3  ? ? OP2   A DT 3  ? ? 135.59 119.60 15.99  1.50 N 
12  1 "O5'" A DT 3  ? ? "C5'" A DT 3  ? ? "C4'" A DT 3  ? ? 102.81 109.40 -6.59  0.80 N 
13  1 P     A DT 3  ? ? "O5'" A DT 3  ? ? "C5'" A DT 3  ? ? 107.44 120.90 -13.46 1.60 N 
14  1 "C4'" A DT 3  ? ? "C3'" A DT 3  ? ? "C2'" A DT 3  ? ? 111.25 103.10 8.15   0.90 N 
15  1 "O4'" A DT 3  ? ? "C1'" A DT 3  ? ? N1    A DT 3  ? ? 110.35 108.30 2.05   0.30 N 
16  1 "C3'" A DT 3  ? ? "O3'" A DT 3  ? ? P     A DA 4  ? ? 130.26 119.70 10.56  1.20 Y 
17  1 OP1   A DA 4  ? ? P     A DA 4  ? ? OP2   A DA 4  ? ? 135.92 119.60 16.32  1.50 N 
18  1 "O5'" A DA 4  ? ? "C5'" A DA 4  ? ? "C4'" A DA 4  ? ? 101.12 109.40 -8.28  0.80 N 
19  1 "C4'" A DA 4  ? ? "C3'" A DA 4  ? ? "C2'" A DA 4  ? ? 110.09 103.10 6.99   0.90 N 
20  1 "C3'" A DA 4  ? ? "O3'" A DA 4  ? ? P     A DC 5  ? ? 130.79 119.70 11.09  1.20 Y 
21  1 OP1   A DC 5  ? ? P     A DC 5  ? ? OP2   A DC 5  ? ? 140.01 119.60 20.41  1.50 N 
22  1 "O5'" A DC 5  ? ? "C5'" A DC 5  ? ? "C4'" A DC 5  ? ? 101.71 109.40 -7.69  0.80 N 
23  1 "C4'" A DC 5  ? ? "C3'" A DC 5  ? ? "C2'" A DC 5  ? ? 108.87 103.10 5.77   0.90 N 
24  1 "O4'" A DC 5  ? ? "C1'" A DC 5  ? ? N1    A DC 5  ? ? 115.34 108.30 7.04   0.30 N 
25  1 C6    A DC 5  ? ? N1    A DC 5  ? ? C2    A DC 5  ? ? 122.70 120.30 2.40   0.40 N 
26  1 C2    A DC 5  ? ? N3    A DC 5  ? ? C4    A DC 5  ? ? 114.63 119.90 -5.27  0.50 N 
27  1 N3    A DC 5  ? ? C4    A DC 5  ? ? C5    A DC 5  ? ? 126.56 121.90 4.66   0.40 N 
28  1 "O5'" A DA 6  ? ? "C5'" A DA 6  ? ? "C4'" A DA 6  ? ? 102.54 109.40 -6.86  0.80 N 
29  1 "C4'" A DA 6  ? ? "C3'" A DA 6  ? ? "C2'" A DA 6  ? ? 110.40 103.10 7.30   0.90 N 
30  1 N1    A DA 6  ? ? C2    A DA 6  ? ? N3    A DA 6  ? ? 125.22 129.30 -4.08  0.50 N 
31  1 C2    A DA 6  ? ? N3    A DA 6  ? ? C4    A DA 6  ? ? 115.80 110.60 5.20   0.50 N 
32  1 N9    A DA 6  ? ? C4    A DA 6  ? ? C5    A DA 6  ? ? 102.84 105.80 -2.96  0.40 N 
33  1 N3    A DA 6  ? ? C4    A DA 6  ? ? N9    A DA 6  ? ? 132.78 127.40 5.38   0.80 N 
34  1 C5    A DA 6  ? ? C6    A DA 6  ? ? N6    A DA 6  ? ? 117.86 123.70 -5.84  0.80 N 
35  1 "O5'" B DT 7  ? ? "C5'" B DT 7  ? ? "C4'" B DT 7  ? ? 102.73 109.40 -6.67  0.80 N 
36  1 "O4'" B DT 7  ? ? "C4'" B DT 7  ? ? "C3'" B DT 7  ? ? 101.97 104.50 -2.53  0.40 N 
37  1 "C4'" B DT 7  ? ? "C3'" B DT 7  ? ? "C2'" B DT 7  ? ? 108.57 103.10 5.47   0.90 N 
38  1 C2    B DT 7  ? ? N3    B DT 7  ? ? C4    B DT 7  ? ? 122.17 127.20 -5.03  0.60 N 
39  1 C5    B DT 7  ? ? C6    B DT 7  ? ? N1    B DT 7  ? ? 119.05 123.70 -4.65  0.60 N 
40  1 "C3'" B DT 7  ? ? "O3'" B DT 7  ? ? P     B DG 8  ? ? 134.30 119.70 14.60  1.20 Y 
41  1 OP1   B DG 8  ? ? P     B DG 8  ? ? OP2   B DG 8  ? ? 130.36 119.60 10.76  1.50 N 
42  1 "O5'" B DG 8  ? ? "C5'" B DG 8  ? ? "C4'" B DG 8  ? ? 102.22 109.40 -7.18  0.80 N 
43  1 "C4'" B DG 8  ? ? "C3'" B DG 8  ? ? "C2'" B DG 8  ? ? 110.37 103.10 7.27   0.90 N 
44  1 "O4'" B DG 8  ? ? "C1'" B DG 8  ? ? N9    B DG 8  ? ? 111.62 108.30 3.32   0.30 N 
45  1 C6    B DG 8  ? ? N1    B DG 8  ? ? C2    B DG 8  ? ? 119.02 125.10 -6.08  0.60 N 
46  1 C5    B DG 8  ? ? C6    B DG 8  ? ? N1    B DG 8  ? ? 115.56 111.50 4.06   0.50 N 
47  1 N1    B DG 8  ? ? C2    B DG 8  ? ? N2    B DG 8  ? ? 109.73 116.20 -6.47  0.90 N 
48  1 N1    B DG 8  ? ? C6    B DG 8  ? ? O6    B DG 8  ? ? 114.04 119.90 -5.86  0.60 N 
49  1 "C3'" B DG 8  ? ? "O3'" B DG 8  ? ? P     B DT 9  ? ? 134.40 119.70 14.70  1.20 Y 
50  1 OP1   B DT 9  ? ? P     B DT 9  ? ? OP2   B DT 9  ? ? 131.16 119.60 11.56  1.50 N 
51  1 "O5'" B DT 9  ? ? "C5'" B DT 9  ? ? "C4'" B DT 9  ? ? 100.40 109.40 -9.00  0.80 N 
52  1 "C4'" B DT 9  ? ? "C3'" B DT 9  ? ? "C2'" B DT 9  ? ? 110.04 103.10 6.94   0.90 N 
53  1 "O4'" B DT 9  ? ? "C1'" B DT 9  ? ? N1    B DT 9  ? ? 110.76 108.30 2.46   0.30 N 
54  1 "C3'" B DT 9  ? ? "O3'" B DT 9  ? ? P     B DA 10 ? ? 129.81 119.70 10.11  1.20 Y 
55  1 OP1   B DA 10 ? ? P     B DA 10 ? ? OP2   B DA 10 ? ? 137.96 119.60 18.36  1.50 N 
56  1 "O5'" B DA 10 ? ? "C5'" B DA 10 ? ? "C4'" B DA 10 ? ? 101.70 109.40 -7.70  0.80 N 
57  1 "C4'" B DA 10 ? ? "C3'" B DA 10 ? ? "C2'" B DA 10 ? ? 110.01 103.10 6.91   0.90 N 
58  1 C6    B DA 10 ? ? N1    B DA 10 ? ? C2    B DA 10 ? ? 122.63 118.60 4.03   0.60 N 
59  1 OP1   B DC 11 ? ? P     B DC 11 ? ? OP2   B DC 11 ? ? 145.18 119.60 25.58  1.50 N 
60  1 "O5'" B DC 11 ? ? "C5'" B DC 11 ? ? "C4'" B DC 11 ? ? 100.59 109.40 -8.81  0.80 N 
61  1 "C4'" B DC 11 ? ? "C3'" B DC 11 ? ? "C2'" B DC 11 ? ? 110.18 103.10 7.08   0.90 N 
62  1 "O4'" B DC 11 ? ? "C1'" B DC 11 ? ? N1    B DC 11 ? ? 116.63 108.30 8.33   0.30 N 
63  1 N3    B DC 11 ? ? C4    B DC 11 ? ? N4    B DC 11 ? ? 122.38 118.00 4.38   0.70 N 
64  1 C5    B DC 11 ? ? C4    B DC 11 ? ? N4    B DC 11 ? ? 115.66 120.20 -4.54  0.70 N 
65  1 "C4'" B DA 12 ? ? "C3'" B DA 12 ? ? "C2'" B DA 12 ? ? 109.10 103.10 6.00   0.90 N 
66  1 C6    B DA 12 ? ? N1    B DA 12 ? ? C2    B DA 12 ? ? 122.50 118.60 3.90   0.60 N 
67  1 C2    B DA 12 ? ? N3    B DA 12 ? ? C4    B DA 12 ? ? 104.82 110.60 -5.78  0.50 N 
68  1 C4    B DA 12 ? ? C5    B DA 12 ? ? C6    B DA 12 ? ? 121.20 117.00 4.20   0.50 N 
69  1 C5    B DA 12 ? ? C6    B DA 12 ? ? N1    B DA 12 ? ? 111.68 117.70 -6.02  0.50 N 
70  1 C6    B DA 12 ? ? C5    B DA 12 ? ? N7    B DA 12 ? ? 127.55 132.30 -4.75  0.70 N 
71  1 "O5'" C DT 13 ? ? "C5'" C DT 13 ? ? "C4'" C DT 13 ? ? 104.07 109.40 -5.33  0.80 N 
72  1 "C4'" C DT 13 ? ? "C3'" C DT 13 ? ? "C2'" C DT 13 ? ? 109.91 103.10 6.81   0.90 N 
73  1 "O4'" C DT 13 ? ? "C1'" C DT 13 ? ? N1    C DT 13 ? ? 112.10 108.30 3.80   0.30 N 
74  1 OP1   C DG 14 ? ? P     C DG 14 ? ? OP2   C DG 14 ? ? 130.41 119.60 10.81  1.50 N 
75  1 "O5'" C DG 14 ? ? "C5'" C DG 14 ? ? "C4'" C DG 14 ? ? 101.98 109.40 -7.42  0.80 N 
76  1 "C4'" C DG 14 ? ? "C3'" C DG 14 ? ? "C2'" C DG 14 ? ? 109.81 103.10 6.71   0.90 N 
77  1 "O4'" C DG 14 ? ? "C1'" C DG 14 ? ? N9    C DG 14 ? ? 111.62 108.30 3.32   0.30 N 
78  1 "C3'" C DG 14 ? ? "O3'" C DG 14 ? ? P     C DT 15 ? ? 134.87 119.70 15.17  1.20 Y 
79  1 OP1   C DT 15 ? ? P     C DT 15 ? ? OP2   C DT 15 ? ? 136.54 119.60 16.94  1.50 N 
80  1 "O5'" C DT 15 ? ? "C5'" C DT 15 ? ? "C4'" C DT 15 ? ? 100.52 109.40 -8.88  0.80 N 
81  1 "C4'" C DT 15 ? ? "C3'" C DT 15 ? ? "C2'" C DT 15 ? ? 110.45 103.10 7.35   0.90 N 
82  1 "C3'" C DT 15 ? ? "O3'" C DT 15 ? ? P     C DA 16 ? ? 133.13 119.70 13.43  1.20 Y 
83  1 OP1   C DA 16 ? ? P     C DA 16 ? ? OP2   C DA 16 ? ? 137.52 119.60 17.92  1.50 N 
84  1 "O5'" C DA 16 ? ? "C5'" C DA 16 ? ? "C4'" C DA 16 ? ? 98.06  109.40 -11.34 0.80 N 
85  1 "C4'" C DA 16 ? ? "C3'" C DA 16 ? ? "C2'" C DA 16 ? ? 110.56 103.10 7.46   0.90 N 
86  1 N1    C DA 16 ? ? C2    C DA 16 ? ? N3    C DA 16 ? ? 125.76 129.30 -3.54  0.50 N 
87  1 OP1   C DC 17 ? ? P     C DC 17 ? ? OP2   C DC 17 ? ? 146.26 119.60 26.66  1.50 N 
88  1 "O5'" C DC 17 ? ? "C5'" C DC 17 ? ? "C4'" C DC 17 ? ? 101.63 109.40 -7.77  0.80 N 
89  1 "C4'" C DC 17 ? ? "C3'" C DC 17 ? ? "C2'" C DC 17 ? ? 109.67 103.10 6.57   0.90 N 
90  1 "O4'" C DC 17 ? ? "C1'" C DC 17 ? ? N1    C DC 17 ? ? 116.53 108.30 8.23   0.30 N 
91  1 C2    C DC 17 ? ? N3    C DC 17 ? ? C4    C DC 17 ? ? 123.37 119.90 3.47   0.50 N 
92  1 "O5'" C DA 18 ? ? "C5'" C DA 18 ? ? "C4'" C DA 18 ? ? 101.81 109.40 -7.59  0.80 N 
93  1 "C4'" C DA 18 ? ? "C3'" C DA 18 ? ? "C2'" C DA 18 ? ? 109.37 103.10 6.27   0.90 N 
94  1 C2    C DA 18 ? ? N3    C DA 18 ? ? C4    C DA 18 ? ? 107.40 110.60 -3.20  0.50 N 
95  1 "O5'" D DT 19 ? ? "C5'" D DT 19 ? ? "C4'" D DT 19 ? ? 104.01 109.40 -5.39  0.80 N 
96  1 "C4'" D DT 19 ? ? "C3'" D DT 19 ? ? "C2'" D DT 19 ? ? 111.00 103.10 7.90   0.90 N 
97  1 "O4'" D DT 19 ? ? "C1'" D DT 19 ? ? N1    D DT 19 ? ? 113.96 108.30 5.66   0.30 N 
98  1 N1    D DT 19 ? ? C2    D DT 19 ? ? O2    D DT 19 ? ? 117.99 123.10 -5.11  0.80 N 
99  1 N3    D DT 19 ? ? C2    D DT 19 ? ? O2    D DT 19 ? ? 126.80 122.30 4.50   0.60 N 
100 1 OP1   D DG 20 ? ? P     D DG 20 ? ? OP2   D DG 20 ? ? 140.82 119.60 21.22  1.50 N 
101 1 "O5'" D DG 20 ? ? "C5'" D DG 20 ? ? "C4'" D DG 20 ? ? 99.77  109.40 -9.63  0.80 N 
102 1 "C4'" D DG 20 ? ? "C3'" D DG 20 ? ? "C2'" D DG 20 ? ? 110.36 103.10 7.26   0.90 N 
103 1 "O4'" D DG 20 ? ? "C1'" D DG 20 ? ? N9    D DG 20 ? ? 110.89 108.30 2.59   0.30 N 
104 1 C2    D DG 20 ? ? N3    D DG 20 ? ? C4    D DG 20 ? ? 106.62 111.90 -5.28  0.50 N 
105 1 C5    D DG 20 ? ? C6    D DG 20 ? ? N1    D DG 20 ? ? 107.83 111.50 -3.67  0.50 N 
106 1 N7    D DG 20 ? ? C8    D DG 20 ? ? N9    D DG 20 ? ? 117.11 113.10 4.01   0.50 N 
107 1 C8    D DG 20 ? ? N9    D DG 20 ? ? C4    D DG 20 ? ? 103.13 106.40 -3.27  0.40 N 
108 1 "C3'" D DG 20 ? ? "O3'" D DG 20 ? ? P     D DT 21 ? ? 130.65 119.70 10.95  1.20 Y 
109 1 OP1   D DT 21 ? ? P     D DT 21 ? ? OP2   D DT 21 ? ? 134.18 119.60 14.58  1.50 N 
110 1 "O5'" D DT 21 ? ? "C5'" D DT 21 ? ? "C4'" D DT 21 ? ? 104.06 109.40 -5.34  0.80 N 
111 1 "C4'" D DT 21 ? ? "C3'" D DT 21 ? ? "C2'" D DT 21 ? ? 110.35 103.10 7.25   0.90 N 
112 1 "O4'" D DT 21 ? ? "C1'" D DT 21 ? ? N1    D DT 21 ? ? 110.59 108.30 2.29   0.30 N 
113 1 OP1   D DA 22 ? ? P     D DA 22 ? ? OP2   D DA 22 ? ? 137.52 119.60 17.92  1.50 N 
114 1 "O5'" D DA 22 ? ? "C5'" D DA 22 ? ? "C4'" D DA 22 ? ? 103.35 109.40 -6.05  0.80 N 
115 1 OP1   D DC 23 ? ? P     D DC 23 ? ? OP2   D DC 23 ? ? 144.77 119.60 25.17  1.50 N 
116 1 "O5'" D DC 23 ? ? "C5'" D DC 23 ? ? "C4'" D DC 23 ? ? 100.68 109.40 -8.72  0.80 N 
117 1 "O4'" D DC 23 ? ? "C1'" D DC 23 ? ? N1    D DC 23 ? ? 118.34 108.30 10.04  0.30 N 
118 1 N1    D DC 23 ? ? C2    D DC 23 ? ? O2    D DC 23 ? ? 125.37 118.90 6.47   0.60 N 
119 1 N3    D DC 23 ? ? C2    D DC 23 ? ? O2    D DC 23 ? ? 116.97 121.90 -4.93  0.70 N 
120 1 OP1   D DA 24 ? ? P     D DA 24 ? ? OP2   D DA 24 ? ? 137.02 119.60 17.42  1.50 N 
121 1 "C4'" D DA 24 ? ? "C3'" D DA 24 ? ? "C2'" D DA 24 ? ? 108.83 103.10 5.73   0.90 N 
122 1 N1    D DA 24 ? ? C2    D DA 24 ? ? N3    D DA 24 ? ? 125.01 129.30 -4.29  0.50 N 
# 
_pdbx_validate_chiral.id              1 
_pdbx_validate_chiral.PDB_model_num   1 
_pdbx_validate_chiral.auth_atom_id    C9 
_pdbx_validate_chiral.label_alt_id    ? 
_pdbx_validate_chiral.auth_asym_id    C 
_pdbx_validate_chiral.auth_comp_id    NGM 
_pdbx_validate_chiral.auth_seq_id     28 
_pdbx_validate_chiral.PDB_ins_code    ? 
_pdbx_validate_chiral.details         'WRONG HAND' 
_pdbx_validate_chiral.omega           . 
# 
loop_
_ndb_struct_conf_na.entry_id 
_ndb_struct_conf_na.feature 
258D 'double helix'        
258D 'b-form double helix' 
# 
loop_
_ndb_struct_na_base_pair.model_number 
_ndb_struct_na_base_pair.i_label_asym_id 
_ndb_struct_na_base_pair.i_label_comp_id 
_ndb_struct_na_base_pair.i_label_seq_id 
_ndb_struct_na_base_pair.i_symmetry 
_ndb_struct_na_base_pair.j_label_asym_id 
_ndb_struct_na_base_pair.j_label_comp_id 
_ndb_struct_na_base_pair.j_label_seq_id 
_ndb_struct_na_base_pair.j_symmetry 
_ndb_struct_na_base_pair.shear 
_ndb_struct_na_base_pair.stretch 
_ndb_struct_na_base_pair.stagger 
_ndb_struct_na_base_pair.buckle 
_ndb_struct_na_base_pair.propeller 
_ndb_struct_na_base_pair.opening 
_ndb_struct_na_base_pair.pair_number 
_ndb_struct_na_base_pair.pair_name 
_ndb_struct_na_base_pair.i_auth_asym_id 
_ndb_struct_na_base_pair.i_auth_seq_id 
_ndb_struct_na_base_pair.i_PDB_ins_code 
_ndb_struct_na_base_pair.j_auth_asym_id 
_ndb_struct_na_base_pair.j_auth_seq_id 
_ndb_struct_na_base_pair.j_PDB_ins_code 
_ndb_struct_na_base_pair.hbond_type_28 
_ndb_struct_na_base_pair.hbond_type_12 
1 A DT 1 1_555 B DA 6 1_555 -0.117 -0.087 -0.200 14.235  2.794  -2.121 1  A_DT1:DA12_B  A 1  ? B 12 ? 20 1 
1 A DG 2 1_555 B DC 5 1_555 -0.184 -0.067 -0.533 -26.477 6.742  -0.258 2  A_DG2:DC11_B  A 2  ? B 11 ? 19 1 
1 A DT 3 1_555 B DA 4 1_555 -0.023 -0.092 0.222  -4.181  2.292  3.166  3  A_DT3:DA10_B  A 3  ? B 10 ? 20 1 
1 A DA 4 1_555 B DT 3 1_555 0.048  -0.117 0.101  0.765   1.331  1.413  4  A_DA4:DT9_B   A 4  ? B 9  ? 20 1 
1 A DC 5 1_555 B DG 2 1_555 0.290  -0.068 -0.328 23.313  4.880  0.502  5  A_DC5:DG8_B   A 5  ? B 8  ? 19 1 
1 A DA 6 1_555 B DT 1 1_555 -0.203 -0.120 -0.042 -11.202 -0.667 1.670  6  A_DA6:DT7_B   A 6  ? B 7  ? 20 1 
1 C DT 1 1_555 D DA 6 1_555 -0.115 -0.046 -0.101 16.431  3.961  -2.891 7  C_DT13:DA24_D C 13 ? D 24 ? 20 1 
1 C DG 2 1_555 D DC 5 1_555 -0.338 -0.081 -0.554 -26.328 8.544  0.277  8  C_DG14:DC23_D C 14 ? D 23 ? 19 1 
1 C DT 3 1_555 D DA 4 1_555 0.000  -0.101 0.078  0.438   3.632  4.658  9  C_DT15:DA22_D C 15 ? D 22 ? 20 1 
1 C DA 4 1_555 D DT 3 1_555 0.062  -0.164 0.022  3.075   5.362  1.546  10 C_DA16:DT21_D C 16 ? D 21 ? 20 1 
1 C DC 5 1_555 D DG 2 1_555 0.260  -0.061 -0.383 25.099  7.588  -0.280 11 C_DC17:DG20_D C 17 ? D 20 ? 19 1 
1 C DA 6 1_555 D DT 1 1_555 0.164  -0.147 -0.189 -17.808 2.646  -2.672 12 C_DA18:DT19_D C 18 ? D 19 ? 20 1 
# 
loop_
_ndb_struct_na_base_pair_step.model_number 
_ndb_struct_na_base_pair_step.i_label_asym_id_1 
_ndb_struct_na_base_pair_step.i_label_comp_id_1 
_ndb_struct_na_base_pair_step.i_label_seq_id_1 
_ndb_struct_na_base_pair_step.i_symmetry_1 
_ndb_struct_na_base_pair_step.j_label_asym_id_1 
_ndb_struct_na_base_pair_step.j_label_comp_id_1 
_ndb_struct_na_base_pair_step.j_label_seq_id_1 
_ndb_struct_na_base_pair_step.j_symmetry_1 
_ndb_struct_na_base_pair_step.i_label_asym_id_2 
_ndb_struct_na_base_pair_step.i_label_comp_id_2 
_ndb_struct_na_base_pair_step.i_label_seq_id_2 
_ndb_struct_na_base_pair_step.i_symmetry_2 
_ndb_struct_na_base_pair_step.j_label_asym_id_2 
_ndb_struct_na_base_pair_step.j_label_comp_id_2 
_ndb_struct_na_base_pair_step.j_label_seq_id_2 
_ndb_struct_na_base_pair_step.j_symmetry_2 
_ndb_struct_na_base_pair_step.shift 
_ndb_struct_na_base_pair_step.slide 
_ndb_struct_na_base_pair_step.rise 
_ndb_struct_na_base_pair_step.tilt 
_ndb_struct_na_base_pair_step.roll 
_ndb_struct_na_base_pair_step.twist 
_ndb_struct_na_base_pair_step.x_displacement 
_ndb_struct_na_base_pair_step.y_displacement 
_ndb_struct_na_base_pair_step.helical_rise 
_ndb_struct_na_base_pair_step.inclination 
_ndb_struct_na_base_pair_step.tip 
_ndb_struct_na_base_pair_step.helical_twist 
_ndb_struct_na_base_pair_step.step_number 
_ndb_struct_na_base_pair_step.step_name 
_ndb_struct_na_base_pair_step.i_auth_asym_id_1 
_ndb_struct_na_base_pair_step.i_auth_seq_id_1 
_ndb_struct_na_base_pair_step.i_PDB_ins_code_1 
_ndb_struct_na_base_pair_step.j_auth_asym_id_1 
_ndb_struct_na_base_pair_step.j_auth_seq_id_1 
_ndb_struct_na_base_pair_step.j_PDB_ins_code_1 
_ndb_struct_na_base_pair_step.i_auth_asym_id_2 
_ndb_struct_na_base_pair_step.i_auth_seq_id_2 
_ndb_struct_na_base_pair_step.i_PDB_ins_code_2 
_ndb_struct_na_base_pair_step.j_auth_asym_id_2 
_ndb_struct_na_base_pair_step.j_auth_seq_id_2 
_ndb_struct_na_base_pair_step.j_PDB_ins_code_2 
1 A DT 1 1_555 B DA 6 1_555 A DG 2 1_555 B DC 5 1_555 1.051  0.435  7.269 10.405  1.038  37.083 0.368  1.340  7.301 1.594  -15.974 
38.479 1  AA_DT1DG2:DC11DA12_BB   A 1  ? B 12 ? A 2  ? B 11 ? 
1 A DG 2 1_555 B DC 5 1_555 A DT 3 1_555 B DA 4 1_555 -0.259 -0.243 2.949 -5.781  3.505  26.210 -1.325 -0.775 2.882 7.569  12.486  
27.053 2  AA_DG2DT3:DA10DC11_BB   A 2  ? B 11 ? A 3  ? B 10 ? 
1 A DT 3 1_555 B DA 4 1_555 A DA 4 1_555 B DT 3 1_555 -0.028 -0.701 3.218 1.127   -4.548 36.163 -0.492 0.200  3.276 -7.289 -1.805  
36.455 3  AA_DT3DA4:DT9DA10_BB    A 3  ? B 10 ? A 4  ? B 9  ? 
1 A DA 4 1_555 B DT 3 1_555 A DC 5 1_555 B DG 2 1_555 0.157  -0.277 2.992 2.994   4.497  26.201 -1.663 0.368  2.904 9.788  -6.516  
26.743 4  AA_DA4DC5:DG8DT9_BB     A 4  ? B 9  ? A 5  ? B 8  ? 
1 A DC 5 1_555 B DG 2 1_555 A DA 6 1_555 B DT 1 1_555 -1.398 0.293  7.034 -12.131 -0.873 31.965 0.808  -1.910 7.074 -1.518 21.098  
34.144 5  AA_DC5DA6:DT7DG8_BB     A 5  ? B 8  ? A 6  ? B 7  ? 
1 C DT 1 1_555 D DA 6 1_555 C DG 2 1_555 D DC 5 1_555 1.154  0.195  7.267 10.044  -1.274 34.695 0.724  1.369  7.298 -2.083 -16.415 
36.098 6  CC_DT13DG14:DC23DA24_DD C 13 ? D 24 ? C 14 ? D 23 ? 
1 C DG 2 1_555 D DC 5 1_555 C DT 3 1_555 D DA 4 1_555 -0.296 -0.262 2.869 -5.829  7.142  26.259 -2.051 -0.613 2.707 15.140 12.355  
27.804 7  CC_DG14DT15:DA22DC23_DD C 14 ? D 23 ? C 15 ? D 22 ? 
1 C DT 3 1_555 D DA 4 1_555 C DA 4 1_555 D DT 3 1_555 -0.078 -0.668 3.151 0.435   -0.308 37.607 -0.998 0.175  3.155 -0.478 -0.675  
37.611 8  CC_DT15DA16:DT21DA22_DD C 15 ? D 22 ? C 16 ? D 21 ? 
1 C DA 4 1_555 D DT 3 1_555 C DC 5 1_555 D DG 2 1_555 0.416  -0.303 2.981 3.791   5.645  26.415 -1.929 -0.018 2.885 12.101 -8.126  
27.261 9  CC_DA16DC17:DG20DT21_DD C 16 ? D 21 ? C 17 ? D 20 ? 
1 C DC 5 1_555 D DG 2 1_555 C DA 6 1_555 D DT 1 1_555 -1.122 0.309  7.326 -6.383  -3.616 35.955 1.614  -0.198 7.347 -5.784 10.210  
36.671 10 CC_DC17DA18:DT19DG20_DD C 17 ? D 20 ? C 18 ? D 19 ? 
# 
loop_
_pdbx_entity_nonpoly.entity_id 
_pdbx_entity_nonpoly.name 
_pdbx_entity_nonpoly.comp_id 
2 NOGALAMYCIN   NGM 
3 SPERMINE      SPM 
4 'SODIUM ION'  NA  
5 'ACETATE ION' ACT 
6 water         HOH 
# 
_pdbx_initial_refinement_model.id               1 
_pdbx_initial_refinement_model.entity_id_list   ? 
_pdbx_initial_refinement_model.type             'experimental model' 
_pdbx_initial_refinement_model.source_name      PDB 
_pdbx_initial_refinement_model.accession_code   182D 
_pdbx_initial_refinement_model.details          'NDB ENTRY DDF049 (PDB: 182D)' 
# 
